data_1O9L
#
_entry.id   1O9L
#
_cell.length_a   74.800
_cell.length_b   133.800
_cell.length_c   101.900
_cell.angle_alpha   90.00
_cell.angle_beta   104.40
_cell.angle_gamma   90.00
#
_symmetry.space_group_name_H-M   'P 1 21 1'
#
loop_
_entity.id
_entity.type
_entity.pdbx_description
1 polymer 'SUCCINYL-COA\:3-KETOACID-COENZYME A TRANSFERASE'
2 non-polymer 'ETHYL MERCURY ION'
3 non-polymer '2-(ETHYLMERCURI-THIO)-BENZOIC ACID'
4 water water
#
_entity_poly.entity_id   1
_entity_poly.type   'polypeptide(L)'
_entity_poly.pdbx_seq_one_letter_code
;TKFYTDAVEAVKDIPNGATVLVGGFGLCGIPENLIGALLKTGVKELTAVSNNAGVDNFGLGLLLQSKQIKRMISSYVGEN
AEFERQYLAGELEVELTPQGTLAERIRAGGAGVPAFYTSTGYGTLVQEGGSPIKYNKDGSIAIASKPREVREFNGQHFIL
EEAIRGDFALVKAWKADQAGNVTFRKSARNFNLPMCKAAETTVVEVEEIVDIGSFAPEDIHIPKIYVHRLVKGEKYEKRI
ERLSVRKEEDVKTRSGKLGDNVRERIIKRAALEFEDGMYANLGIGIPLLASNFISPNMTVHLQSENGILGLGPYPLQNEV
DADLINAGKETVTVLPGASYFSSDESFAMIRGGHVNLTMLGAMQVSKYGDLANWMIPGKLVKGMGGAMDLVSSAKTKVVV
TMEHSAKGNAHKIMEKCTLPLTGKQCVNRIITEKAVFDVDRKKGLTLIELWEGLTVDDIKKSTGCDFAVSPKLIPMQQVT
T
;
_entity_poly.pdbx_strand_id   A,B,C,D
#
loop_
_chem_comp.id
_chem_comp.type
_chem_comp.name
_chem_comp.formula
EMC non-polymer 'ETHYL MERCURY ION' 'C2 H5 Hg 1'
EMT non-polymer '2-(ETHYLMERCURI-THIO)-BENZOIC ACID' 'C9 H10 Hg O2 S'
#
# COMPACT_ATOMS: atom_id res chain seq x y z
N THR A 1 2.90 17.41 49.96
CA THR A 1 4.09 16.55 50.17
C THR A 1 4.59 16.61 51.62
N LYS A 2 5.02 15.47 52.13
CA LYS A 2 5.51 15.39 53.49
C LYS A 2 7.03 15.28 53.51
N PHE A 3 7.66 16.17 54.27
CA PHE A 3 9.11 16.19 54.37
C PHE A 3 9.61 15.28 55.50
N TYR A 4 10.71 14.58 55.21
CA TYR A 4 11.31 13.69 56.19
C TYR A 4 12.76 14.12 56.41
N THR A 5 13.23 13.99 57.64
CA THR A 5 14.60 14.36 57.96
C THR A 5 15.42 13.09 57.88
N ASP A 6 14.75 11.95 58.00
CA ASP A 6 15.41 10.66 57.96
C ASP A 6 14.94 9.82 56.77
N ALA A 7 15.89 9.46 55.91
CA ALA A 7 15.61 8.66 54.72
C ALA A 7 14.99 7.29 55.01
N VAL A 8 15.49 6.59 56.02
CA VAL A 8 14.94 5.28 56.33
C VAL A 8 13.49 5.41 56.76
N GLU A 9 13.13 6.49 57.42
CA GLU A 9 11.74 6.68 57.83
C GLU A 9 10.81 6.91 56.64
N ALA A 10 11.36 7.43 55.55
CA ALA A 10 10.59 7.70 54.36
C ALA A 10 10.27 6.45 53.53
N VAL A 11 11.10 5.41 53.68
CA VAL A 11 10.90 4.17 52.93
C VAL A 11 10.62 2.97 53.84
N LYS A 12 10.46 3.25 55.12
CA LYS A 12 10.23 2.21 56.12
C LYS A 12 9.06 1.28 55.85
N ASP A 13 8.01 1.79 55.23
CA ASP A 13 6.81 0.99 54.96
C ASP A 13 6.73 0.21 53.67
N ILE A 14 7.84 0.16 52.91
CA ILE A 14 7.84 -0.60 51.66
C ILE A 14 7.78 -2.10 52.02
N PRO A 15 6.72 -2.80 51.56
CA PRO A 15 6.50 -4.24 51.81
C PRO A 15 7.41 -5.12 50.97
N ASN A 16 7.69 -6.32 51.45
CA ASN A 16 8.52 -7.24 50.68
C ASN A 16 7.71 -7.59 49.43
N GLY A 17 8.39 -7.80 48.30
CA GLY A 17 7.70 -8.14 47.07
C GLY A 17 7.13 -6.97 46.29
N ALA A 18 7.20 -5.76 46.86
CA ALA A 18 6.68 -4.57 46.19
C ALA A 18 7.48 -4.27 44.94
N THR A 19 6.85 -3.63 43.97
CA THR A 19 7.61 -3.26 42.78
C THR A 19 7.95 -1.80 43.04
N VAL A 20 9.22 -1.47 42.85
CA VAL A 20 9.74 -0.15 43.12
C VAL A 20 10.41 0.46 41.89
N LEU A 21 10.05 1.69 41.55
CA LEU A 21 10.65 2.35 40.40
C LEU A 21 11.86 3.07 40.98
N VAL A 22 13.01 2.90 40.34
CA VAL A 22 14.25 3.52 40.80
C VAL A 22 14.82 4.36 39.66
N GLY A 23 14.93 5.66 39.89
CA GLY A 23 15.42 6.54 38.83
C GLY A 23 16.89 6.35 38.56
N GLY A 24 17.36 6.98 37.48
CA GLY A 24 18.77 6.92 37.12
C GLY A 24 19.08 6.34 35.75
N PHE A 25 20.21 6.77 35.21
CA PHE A 25 20.70 6.30 33.92
C PHE A 25 22.18 6.04 34.19
N GLY A 26 22.58 4.79 34.21
CA GLY A 26 23.97 4.48 34.54
C GLY A 26 24.11 4.88 36.00
N LEU A 27 25.05 5.76 36.31
CA LEU A 27 25.22 6.20 37.70
C LEU A 27 24.79 7.67 37.80
N CYS A 28 24.13 8.16 36.75
CA CYS A 28 23.68 9.54 36.68
C CYS A 28 22.24 9.71 37.16
N GLY A 29 22.07 10.46 38.24
CA GLY A 29 20.74 10.70 38.79
C GLY A 29 20.18 9.55 39.59
N ILE A 30 21.03 8.78 40.26
CA ILE A 30 20.54 7.68 41.08
C ILE A 30 20.29 8.15 42.51
N PRO A 31 19.20 7.68 43.13
CA PRO A 31 18.84 8.04 44.51
C PRO A 31 19.70 7.29 45.55
N GLU A 32 20.97 7.66 45.64
CA GLU A 32 21.94 7.08 46.57
C GLU A 32 21.43 6.84 47.98
N ASN A 33 20.93 7.90 48.59
CA ASN A 33 20.44 7.84 49.96
C ASN A 33 19.21 6.96 50.16
N LEU A 34 18.31 6.93 49.18
CA LEU A 34 17.12 6.10 49.31
C LEU A 34 17.53 4.64 49.13
N ILE A 35 18.50 4.39 48.25
CA ILE A 35 18.95 3.03 48.06
C ILE A 35 19.65 2.59 49.35
N GLY A 36 20.46 3.50 49.91
CA GLY A 36 21.13 3.20 51.15
C GLY A 36 20.12 2.90 52.24
N ALA A 37 18.98 3.57 52.18
CA ALA A 37 17.94 3.36 53.18
C ALA A 37 17.33 1.97 53.03
N LEU A 38 17.18 1.50 51.80
CA LEU A 38 16.62 0.17 51.58
C LEU A 38 17.56 -0.88 52.14
N LEU A 39 18.86 -0.62 52.08
CA LEU A 39 19.83 -1.55 52.62
C LEU A 39 19.60 -1.68 54.12
N LYS A 40 19.21 -0.59 54.76
CA LYS A 40 18.95 -0.57 56.19
C LYS A 40 17.71 -1.37 56.59
N THR A 41 16.60 -1.14 55.89
CA THR A 41 15.37 -1.86 56.19
C THR A 41 15.44 -3.31 55.77
N GLY A 42 16.23 -3.59 54.75
CA GLY A 42 16.36 -4.96 54.27
C GLY A 42 15.16 -5.53 53.52
N VAL A 43 14.25 -4.67 53.03
CA VAL A 43 13.10 -5.18 52.29
C VAL A 43 13.61 -6.06 51.16
N LYS A 44 12.89 -7.13 50.87
CA LYS A 44 13.33 -8.06 49.84
C LYS A 44 12.23 -8.50 48.89
N GLU A 45 12.61 -9.35 47.95
CA GLU A 45 11.70 -9.88 46.95
C GLU A 45 11.12 -8.73 46.10
N LEU A 46 11.93 -7.69 45.95
CA LEU A 46 11.51 -6.51 45.21
C LEU A 46 11.56 -6.66 43.70
N THR A 47 10.59 -6.06 43.03
CA THR A 47 10.59 -6.04 41.57
C THR A 47 11.03 -4.62 41.30
N ALA A 48 12.29 -4.46 40.91
CA ALA A 48 12.82 -3.14 40.65
C ALA A 48 12.75 -2.75 39.18
N VAL A 49 12.09 -1.63 38.90
CA VAL A 49 11.99 -1.10 37.55
C VAL A 49 13.07 -0.01 37.53
N SER A 50 14.19 -0.33 36.87
CA SER A 50 15.32 0.57 36.80
C SER A 50 15.93 0.42 35.43
N ASN A 51 16.21 1.53 34.76
CA ASN A 51 16.78 1.45 33.41
C ASN A 51 18.02 0.55 33.34
N ASN A 52 18.90 0.69 34.34
CA ASN A 52 20.13 -0.11 34.41
C ASN A 52 20.26 -0.70 35.80
N ALA A 53 21.35 -1.41 36.03
CA ALA A 53 21.57 -2.02 37.34
C ALA A 53 22.76 -1.39 38.03
N GLY A 54 23.05 -0.13 37.71
CA GLY A 54 24.19 0.55 38.30
C GLY A 54 25.43 -0.27 38.02
N VAL A 55 26.33 -0.33 39.00
CA VAL A 55 27.54 -1.14 38.86
C VAL A 55 27.51 -2.12 40.03
N ASP A 56 28.48 -3.03 40.05
CA ASP A 56 28.55 -4.03 41.11
C ASP A 56 28.46 -3.43 42.51
N ASN A 57 29.22 -2.36 42.75
CA ASN A 57 29.27 -1.76 44.07
C ASN A 57 28.56 -0.42 44.25
N PHE A 58 27.64 -0.08 43.36
CA PHE A 58 26.95 1.19 43.52
C PHE A 58 25.61 1.20 42.80
N GLY A 59 24.72 2.07 43.26
CA GLY A 59 23.41 2.16 42.65
C GLY A 59 22.60 0.91 42.94
N LEU A 60 21.87 0.42 41.95
CA LEU A 60 21.04 -0.76 42.12
C LEU A 60 21.87 -2.01 42.43
N GLY A 61 23.11 -2.03 41.96
CA GLY A 61 23.97 -3.16 42.21
C GLY A 61 24.08 -3.49 43.70
N LEU A 62 23.95 -2.48 44.54
CA LEU A 62 24.05 -2.70 45.97
C LEU A 62 22.93 -3.57 46.50
N LEU A 63 21.75 -3.43 45.91
CA LEU A 63 20.60 -4.23 46.32
C LEU A 63 20.69 -5.62 45.75
N LEU A 64 21.50 -5.77 44.71
CA LEU A 64 21.70 -7.06 44.09
C LEU A 64 22.72 -7.81 44.98
N GLN A 65 23.69 -7.06 45.49
CA GLN A 65 24.73 -7.59 46.36
C GLN A 65 24.11 -8.10 47.66
N SER A 66 23.07 -7.43 48.12
CA SER A 66 22.39 -7.83 49.34
C SER A 66 21.24 -8.75 49.01
N LYS A 67 21.11 -9.07 47.72
CA LYS A 67 20.07 -9.96 47.22
C LYS A 67 18.67 -9.58 47.66
N GLN A 68 18.34 -8.29 47.58
CA GLN A 68 17.02 -7.82 47.97
C GLN A 68 16.11 -7.70 46.76
N ILE A 69 16.64 -8.02 45.58
CA ILE A 69 15.89 -7.94 44.33
C ILE A 69 15.50 -9.29 43.75
N LYS A 70 14.20 -9.48 43.52
CA LYS A 70 13.69 -10.70 42.93
C LYS A 70 13.66 -10.56 41.41
N ARG A 71 13.16 -9.41 40.94
CA ARG A 71 13.08 -9.13 39.51
C ARG A 71 13.50 -7.72 39.08
N MET A 72 14.20 -7.65 37.96
CA MET A 72 14.69 -6.41 37.38
C MET A 72 14.01 -6.19 36.02
N ILE A 73 13.44 -5.00 35.82
CA ILE A 73 12.82 -4.64 34.54
C ILE A 73 13.70 -3.49 34.07
N SER A 74 14.49 -3.74 33.03
CA SER A 74 15.45 -2.78 32.52
C SER A 74 15.68 -2.89 31.02
N SER A 75 16.46 -1.97 30.47
CA SER A 75 16.77 -1.99 29.03
C SER A 75 18.23 -2.41 28.77
N TYR A 76 19.10 -2.20 29.76
CA TYR A 76 20.51 -2.55 29.62
C TYR A 76 21.14 -2.84 30.97
N VAL A 77 21.69 -4.04 31.10
CA VAL A 77 22.29 -4.44 32.36
C VAL A 77 23.75 -4.82 32.34
N GLY A 78 24.52 -4.29 31.39
CA GLY A 78 25.95 -4.62 31.37
C GLY A 78 26.66 -3.99 32.57
N GLU A 79 27.96 -4.20 32.66
CA GLU A 79 28.79 -3.64 33.73
C GLU A 79 28.40 -3.98 35.17
N ASN A 80 27.82 -5.15 35.38
CA ASN A 80 27.45 -5.57 36.74
C ASN A 80 27.56 -7.10 36.82
N ALA A 81 28.72 -7.55 37.29
CA ALA A 81 29.02 -8.98 37.41
C ALA A 81 28.08 -9.73 38.33
N GLU A 82 27.70 -9.10 39.44
CA GLU A 82 26.80 -9.71 40.39
C GLU A 82 25.46 -9.98 39.71
N PHE A 83 25.05 -9.06 38.84
CA PHE A 83 23.79 -9.24 38.11
C PHE A 83 23.91 -10.51 37.27
N GLU A 84 24.94 -10.55 36.42
CA GLU A 84 25.18 -11.67 35.53
C GLU A 84 25.23 -13.03 36.22
N ARG A 85 25.88 -13.08 37.38
CA ARG A 85 25.99 -14.34 38.10
C ARG A 85 24.63 -14.78 38.66
N GLN A 86 23.92 -13.84 39.28
CA GLN A 86 22.64 -14.15 39.87
C GLN A 86 21.61 -14.57 38.82
N TYR A 87 21.68 -13.94 37.65
CA TYR A 87 20.75 -14.26 36.57
C TYR A 87 21.01 -15.65 36.00
N LEU A 88 22.29 -15.92 35.73
CA LEU A 88 22.67 -17.21 35.17
C LEU A 88 22.49 -18.35 36.17
N ALA A 89 22.60 -18.03 37.46
CA ALA A 89 22.43 -19.03 38.50
C ALA A 89 20.95 -19.26 38.73
N GLY A 90 20.11 -18.52 38.02
CA GLY A 90 18.68 -18.67 38.17
C GLY A 90 18.17 -18.17 39.50
N GLU A 91 18.80 -17.12 40.01
CA GLU A 91 18.40 -16.55 41.28
C GLU A 91 17.85 -15.15 41.10
N LEU A 92 17.90 -14.66 39.87
CA LEU A 92 17.41 -13.33 39.55
C LEU A 92 16.54 -13.35 38.31
N GLU A 93 15.43 -12.62 38.36
CA GLU A 93 14.55 -12.55 37.20
C GLU A 93 14.79 -11.22 36.49
N VAL A 94 14.64 -11.21 35.17
CA VAL A 94 14.85 -9.98 34.44
C VAL A 94 14.10 -9.86 33.13
N GLU A 95 13.41 -8.72 32.98
CA GLU A 95 12.68 -8.41 31.78
C GLU A 95 13.44 -7.31 31.04
N LEU A 96 14.09 -7.68 29.94
CA LEU A 96 14.81 -6.71 29.16
C LEU A 96 13.78 -6.09 28.23
N THR A 97 13.54 -4.81 28.41
CA THR A 97 12.58 -4.09 27.61
C THR A 97 13.27 -2.86 27.00
N PRO A 98 12.98 -2.57 25.73
CA PRO A 98 13.58 -1.40 25.06
C PRO A 98 13.49 -0.16 25.94
N GLN A 99 14.54 0.66 25.92
CA GLN A 99 14.60 1.87 26.76
C GLN A 99 13.43 2.83 26.51
N GLY A 100 13.19 3.13 25.23
CA GLY A 100 12.12 4.02 24.86
C GLY A 100 10.78 3.47 25.28
N THR A 101 10.64 2.15 25.18
CA THR A 101 9.40 1.49 25.56
C THR A 101 9.25 1.56 27.07
N LEU A 102 10.35 1.30 27.78
CA LEU A 102 10.33 1.35 29.25
C LEU A 102 9.88 2.73 29.71
N ALA A 103 10.45 3.77 29.11
CA ALA A 103 10.14 5.14 29.48
C ALA A 103 8.67 5.47 29.20
N GLU A 104 8.19 5.04 28.04
CA GLU A 104 6.80 5.29 27.65
C GLU A 104 5.79 4.47 28.47
N ARG A 105 6.17 3.25 28.82
CA ARG A 105 5.29 2.42 29.61
C ARG A 105 5.13 3.04 31.00
N ILE A 106 6.21 3.64 31.50
CA ILE A 106 6.17 4.27 32.81
C ILE A 106 5.30 5.53 32.74
N ARG A 107 5.50 6.33 31.70
CA ARG A 107 4.68 7.52 31.55
C ARG A 107 3.22 7.10 31.48
N ALA A 108 2.93 6.12 30.63
CA ALA A 108 1.56 5.64 30.49
C ALA A 108 0.99 5.28 31.86
N GLY A 109 1.82 4.65 32.68
CA GLY A 109 1.43 4.26 34.03
C GLY A 109 1.04 5.43 34.91
N GLY A 110 1.63 6.60 34.61
CA GLY A 110 1.31 7.77 35.40
C GLY A 110 0.22 8.61 34.77
N ALA A 111 -0.01 8.42 33.48
CA ALA A 111 -0.99 9.20 32.73
C ALA A 111 -2.36 8.55 32.55
N GLY A 112 -2.60 7.42 33.22
CA GLY A 112 -3.89 6.76 33.10
C GLY A 112 -4.07 5.99 31.79
N VAL A 113 -2.98 5.75 31.08
CA VAL A 113 -3.05 5.00 29.82
C VAL A 113 -2.57 3.57 30.09
N PRO A 114 -3.49 2.60 30.05
CA PRO A 114 -3.14 1.20 30.31
C PRO A 114 -2.27 0.54 29.24
N ALA A 115 -2.48 0.93 27.98
CA ALA A 115 -1.70 0.34 26.92
C ALA A 115 -1.59 1.25 25.70
N PHE A 116 -0.55 1.04 24.90
CA PHE A 116 -0.33 1.83 23.70
C PHE A 116 0.51 1.04 22.71
N TYR A 117 0.62 1.55 21.49
CA TYR A 117 1.39 0.90 20.44
C TYR A 117 2.68 1.62 20.10
N THR A 118 3.68 0.85 19.68
CA THR A 118 4.98 1.39 19.29
C THR A 118 5.60 0.43 18.30
N SER A 119 6.41 0.92 17.37
CA SER A 119 7.03 0.03 16.41
C SER A 119 8.32 -0.55 16.98
N THR A 120 8.79 0.01 18.08
CA THR A 120 10.00 -0.44 18.74
C THR A 120 9.89 -1.91 19.14
N GLY A 121 10.81 -2.73 18.65
CA GLY A 121 10.76 -4.15 18.99
C GLY A 121 10.00 -5.02 18.02
N TYR A 122 9.41 -4.42 16.99
CA TYR A 122 8.68 -5.19 16.00
C TYR A 122 9.64 -6.03 15.17
N GLY A 123 9.32 -7.31 15.00
CA GLY A 123 10.18 -8.22 14.26
C GLY A 123 11.39 -8.57 15.12
N THR A 124 11.16 -8.61 16.43
CA THR A 124 12.21 -8.86 17.40
C THR A 124 11.71 -9.85 18.46
N LEU A 125 12.60 -10.35 19.29
CA LEU A 125 12.21 -11.27 20.35
C LEU A 125 11.29 -10.54 21.31
N VAL A 126 11.35 -9.21 21.30
CA VAL A 126 10.47 -8.43 22.17
C VAL A 126 9.06 -8.78 21.72
N GLN A 127 8.88 -8.88 20.42
CA GLN A 127 7.59 -9.26 19.85
C GLN A 127 7.39 -10.77 19.88
N GLU A 128 8.40 -11.49 19.40
CA GLU A 128 8.35 -12.95 19.32
C GLU A 128 8.12 -13.61 20.67
N GLY A 129 8.77 -13.07 21.71
CA GLY A 129 8.64 -13.65 23.03
C GLY A 129 9.50 -14.90 23.14
N GLY A 130 9.30 -15.67 24.21
CA GLY A 130 10.05 -16.90 24.41
C GLY A 130 11.40 -16.76 25.12
N SER A 131 11.92 -15.54 25.23
CA SER A 131 13.20 -15.35 25.90
C SER A 131 13.12 -15.69 27.38
N PRO A 132 14.26 -16.08 27.98
CA PRO A 132 14.28 -16.43 29.40
C PRO A 132 14.32 -15.27 30.40
N ILE A 133 13.22 -15.09 31.12
CA ILE A 133 13.15 -14.05 32.13
C ILE A 133 13.84 -14.62 33.38
N LYS A 134 13.81 -15.95 33.50
CA LYS A 134 14.42 -16.62 34.63
C LYS A 134 14.86 -18.06 34.33
N TYR A 135 16.03 -18.42 34.82
CA TYR A 135 16.52 -19.76 34.61
C TYR A 135 16.24 -20.58 35.86
N ASN A 136 16.21 -21.90 35.69
CA ASN A 136 16.03 -22.82 36.81
C ASN A 136 17.45 -23.09 37.28
N LYS A 137 17.60 -23.51 38.52
CA LYS A 137 18.93 -23.79 39.06
C LYS A 137 19.67 -24.89 38.28
N ASP A 138 18.99 -25.58 37.38
CA ASP A 138 19.61 -26.65 36.60
C ASP A 138 19.89 -26.22 35.16
N GLY A 139 19.66 -24.94 34.87
CA GLY A 139 19.92 -24.45 33.53
C GLY A 139 18.75 -24.41 32.58
N SER A 140 17.62 -25.03 32.95
CA SER A 140 16.45 -25.01 32.08
C SER A 140 15.76 -23.67 32.26
N ILE A 141 14.73 -23.41 31.46
CA ILE A 141 14.02 -22.15 31.56
C ILE A 141 12.89 -22.19 32.57
N ALA A 142 13.01 -21.37 33.60
CA ALA A 142 11.97 -21.30 34.62
C ALA A 142 10.83 -20.41 34.15
N ILE A 143 11.17 -19.25 33.59
CA ILE A 143 10.17 -18.29 33.12
C ILE A 143 10.53 -17.71 31.76
N ALA A 144 9.59 -17.73 30.82
CA ALA A 144 9.82 -17.18 29.48
C ALA A 144 8.98 -15.94 29.21
N SER A 145 9.48 -15.07 28.32
CA SER A 145 8.77 -13.86 27.97
C SER A 145 7.57 -14.15 27.06
N LYS A 146 6.49 -13.40 27.25
CA LYS A 146 5.27 -13.57 26.44
C LYS A 146 5.35 -12.70 25.19
N PRO A 147 4.68 -13.12 24.11
CA PRO A 147 4.72 -12.33 22.88
C PRO A 147 3.97 -11.01 23.06
N ARG A 148 4.18 -10.08 22.13
CA ARG A 148 3.49 -8.80 22.17
C ARG A 148 2.53 -8.81 21.00
N GLU A 149 1.30 -8.34 21.24
CA GLU A 149 0.31 -8.30 20.18
C GLU A 149 0.78 -7.36 19.08
N VAL A 150 0.48 -7.71 17.84
CA VAL A 150 0.86 -6.88 16.71
C VAL A 150 -0.36 -6.31 16.03
N ARG A 151 -0.24 -5.10 15.51
CA ARG A 151 -1.35 -4.48 14.80
C ARG A 151 -0.82 -3.48 13.81
N GLU A 152 -1.55 -3.32 12.71
CA GLU A 152 -1.14 -2.40 11.67
C GLU A 152 -1.89 -1.08 11.74
N PHE A 153 -1.18 0.00 11.44
CA PHE A 153 -1.74 1.34 11.45
C PHE A 153 -1.08 2.11 10.31
N ASN A 154 -1.91 2.68 9.44
CA ASN A 154 -1.39 3.44 8.30
C ASN A 154 -0.30 2.65 7.57
N GLY A 155 -0.54 1.36 7.38
CA GLY A 155 0.42 0.52 6.67
C GLY A 155 1.69 0.11 7.38
N GLN A 156 1.80 0.38 8.67
CA GLN A 156 3.00 -0.01 9.42
C GLN A 156 2.60 -0.92 10.58
N HIS A 157 3.52 -1.76 11.02
CA HIS A 157 3.26 -2.66 12.13
C HIS A 157 3.77 -2.13 13.47
N PHE A 158 2.95 -2.30 14.50
CA PHE A 158 3.31 -1.84 15.84
C PHE A 158 2.95 -2.95 16.82
N ILE A 159 3.56 -2.92 18.00
CA ILE A 159 3.24 -3.91 19.01
C ILE A 159 2.61 -3.21 20.20
N LEU A 160 1.79 -3.95 20.94
CA LEU A 160 1.12 -3.39 22.10
C LEU A 160 1.94 -3.55 23.38
N GLU A 161 2.12 -2.44 24.08
CA GLU A 161 2.85 -2.45 25.35
C GLU A 161 1.93 -1.93 26.44
N GLU A 162 2.04 -2.52 27.63
CA GLU A 162 1.22 -2.11 28.75
C GLU A 162 1.95 -1.21 29.73
N ALA A 163 1.17 -0.31 30.35
CA ALA A 163 1.70 0.64 31.31
C ALA A 163 2.39 -0.06 32.47
N ILE A 164 3.36 0.63 33.04
CA ILE A 164 4.09 0.11 34.18
C ILE A 164 3.84 1.05 35.35
N ARG A 165 3.45 0.49 36.49
CA ARG A 165 3.23 1.28 37.69
C ARG A 165 3.93 0.60 38.84
N GLY A 166 4.28 1.37 39.87
CA GLY A 166 4.96 0.78 40.99
C GLY A 166 4.26 1.11 42.28
N ASP A 167 4.61 0.40 43.35
CA ASP A 167 4.03 0.64 44.66
C ASP A 167 4.73 1.88 45.22
N PHE A 168 6.02 1.98 44.91
CA PHE A 168 6.86 3.09 45.35
C PHE A 168 7.83 3.51 44.24
N ALA A 169 8.32 4.72 44.34
CA ALA A 169 9.28 5.23 43.38
C ALA A 169 10.37 5.88 44.20
N LEU A 170 11.61 5.56 43.87
CA LEU A 170 12.75 6.15 44.54
C LEU A 170 13.36 7.06 43.50
N VAL A 171 13.19 8.36 43.71
CA VAL A 171 13.64 9.37 42.78
C VAL A 171 14.74 10.28 43.30
N LYS A 172 15.67 10.61 42.42
CA LYS A 172 16.76 11.51 42.74
C LYS A 172 16.49 12.80 41.97
N ALA A 173 16.56 13.93 42.66
CA ALA A 173 16.33 15.22 42.03
C ALA A 173 17.34 16.23 42.54
N TRP A 174 17.35 17.42 41.95
CA TRP A 174 18.29 18.47 42.33
C TRP A 174 17.83 19.33 43.51
N LYS A 175 16.72 20.04 43.31
CA LYS A 175 16.19 20.90 44.35
C LYS A 175 14.70 20.76 44.54
N ALA A 176 14.25 21.12 45.73
CA ALA A 176 12.83 21.10 46.07
C ALA A 176 12.59 22.41 46.81
N ASP A 177 11.42 23.02 46.60
CA ASP A 177 11.11 24.23 47.33
C ASP A 177 10.31 23.74 48.51
N GLN A 178 10.01 24.63 49.45
CA GLN A 178 9.25 24.22 50.62
C GLN A 178 7.83 23.75 50.37
N ALA A 179 7.34 23.95 49.15
CA ALA A 179 5.99 23.52 48.79
C ALA A 179 6.01 22.06 48.30
N GLY A 180 7.17 21.63 47.82
CA GLY A 180 7.30 20.26 47.33
C GLY A 180 7.63 20.16 45.85
N ASN A 181 7.71 21.30 45.17
CA ASN A 181 8.05 21.28 43.75
C ASN A 181 9.52 20.92 43.59
N VAL A 182 9.87 20.17 42.53
CA VAL A 182 11.27 19.80 42.34
C VAL A 182 11.80 20.01 40.92
N THR A 183 13.11 20.16 40.82
CA THR A 183 13.79 20.36 39.56
C THR A 183 14.92 19.33 39.45
N PHE A 184 15.41 19.12 38.23
CA PHE A 184 16.50 18.18 38.00
C PHE A 184 17.63 18.90 37.31
N ARG A 185 18.86 18.48 37.61
CA ARG A 185 20.05 19.09 37.06
C ARG A 185 20.62 18.33 35.87
N LYS A 186 20.78 19.03 34.76
CA LYS A 186 21.33 18.46 33.54
C LYS A 186 20.73 17.13 33.11
N SER A 187 21.58 16.16 32.76
CA SER A 187 21.07 14.87 32.30
C SER A 187 20.75 13.88 33.42
N ALA A 188 20.79 14.33 34.67
CA ALA A 188 20.48 13.47 35.81
C ALA A 188 18.97 13.28 35.92
N ARG A 189 18.26 13.87 34.95
CA ARG A 189 16.81 13.83 34.84
C ARG A 189 16.32 12.44 34.40
N ASN A 190 16.72 12.04 33.20
CA ASN A 190 16.37 10.74 32.60
C ASN A 190 15.06 10.13 33.09
N PHE A 191 15.12 8.99 33.79
CA PHE A 191 13.90 8.33 34.25
C PHE A 191 13.25 8.85 35.52
N ASN A 192 13.97 9.66 36.28
CA ASN A 192 13.45 10.22 37.52
C ASN A 192 12.14 11.00 37.34
N LEU A 193 12.05 11.80 36.29
CA LEU A 193 10.86 12.61 36.06
C LEU A 193 9.59 11.77 35.87
N PRO A 194 9.54 10.88 34.87
CA PRO A 194 8.34 10.06 34.67
C PRO A 194 8.08 9.05 35.78
N MET A 195 9.12 8.47 36.37
CA MET A 195 8.90 7.51 37.45
C MET A 195 8.20 8.19 38.61
N CYS A 196 8.40 9.51 38.67
CA CYS A 196 7.81 10.32 39.72
C CYS A 196 6.28 10.41 39.62
N LYS A 197 5.72 9.99 38.49
CA LYS A 197 4.27 10.06 38.30
C LYS A 197 3.59 8.69 38.25
N ALA A 198 4.37 7.61 38.27
CA ALA A 198 3.79 6.29 38.13
C ALA A 198 3.75 5.35 39.32
N ALA A 199 3.81 5.88 40.52
CA ALA A 199 3.78 5.02 41.71
C ALA A 199 2.78 5.52 42.73
N GLU A 200 2.24 4.58 43.52
CA GLU A 200 1.28 4.90 44.56
C GLU A 200 1.93 5.91 45.50
N THR A 201 3.18 5.64 45.87
CA THR A 201 3.92 6.52 46.77
C THR A 201 5.29 6.87 46.20
N THR A 202 5.53 8.14 45.93
CA THR A 202 6.83 8.55 45.40
C THR A 202 7.69 9.18 46.48
N VAL A 203 8.96 8.80 46.51
CA VAL A 203 9.89 9.32 47.49
C VAL A 203 11.01 9.98 46.71
N VAL A 204 11.18 11.28 46.94
CA VAL A 204 12.19 12.06 46.24
C VAL A 204 13.29 12.52 47.20
N GLU A 205 14.53 12.38 46.76
CA GLU A 205 15.62 12.86 47.57
C GLU A 205 16.26 13.98 46.75
N VAL A 206 16.53 15.11 47.42
CA VAL A 206 17.15 16.25 46.76
C VAL A 206 18.44 16.66 47.46
N GLU A 207 19.30 17.33 46.70
CA GLU A 207 20.57 17.79 47.24
C GLU A 207 20.38 19.07 48.05
N GLU A 208 19.31 19.81 47.76
CA GLU A 208 19.05 21.05 48.44
C GLU A 208 17.58 21.44 48.47
N ILE A 209 17.15 21.98 49.60
CA ILE A 209 15.79 22.45 49.77
C ILE A 209 15.80 23.98 49.81
N VAL A 210 15.08 24.62 48.89
CA VAL A 210 15.03 26.08 48.83
C VAL A 210 13.67 26.64 49.21
N ASP A 211 13.56 27.96 49.18
CA ASP A 211 12.30 28.59 49.55
C ASP A 211 11.31 28.65 48.42
N ILE A 212 10.03 28.64 48.77
CA ILE A 212 8.97 28.76 47.78
C ILE A 212 9.26 30.10 47.11
N GLY A 213 9.25 30.12 45.79
CA GLY A 213 9.51 31.36 45.08
C GLY A 213 10.86 31.30 44.39
N SER A 214 11.69 30.34 44.78
CA SER A 214 13.01 30.20 44.17
C SER A 214 12.87 29.76 42.72
N PHE A 215 11.78 29.05 42.41
CA PHE A 215 11.56 28.58 41.06
C PHE A 215 10.58 29.43 40.29
N ALA A 216 10.85 29.65 39.01
CA ALA A 216 9.89 30.35 38.17
C ALA A 216 8.79 29.27 38.02
N PRO A 217 7.51 29.65 38.16
CA PRO A 217 6.42 28.67 38.04
C PRO A 217 6.46 27.86 36.73
N GLU A 218 6.97 28.46 35.67
CA GLU A 218 7.07 27.80 34.38
C GLU A 218 8.17 26.75 34.35
N ASP A 219 9.13 26.87 35.25
CA ASP A 219 10.27 25.94 35.25
C ASP A 219 10.33 24.86 36.32
N ILE A 220 9.19 24.50 36.87
CA ILE A 220 9.14 23.45 37.85
C ILE A 220 9.01 22.15 37.03
N HIS A 221 10.05 21.32 37.08
CA HIS A 221 10.07 20.06 36.32
C HIS A 221 9.05 19.06 36.84
N ILE A 222 8.92 18.96 38.16
CA ILE A 222 7.96 18.05 38.76
C ILE A 222 7.13 18.83 39.77
N PRO A 223 5.82 19.02 39.47
CA PRO A 223 4.94 19.75 40.37
C PRO A 223 4.74 18.97 41.66
N LYS A 224 4.63 19.67 42.78
CA LYS A 224 4.45 19.06 44.08
C LYS A 224 3.40 17.96 44.15
N ILE A 225 2.37 18.03 43.31
CA ILE A 225 1.32 17.01 43.33
C ILE A 225 1.86 15.59 43.13
N TYR A 226 3.01 15.46 42.47
CA TYR A 226 3.61 14.13 42.25
C TYR A 226 4.59 13.72 43.34
N VAL A 227 4.97 14.66 44.19
CA VAL A 227 5.94 14.39 45.25
C VAL A 227 5.25 14.10 46.59
N HIS A 228 5.15 12.83 46.94
CA HIS A 228 4.49 12.44 48.18
C HIS A 228 5.39 12.57 49.41
N ARG A 229 6.64 12.12 49.27
CA ARG A 229 7.59 12.17 50.37
C ARG A 229 8.87 12.80 49.85
N LEU A 230 9.39 13.73 50.62
CA LEU A 230 10.60 14.43 50.23
C LEU A 230 11.65 14.38 51.33
N VAL A 231 12.89 14.14 50.93
CA VAL A 231 13.97 14.06 51.88
C VAL A 231 15.23 14.67 51.30
N LYS A 232 16.00 15.35 52.14
CA LYS A 232 17.25 15.94 51.69
C LYS A 232 18.33 14.88 51.90
N GLY A 233 18.98 14.47 50.82
CA GLY A 233 20.01 13.46 50.92
C GLY A 233 21.15 13.83 51.84
N GLU A 234 21.51 12.91 52.73
CA GLU A 234 22.58 13.14 53.69
C GLU A 234 23.92 13.35 53.02
N LYS A 235 24.29 12.42 52.14
CA LYS A 235 25.57 12.53 51.46
C LYS A 235 25.40 12.19 50.01
N TYR A 236 26.29 12.71 49.18
CA TYR A 236 26.24 12.47 47.75
C TYR A 236 27.60 12.22 47.14
N GLU A 237 27.83 10.99 46.70
CA GLU A 237 29.07 10.63 46.06
C GLU A 237 28.86 10.91 44.58
N LYS A 238 29.54 11.92 44.06
CA LYS A 238 29.41 12.29 42.66
C LYS A 238 30.16 11.25 41.82
N ARG A 239 29.78 9.98 41.96
CA ARG A 239 30.44 8.90 41.25
C ARG A 239 30.34 8.92 39.74
N ILE A 240 31.48 8.75 39.10
CA ILE A 240 31.60 8.73 37.64
C ILE A 240 31.86 7.29 37.22
N GLU A 241 31.14 6.80 36.22
CA GLU A 241 31.36 5.43 35.79
C GLU A 241 32.53 5.39 34.81
N ARG A 242 32.52 6.30 33.84
CA ARG A 242 33.56 6.38 32.83
C ARG A 242 34.06 7.81 32.63
N LEU A 243 35.19 8.13 33.26
CA LEU A 243 35.77 9.46 33.15
C LEU A 243 36.38 9.63 31.77
N SER A 244 35.78 10.51 30.97
CA SER A 244 36.28 10.79 29.62
C SER A 244 36.69 12.25 29.55
N VAL A 245 38.01 12.47 29.58
CA VAL A 245 38.55 13.82 29.55
C VAL A 245 39.34 14.06 28.27
N ARG A 246 39.24 15.28 27.73
CA ARG A 246 39.98 15.63 26.54
C ARG A 246 41.23 16.40 26.98
N LYS A 247 42.17 16.59 26.06
CA LYS A 247 43.41 17.30 26.37
C LYS A 247 43.40 18.73 25.82
N ASN A 261 44.45 3.21 8.89
CA ASN A 261 43.60 2.28 9.62
C ASN A 261 42.31 1.97 8.87
N VAL A 262 41.74 0.81 9.17
CA VAL A 262 40.48 0.40 8.55
C VAL A 262 39.39 1.26 9.19
N ARG A 263 39.48 1.40 10.51
CA ARG A 263 38.53 2.18 11.29
C ARG A 263 38.56 3.63 10.83
N GLU A 264 39.75 4.11 10.48
CA GLU A 264 39.91 5.49 10.04
C GLU A 264 39.22 5.78 8.71
N ARG A 265 39.27 4.84 7.78
CA ARG A 265 38.62 5.03 6.49
C ARG A 265 37.13 5.27 6.69
N ILE A 266 36.48 4.31 7.33
CA ILE A 266 35.04 4.39 7.59
C ILE A 266 34.69 5.72 8.26
N ILE A 267 35.47 6.10 9.27
CA ILE A 267 35.25 7.34 10.00
C ILE A 267 35.28 8.55 9.08
N LYS A 268 36.36 8.65 8.31
CA LYS A 268 36.54 9.76 7.37
C LYS A 268 35.44 9.80 6.30
N ARG A 269 34.79 8.66 6.06
CA ARG A 269 33.71 8.63 5.08
C ARG A 269 32.36 8.91 5.75
N ALA A 270 32.18 8.41 6.96
CA ALA A 270 30.94 8.64 7.70
C ALA A 270 30.80 10.12 8.03
N ALA A 271 31.94 10.81 8.11
CA ALA A 271 31.96 12.23 8.42
C ALA A 271 31.34 13.06 7.32
N LEU A 272 31.30 12.50 6.11
CA LEU A 272 30.71 13.20 4.97
C LEU A 272 29.18 13.10 4.98
N GLU A 273 28.66 12.18 5.78
CA GLU A 273 27.20 11.99 5.87
C GLU A 273 26.59 13.15 6.64
N PHE A 274 27.35 13.67 7.58
CA PHE A 274 26.85 14.78 8.35
C PHE A 274 26.49 15.90 7.39
N GLU A 275 25.41 16.59 7.68
CA GLU A 275 24.95 17.69 6.86
C GLU A 275 24.64 18.89 7.75
N ASP A 276 24.82 20.09 7.21
CA ASP A 276 24.56 21.31 7.99
C ASP A 276 23.12 21.41 8.46
N GLY A 277 22.95 21.69 9.75
CA GLY A 277 21.62 21.82 10.33
C GLY A 277 20.99 20.48 10.64
N MET A 278 21.78 19.42 10.57
CA MET A 278 21.29 18.08 10.83
C MET A 278 21.21 17.71 12.30
N TYR A 279 20.18 16.93 12.65
CA TYR A 279 20.00 16.46 14.02
C TYR A 279 20.38 14.99 13.94
N ALA A 280 21.39 14.61 14.71
CA ALA A 280 21.85 13.22 14.67
C ALA A 280 22.10 12.61 16.03
N ASN A 281 22.00 11.29 16.07
CA ASN A 281 22.26 10.53 17.28
C ASN A 281 23.36 9.57 16.85
N LEU A 282 24.49 9.63 17.55
CA LEU A 282 25.63 8.78 17.21
C LEU A 282 26.01 7.83 18.35
N GLY A 283 26.19 6.55 18.02
CA GLY A 283 26.56 5.57 19.01
C GLY A 283 28.03 5.71 19.35
N ILE A 284 28.41 5.45 20.59
CA ILE A 284 29.81 5.56 20.98
C ILE A 284 30.61 4.62 20.09
N GLY A 285 31.82 5.03 19.74
CA GLY A 285 32.67 4.22 18.89
C GLY A 285 32.95 5.01 17.63
N ILE A 286 33.01 4.31 16.51
CA ILE A 286 33.29 4.98 15.24
C ILE A 286 32.27 6.06 14.87
N PRO A 287 30.97 5.83 15.16
CA PRO A 287 29.97 6.86 14.82
C PRO A 287 30.25 8.18 15.54
N LEU A 288 30.48 8.11 16.85
CA LEU A 288 30.76 9.30 17.65
C LEU A 288 32.11 9.90 17.22
N LEU A 289 33.12 9.06 17.05
CA LEU A 289 34.44 9.50 16.64
C LEU A 289 34.39 10.28 15.32
N ALA A 290 33.44 9.93 14.47
CA ALA A 290 33.30 10.59 13.18
C ALA A 290 32.89 12.06 13.33
N SER A 291 32.23 12.40 14.43
CA SER A 291 31.78 13.76 14.64
C SER A 291 32.97 14.72 14.79
N ASN A 292 34.13 14.17 15.12
CA ASN A 292 35.32 14.97 15.30
C ASN A 292 35.80 15.54 13.96
N PHE A 293 35.42 14.89 12.87
CA PHE A 293 35.82 15.33 11.54
C PHE A 293 34.73 16.14 10.86
N ILE A 294 33.95 16.88 11.65
CA ILE A 294 32.87 17.69 11.12
C ILE A 294 33.35 19.11 10.84
N SER A 295 33.22 19.54 9.59
CA SER A 295 33.65 20.88 9.19
C SER A 295 33.12 21.94 10.14
N PRO A 296 34.00 22.78 10.69
CA PRO A 296 33.60 23.84 11.62
C PRO A 296 32.56 24.77 11.02
N ASN A 297 32.42 24.74 9.69
CA ASN A 297 31.44 25.58 9.01
C ASN A 297 30.09 24.88 9.00
N MET A 298 30.12 23.58 9.21
CA MET A 298 28.90 22.77 9.24
C MET A 298 28.38 22.70 10.67
N THR A 299 27.06 22.75 10.82
CA THR A 299 26.44 22.69 12.13
C THR A 299 25.63 21.41 12.30
N VAL A 300 26.04 20.58 13.24
CA VAL A 300 25.35 19.33 13.51
C VAL A 300 24.94 19.29 14.98
N HIS A 301 23.68 18.99 15.22
CA HIS A 301 23.18 18.91 16.58
C HIS A 301 23.07 17.46 17.02
N LEU A 302 23.86 17.10 18.03
CA LEU A 302 23.88 15.74 18.54
C LEU A 302 22.91 15.52 19.68
N GLN A 303 22.08 14.49 19.53
CA GLN A 303 21.09 14.13 20.53
C GLN A 303 21.59 12.91 21.30
N SER A 304 21.29 12.86 22.59
CA SER A 304 21.69 11.74 23.44
C SER A 304 20.41 11.19 24.05
N GLU A 305 20.17 9.90 23.86
CA GLU A 305 18.95 9.28 24.35
C GLU A 305 18.67 9.43 25.84
N ASN A 306 19.69 9.71 26.64
CA ASN A 306 19.44 9.87 28.06
C ASN A 306 18.88 11.26 28.39
N GLY A 307 18.60 12.05 27.35
CA GLY A 307 18.01 13.36 27.55
C GLY A 307 18.79 14.63 27.24
N ILE A 308 19.58 14.62 26.18
CA ILE A 308 20.37 15.79 25.83
C ILE A 308 20.32 16.13 24.35
N LEU A 309 20.26 17.42 24.06
CA LEU A 309 20.29 17.92 22.69
C LEU A 309 21.37 18.99 22.67
N GLY A 310 22.44 18.75 21.91
CA GLY A 310 23.52 19.71 21.82
C GLY A 310 24.79 19.26 22.54
N LEU A 311 25.09 17.96 22.45
CA LEU A 311 26.28 17.41 23.09
C LEU A 311 27.55 18.07 22.59
N GLY A 312 28.47 18.31 23.51
CA GLY A 312 29.74 18.90 23.14
C GLY A 312 30.88 17.90 23.33
N PRO A 313 32.13 18.36 23.28
CA PRO A 313 33.34 17.53 23.44
C PRO A 313 33.47 16.98 24.85
N TYR A 314 34.41 16.05 25.03
CA TYR A 314 34.64 15.51 26.36
C TYR A 314 35.16 16.69 27.17
N PRO A 315 34.89 16.69 28.47
CA PRO A 315 35.35 17.81 29.31
C PRO A 315 36.82 17.81 29.66
N LEU A 316 37.29 18.96 30.11
CA LEU A 316 38.65 19.14 30.56
C LEU A 316 38.50 18.69 32.02
N GLN A 317 39.60 18.30 32.65
CA GLN A 317 39.53 17.84 34.04
C GLN A 317 38.62 18.69 34.90
N ASN A 318 38.69 20.01 34.76
CA ASN A 318 37.87 20.91 35.56
C ASN A 318 36.39 20.93 35.15
N GLU A 319 36.10 20.65 33.87
CA GLU A 319 34.73 20.65 33.36
C GLU A 319 33.90 19.44 33.80
N VAL A 320 34.56 18.33 34.09
CA VAL A 320 33.88 17.11 34.50
C VAL A 320 32.72 17.29 35.47
N ASP A 321 31.57 16.74 35.09
CA ASP A 321 30.35 16.82 35.89
C ASP A 321 29.64 15.45 35.87
N ALA A 322 29.37 14.90 37.05
CA ALA A 322 28.71 13.60 37.18
C ALA A 322 27.26 13.62 36.69
N ASP A 323 26.65 14.80 36.67
CA ASP A 323 25.27 14.90 36.21
C ASP A 323 25.19 15.01 34.69
N LEU A 324 26.35 14.98 34.02
CA LEU A 324 26.39 15.10 32.58
C LEU A 324 27.20 14.02 31.88
N ILE A 325 26.52 13.03 31.31
CA ILE A 325 27.17 11.93 30.59
C ILE A 325 26.40 11.63 29.30
N ASN A 326 27.03 10.95 28.36
CA ASN A 326 26.33 10.60 27.13
C ASN A 326 25.70 9.21 27.28
N ALA A 327 25.04 8.75 26.24
CA ALA A 327 24.37 7.45 26.27
C ALA A 327 25.36 6.32 26.54
N GLY A 328 26.61 6.55 26.18
CA GLY A 328 27.65 5.55 26.40
C GLY A 328 28.20 5.62 27.81
N LYS A 329 27.52 6.35 28.69
CA LYS A 329 27.93 6.48 30.07
C LYS A 329 29.22 7.31 30.27
N GLU A 330 29.64 8.02 29.23
CA GLU A 330 30.85 8.84 29.31
C GLU A 330 30.56 10.28 29.70
N THR A 331 31.40 10.84 30.56
CA THR A 331 31.27 12.24 30.98
C THR A 331 31.46 13.07 29.72
N VAL A 332 30.61 14.08 29.53
CA VAL A 332 30.70 14.94 28.36
C VAL A 332 30.42 16.39 28.74
N THR A 333 30.42 17.25 27.73
CA THR A 333 30.09 18.67 27.91
C THR A 333 28.95 18.91 26.96
N VAL A 334 28.39 20.10 27.03
CA VAL A 334 27.28 20.46 26.17
C VAL A 334 27.60 21.81 25.54
N LEU A 335 27.13 22.04 24.32
CA LEU A 335 27.39 23.28 23.59
C LEU A 335 26.32 24.34 23.88
N PRO A 336 26.58 25.58 23.46
CA PRO A 336 25.60 26.65 23.69
C PRO A 336 24.28 26.35 23.00
N GLY A 337 23.18 26.68 23.69
CA GLY A 337 21.87 26.44 23.13
C GLY A 337 21.43 25.00 23.29
N ALA A 338 22.04 24.29 24.23
CA ALA A 338 21.73 22.90 24.49
C ALA A 338 20.50 22.81 25.41
N SER A 339 19.87 21.64 25.45
CA SER A 339 18.70 21.46 26.30
C SER A 339 18.70 20.08 26.94
N TYR A 340 18.06 19.98 28.09
CA TYR A 340 17.96 18.73 28.81
C TYR A 340 16.48 18.38 28.91
N PHE A 341 16.17 17.09 28.90
CA PHE A 341 14.80 16.64 28.99
C PHE A 341 14.82 15.21 29.46
N SER A 342 13.67 14.73 29.91
CA SER A 342 13.53 13.38 30.46
C SER A 342 13.62 12.26 29.44
N SER A 343 13.76 11.03 29.94
CA SER A 343 13.87 9.83 29.09
C SER A 343 12.65 9.59 28.19
N ASP A 344 11.45 9.74 28.73
CA ASP A 344 10.25 9.54 27.92
C ASP A 344 10.13 10.62 26.85
N GLU A 345 10.58 11.83 27.15
CA GLU A 345 10.51 12.89 26.16
C GLU A 345 11.58 12.63 25.09
N SER A 346 12.74 12.16 25.53
CA SER A 346 13.85 11.86 24.64
C SER A 346 13.46 10.84 23.56
N PHE A 347 12.76 9.79 23.97
CA PHE A 347 12.35 8.76 23.03
C PHE A 347 11.08 9.11 22.24
N ALA A 348 10.35 10.12 22.71
CA ALA A 348 9.17 10.59 22.00
C ALA A 348 9.76 11.31 20.79
N MET A 349 10.89 11.97 21.04
CA MET A 349 11.64 12.72 20.04
C MET A 349 12.22 11.77 19.00
N ILE A 350 12.84 10.70 19.48
CA ILE A 350 13.43 9.68 18.63
C ILE A 350 12.39 8.84 17.88
N ARG A 351 11.43 8.32 18.64
CA ARG A 351 10.38 7.49 18.06
C ARG A 351 9.54 8.27 17.05
N GLY A 352 9.35 9.56 17.30
CA GLY A 352 8.56 10.38 16.41
C GLY A 352 9.32 10.79 15.15
N GLY A 353 10.54 10.31 15.00
CA GLY A 353 11.33 10.63 13.82
C GLY A 353 11.86 12.06 13.71
N HIS A 354 12.04 12.74 14.84
CA HIS A 354 12.53 14.12 14.80
C HIS A 354 14.04 14.22 14.58
N VAL A 355 14.74 13.12 14.82
CA VAL A 355 16.17 13.09 14.60
C VAL A 355 16.37 12.81 13.12
N ASN A 356 17.13 13.65 12.44
CA ASN A 356 17.38 13.52 11.01
C ASN A 356 18.27 12.34 10.65
N LEU A 357 19.36 12.17 11.37
CA LEU A 357 20.30 11.10 11.09
C LEU A 357 20.72 10.28 12.30
N THR A 358 20.59 8.97 12.19
CA THR A 358 20.99 8.06 13.25
C THR A 358 22.10 7.23 12.66
N MET A 359 23.30 7.37 13.21
CA MET A 359 24.45 6.66 12.72
C MET A 359 24.95 5.74 13.83
N LEU A 360 25.07 4.46 13.51
CA LEU A 360 25.52 3.48 14.50
C LEU A 360 26.37 2.36 13.92
N GLY A 361 26.91 1.54 14.81
CA GLY A 361 27.72 0.42 14.39
C GLY A 361 26.79 -0.79 14.29
N ALA A 362 27.26 -1.89 13.73
CA ALA A 362 26.41 -3.07 13.60
C ALA A 362 27.18 -4.34 13.28
N MET A 363 26.58 -5.48 13.58
CA MET A 363 27.19 -6.78 13.33
C MET A 363 26.78 -7.32 11.95
N GLN A 364 25.48 -7.22 11.64
CA GLN A 364 24.95 -7.69 10.37
C GLN A 364 23.85 -6.76 9.86
N VAL A 365 23.65 -6.76 8.54
CA VAL A 365 22.64 -5.94 7.91
C VAL A 365 22.10 -6.67 6.67
N SER A 366 20.78 -6.83 6.60
CA SER A 366 20.16 -7.53 5.48
C SER A 366 20.06 -6.64 4.23
N LYS A 367 19.84 -7.29 3.09
CA LYS A 367 19.74 -6.58 1.83
C LYS A 367 18.48 -5.72 1.75
N TYR A 368 17.74 -5.62 2.86
CA TYR A 368 16.52 -4.83 2.88
C TYR A 368 16.42 -3.80 4.00
N GLY A 369 17.40 -3.80 4.90
CA GLY A 369 17.36 -2.82 5.98
C GLY A 369 17.40 -3.43 7.36
N ASP A 370 17.10 -4.72 7.46
CA ASP A 370 17.14 -5.39 8.76
C ASP A 370 18.53 -5.19 9.35
N LEU A 371 18.61 -5.10 10.67
CA LEU A 371 19.91 -4.93 11.31
C LEU A 371 20.04 -5.67 12.63
N ALA A 372 21.27 -6.11 12.92
CA ALA A 372 21.57 -6.82 14.15
C ALA A 372 22.81 -6.16 14.77
N ASN A 373 22.66 -5.61 15.97
CA ASN A 373 23.77 -4.94 16.64
C ASN A 373 23.45 -4.52 18.07
N TRP A 374 23.41 -5.48 18.98
CA TRP A 374 23.12 -5.20 20.39
C TRP A 374 23.16 -6.49 21.19
N MET A 375 23.13 -7.62 20.49
CA MET A 375 23.14 -8.91 21.17
C MET A 375 23.80 -10.04 20.38
N ILE A 376 24.30 -11.01 21.13
CA ILE A 376 24.94 -12.22 20.58
C ILE A 376 24.38 -13.33 21.46
N PRO A 377 23.34 -14.02 20.98
CA PRO A 377 22.62 -15.14 21.61
C PRO A 377 23.16 -15.72 22.92
N GLY A 378 24.39 -16.22 22.88
CA GLY A 378 24.97 -16.81 24.08
C GLY A 378 26.25 -16.17 24.57
N LYS A 379 26.77 -15.19 23.82
CA LYS A 379 28.01 -14.51 24.21
C LYS A 379 27.89 -13.02 24.48
N LEU A 380 26.65 -12.53 24.63
CA LEU A 380 26.39 -11.11 24.92
C LEU A 380 24.90 -10.79 25.07
N VAL A 381 24.29 -11.31 26.14
CA VAL A 381 22.87 -11.04 26.40
C VAL A 381 22.74 -9.92 27.43
N LYS A 382 23.22 -8.73 27.07
CA LYS A 382 23.20 -7.58 27.96
C LYS A 382 21.99 -6.64 27.81
N GLY A 383 21.27 -6.76 26.71
CA GLY A 383 20.11 -5.90 26.51
C GLY A 383 20.28 -5.01 25.29
N MET A 384 19.16 -4.50 24.76
CA MET A 384 19.20 -3.67 23.57
C MET A 384 19.32 -2.17 23.81
N GLY A 385 19.25 -1.74 25.08
CA GLY A 385 19.35 -0.32 25.38
C GLY A 385 18.31 0.45 24.57
N GLY A 386 18.76 1.50 23.86
CA GLY A 386 17.85 2.28 23.06
C GLY A 386 18.03 2.05 21.56
N ALA A 387 18.75 0.99 21.21
CA ALA A 387 19.04 0.64 19.82
C ALA A 387 17.79 0.39 18.96
N MET A 388 16.82 -0.32 19.51
CA MET A 388 15.60 -0.62 18.77
C MET A 388 14.73 0.60 18.53
N ASP A 389 14.81 1.57 19.44
CA ASP A 389 14.04 2.80 19.33
C ASP A 389 14.66 3.71 18.28
N LEU A 390 15.99 3.70 18.21
CA LEU A 390 16.73 4.52 17.28
C LEU A 390 16.45 4.21 15.81
N VAL A 391 16.03 2.99 15.52
CA VAL A 391 15.73 2.62 14.15
C VAL A 391 14.24 2.41 13.95
N SER A 392 13.46 2.81 14.94
CA SER A 392 12.01 2.63 14.88
C SER A 392 11.26 3.54 13.91
N SER A 393 11.83 4.69 13.58
CA SER A 393 11.15 5.62 12.69
C SER A 393 11.62 5.54 11.26
N ALA A 394 10.70 5.69 10.33
CA ALA A 394 11.03 5.66 8.91
C ALA A 394 11.53 7.05 8.49
N LYS A 395 11.10 8.08 9.21
CA LYS A 395 11.48 9.45 8.90
C LYS A 395 12.96 9.71 9.17
N THR A 396 13.59 8.85 9.95
CA THR A 396 15.01 9.03 10.28
C THR A 396 15.90 8.19 9.37
N LYS A 397 16.93 8.82 8.84
CA LYS A 397 17.87 8.11 7.97
C LYS A 397 18.82 7.31 8.86
N VAL A 398 18.81 6.00 8.69
CA VAL A 398 19.69 5.14 9.50
C VAL A 398 20.91 4.81 8.68
N VAL A 399 22.08 5.10 9.23
CA VAL A 399 23.35 4.84 8.57
C VAL A 399 24.22 3.96 9.45
N VAL A 400 24.56 2.77 8.94
CA VAL A 400 25.41 1.85 9.69
C VAL A 400 26.85 1.97 9.24
N THR A 401 27.77 2.00 10.21
CA THR A 401 29.20 2.09 9.94
C THR A 401 29.87 0.87 10.59
N MET A 402 30.42 -0.02 9.77
CA MET A 402 31.05 -1.24 10.29
C MET A 402 32.13 -1.78 9.35
N GLU A 403 32.97 -2.67 9.89
CA GLU A 403 34.01 -3.29 9.08
C GLU A 403 33.30 -4.21 8.11
N HIS A 404 33.80 -4.33 6.89
CA HIS A 404 33.15 -5.13 5.87
C HIS A 404 32.85 -6.60 6.20
N SER A 405 33.85 -7.34 6.65
CA SER A 405 33.63 -8.76 6.94
C SER A 405 33.87 -9.18 8.39
N ALA A 406 33.69 -10.47 8.66
CA ALA A 406 33.89 -11.03 9.99
C ALA A 406 35.24 -11.77 10.09
N LYS A 407 35.50 -12.32 11.28
CA LYS A 407 36.73 -13.05 11.60
C LYS A 407 37.44 -13.76 10.45
N GLY A 408 36.88 -14.88 10.00
CA GLY A 408 37.47 -15.62 8.90
C GLY A 408 36.99 -15.05 7.59
N ASN A 409 36.66 -13.76 7.63
CA ASN A 409 36.18 -13.02 6.46
C ASN A 409 34.74 -13.41 6.11
N ALA A 410 33.91 -13.61 7.13
CA ALA A 410 32.51 -13.97 6.93
C ALA A 410 31.75 -12.75 6.42
N HIS A 411 30.54 -12.98 5.93
CA HIS A 411 29.70 -11.92 5.40
C HIS A 411 28.88 -11.23 6.49
N LYS A 412 28.67 -9.93 6.33
CA LYS A 412 27.92 -9.16 7.32
C LYS A 412 26.67 -8.55 6.65
N ILE A 413 26.80 -8.21 5.38
CA ILE A 413 25.68 -7.65 4.63
C ILE A 413 25.12 -8.82 3.82
N MET A 414 24.52 -9.77 4.52
CA MET A 414 23.96 -10.96 3.90
C MET A 414 22.45 -10.93 3.66
N GLU A 415 21.90 -12.10 3.37
CA GLU A 415 20.48 -12.28 3.12
C GLU A 415 19.62 -12.30 4.40
N LYS A 416 20.09 -13.02 5.42
CA LYS A 416 19.36 -13.12 6.70
C LYS A 416 20.22 -12.85 7.94
N CYS A 417 19.57 -12.51 9.06
CA CYS A 417 20.29 -12.18 10.30
C CYS A 417 20.65 -13.35 11.23
N THR A 418 21.87 -13.87 11.08
CA THR A 418 22.34 -14.96 11.92
C THR A 418 22.16 -14.55 13.38
N LEU A 419 22.22 -13.26 13.63
CA LEU A 419 22.06 -12.71 14.98
C LEU A 419 20.73 -11.99 15.14
N PRO A 420 20.23 -11.89 16.39
CA PRO A 420 18.97 -11.23 16.73
C PRO A 420 18.78 -9.82 16.13
N LEU A 421 17.71 -9.65 15.36
CA LEU A 421 17.42 -8.38 14.72
C LEU A 421 17.20 -7.22 15.67
N THR A 422 17.51 -6.01 15.18
CA THR A 422 17.31 -4.79 15.95
C THR A 422 16.03 -4.20 15.40
N GLY A 423 15.91 -4.20 14.08
CA GLY A 423 14.72 -3.65 13.43
C GLY A 423 14.59 -3.97 11.94
N LYS A 424 13.40 -4.44 11.55
CA LYS A 424 13.09 -4.81 10.16
C LYS A 424 13.18 -3.67 9.14
N GLN A 425 13.93 -3.89 8.06
CA GLN A 425 14.10 -2.93 6.98
C GLN A 425 14.07 -1.48 7.46
N CYS A 426 14.90 -1.22 8.46
CA CYS A 426 14.99 0.11 9.04
C CYS A 426 16.31 0.86 8.63
N VAL A 427 17.31 0.15 8.09
CA VAL A 427 18.59 0.77 7.66
C VAL A 427 18.55 1.39 6.24
N ASN A 428 19.17 2.56 6.07
CA ASN A 428 19.16 3.23 4.77
C ASN A 428 20.48 3.26 4.02
N ARG A 429 21.58 3.15 4.75
CA ARG A 429 22.88 3.18 4.10
C ARG A 429 23.93 2.46 4.92
N ILE A 430 24.82 1.76 4.22
CA ILE A 430 25.89 1.03 4.86
C ILE A 430 27.23 1.60 4.43
N ILE A 431 28.05 2.00 5.40
CA ILE A 431 29.36 2.55 5.10
C ILE A 431 30.40 1.61 5.70
N THR A 432 31.31 1.16 4.85
CA THR A 432 32.36 0.27 5.29
C THR A 432 33.73 0.70 4.76
N GLU A 433 34.74 -0.08 5.11
CA GLU A 433 36.11 0.15 4.70
C GLU A 433 36.23 0.02 3.19
N LYS A 434 35.51 -0.97 2.63
CA LYS A 434 35.56 -1.25 1.21
C LYS A 434 34.56 -0.51 0.32
N ALA A 435 33.33 -0.35 0.79
CA ALA A 435 32.32 0.32 -0.03
C ALA A 435 31.23 1.05 0.73
N VAL A 436 30.27 1.58 -0.05
CA VAL A 436 29.13 2.29 0.47
C VAL A 436 27.89 1.80 -0.27
N PHE A 437 26.94 1.22 0.46
CA PHE A 437 25.73 0.71 -0.14
C PHE A 437 24.51 1.54 0.22
N ASP A 438 23.62 1.75 -0.74
CA ASP A 438 22.38 2.45 -0.47
C ASP A 438 21.41 1.30 -0.24
N VAL A 439 20.40 1.51 0.60
CA VAL A 439 19.46 0.43 0.89
C VAL A 439 17.99 0.82 0.70
N ASP A 440 17.32 0.11 -0.20
CA ASP A 440 15.90 0.34 -0.44
C ASP A 440 15.14 -0.92 -0.02
N ARG A 441 14.07 -0.73 0.74
CA ARG A 441 13.27 -1.84 1.24
C ARG A 441 12.63 -2.70 0.14
N LYS A 442 12.48 -2.14 -1.06
CA LYS A 442 11.90 -2.87 -2.18
C LYS A 442 12.93 -3.24 -3.25
N LYS A 443 13.96 -2.41 -3.38
CA LYS A 443 14.98 -2.65 -4.39
C LYS A 443 16.24 -3.34 -3.87
N GLY A 444 16.42 -3.33 -2.57
CA GLY A 444 17.59 -3.97 -1.97
C GLY A 444 18.89 -3.20 -2.01
N LEU A 445 19.99 -3.89 -1.74
CA LEU A 445 21.32 -3.30 -1.75
C LEU A 445 21.68 -2.70 -3.10
N THR A 446 22.58 -1.72 -3.05
CA THR A 446 23.03 -1.04 -4.26
C THR A 446 24.33 -0.27 -4.00
N LEU A 447 25.43 -0.87 -4.41
CA LEU A 447 26.75 -0.27 -4.26
C LEU A 447 26.71 1.08 -4.96
N ILE A 448 27.13 2.13 -4.25
CA ILE A 448 27.12 3.46 -4.85
C ILE A 448 28.49 4.12 -4.79
N GLU A 449 29.39 3.52 -4.01
CA GLU A 449 30.73 4.04 -3.88
C GLU A 449 31.67 2.88 -3.61
N LEU A 450 32.87 2.96 -4.19
CA LEU A 450 33.87 1.92 -4.02
C LEU A 450 35.22 2.52 -3.64
N TRP A 451 35.91 1.88 -2.70
CA TRP A 451 37.21 2.37 -2.28
C TRP A 451 38.18 2.30 -3.46
N GLU A 452 38.81 3.43 -3.77
CA GLU A 452 39.77 3.52 -4.87
C GLU A 452 40.78 2.39 -4.84
N GLY A 453 40.79 1.58 -5.90
CA GLY A 453 41.72 0.49 -5.96
C GLY A 453 41.06 -0.87 -5.91
N LEU A 454 39.87 -0.93 -5.34
CA LEU A 454 39.12 -2.18 -5.24
C LEU A 454 38.23 -2.33 -6.46
N THR A 455 37.76 -3.56 -6.70
CA THR A 455 36.88 -3.83 -7.83
C THR A 455 35.55 -4.38 -7.36
N VAL A 456 34.57 -4.35 -8.26
CA VAL A 456 33.24 -4.85 -7.93
C VAL A 456 33.34 -6.31 -7.49
N ASP A 457 34.34 -7.03 -8.01
CA ASP A 457 34.54 -8.42 -7.65
C ASP A 457 34.96 -8.51 -6.20
N ASP A 458 35.92 -7.68 -5.81
CA ASP A 458 36.40 -7.68 -4.44
C ASP A 458 35.19 -7.57 -3.52
N ILE A 459 34.31 -6.63 -3.81
CA ILE A 459 33.11 -6.40 -3.02
C ILE A 459 32.26 -7.67 -2.98
N LYS A 460 31.97 -8.20 -4.16
CA LYS A 460 31.17 -9.42 -4.25
C LYS A 460 31.80 -10.54 -3.42
N LYS A 461 33.12 -10.63 -3.43
CA LYS A 461 33.83 -11.65 -2.66
C LYS A 461 33.57 -11.54 -1.16
N SER A 462 33.72 -10.32 -0.62
CA SER A 462 33.52 -10.08 0.81
C SER A 462 32.07 -9.96 1.27
N THR A 463 31.20 -9.50 0.37
CA THR A 463 29.79 -9.32 0.68
C THR A 463 28.96 -10.60 0.73
N GLY A 464 27.98 -10.63 1.62
CA GLY A 464 27.12 -11.78 1.79
C GLY A 464 26.18 -12.04 0.64
N CYS A 465 25.04 -11.35 0.63
CA CYS A 465 24.07 -11.53 -0.44
C CYS A 465 24.38 -10.57 -1.59
N ASP A 466 23.80 -10.87 -2.75
CA ASP A 466 23.99 -10.10 -3.96
C ASP A 466 23.76 -8.61 -3.74
N PHE A 467 23.96 -7.82 -4.79
CA PHE A 467 23.76 -6.39 -4.72
C PHE A 467 23.84 -5.75 -6.10
N ALA A 468 23.09 -4.67 -6.29
CA ALA A 468 23.09 -3.96 -7.56
C ALA A 468 24.29 -3.04 -7.58
N VAL A 469 24.54 -2.41 -8.71
CA VAL A 469 25.65 -1.48 -8.85
C VAL A 469 25.12 -0.20 -9.48
N SER A 470 25.45 0.93 -8.85
CA SER A 470 25.00 2.22 -9.34
C SER A 470 25.76 2.67 -10.58
N PRO A 471 25.03 3.01 -11.66
CA PRO A 471 25.65 3.46 -12.90
C PRO A 471 26.37 4.78 -12.68
N LYS A 472 26.45 5.17 -11.41
CA LYS A 472 27.12 6.40 -11.02
C LYS A 472 28.20 6.07 -10.00
N LEU A 473 28.53 4.78 -9.90
CA LEU A 473 29.55 4.31 -8.97
C LEU A 473 30.76 5.24 -9.02
N ILE A 474 31.31 5.53 -7.84
CA ILE A 474 32.47 6.42 -7.75
C ILE A 474 33.40 5.96 -6.63
N PRO A 475 34.64 6.47 -6.61
CA PRO A 475 35.58 6.09 -5.56
C PRO A 475 35.07 6.63 -4.22
N MET A 476 35.18 5.83 -3.16
CA MET A 476 34.70 6.25 -1.85
C MET A 476 35.27 7.61 -1.43
N GLN A 477 34.37 8.53 -1.08
CA GLN A 477 34.74 9.88 -0.66
C GLN A 477 35.39 9.91 0.73
N GLN A 478 36.07 11.02 1.04
CA GLN A 478 36.74 11.21 2.32
C GLN A 478 36.76 12.71 2.64
N VAL A 479 36.72 13.06 3.92
CA VAL A 479 36.74 14.46 4.33
C VAL A 479 38.15 15.06 4.29
N THR A 480 38.21 16.40 4.22
CA THR A 480 39.45 17.21 4.19
C THR A 480 39.23 18.57 3.52
N THR A 481 39.49 19.64 4.27
CA THR A 481 39.35 21.02 3.81
C THR A 481 38.12 21.26 2.93
N THR B 1 16.28 25.39 12.81
CA THR B 1 15.07 26.24 12.61
C THR B 1 15.38 27.46 11.75
N LYS B 2 14.43 27.82 10.90
CA LYS B 2 14.58 28.96 10.01
C LYS B 2 13.76 30.15 10.50
N PHE B 3 14.39 31.31 10.61
CA PHE B 3 13.70 32.51 11.07
C PHE B 3 13.12 33.31 9.92
N TYR B 4 11.92 33.83 10.11
CA TYR B 4 11.24 34.62 9.10
C TYR B 4 10.96 36.01 9.68
N THR B 5 11.07 37.03 8.83
CA THR B 5 10.79 38.40 9.28
C THR B 5 9.35 38.72 8.94
N ASP B 6 8.77 37.91 8.05
CA ASP B 6 7.39 38.10 7.62
C ASP B 6 6.52 36.86 7.85
N ALA B 7 5.45 37.04 8.64
CA ALA B 7 4.54 35.96 8.99
C ALA B 7 3.84 35.29 7.82
N VAL B 8 3.48 36.07 6.79
CA VAL B 8 2.80 35.48 5.64
C VAL B 8 3.78 34.58 4.88
N GLU B 9 5.04 34.98 4.82
CA GLU B 9 6.03 34.16 4.15
C GLU B 9 6.20 32.80 4.83
N ALA B 10 6.06 32.78 6.15
CA ALA B 10 6.20 31.55 6.94
C ALA B 10 5.08 30.54 6.75
N VAL B 11 3.89 30.99 6.35
CA VAL B 11 2.75 30.10 6.15
C VAL B 11 2.27 30.09 4.70
N LYS B 12 3.03 30.75 3.83
CA LYS B 12 2.68 30.85 2.43
C LYS B 12 2.40 29.54 1.68
N ASP B 13 3.13 28.48 2.04
CA ASP B 13 2.98 27.20 1.36
C ASP B 13 1.93 26.22 1.89
N ILE B 14 1.08 26.67 2.81
CA ILE B 14 0.04 25.77 3.33
C ILE B 14 -0.98 25.53 2.22
N PRO B 15 -1.14 24.27 1.80
CA PRO B 15 -2.08 23.86 0.73
C PRO B 15 -3.52 23.87 1.22
N ASN B 16 -4.46 24.03 0.29
CA ASN B 16 -5.87 24.01 0.67
C ASN B 16 -6.19 22.58 1.11
N GLY B 17 -7.09 22.43 2.07
CA GLY B 17 -7.45 21.11 2.54
C GLY B 17 -6.50 20.54 3.58
N ALA B 18 -5.40 21.24 3.87
CA ALA B 18 -4.43 20.76 4.84
C ALA B 18 -5.03 20.75 6.24
N THR B 19 -4.50 19.89 7.10
CA THR B 19 -4.97 19.86 8.47
C THR B 19 -3.90 20.64 9.24
N VAL B 20 -4.35 21.63 9.99
CA VAL B 20 -3.46 22.52 10.73
C VAL B 20 -3.75 22.49 12.21
N LEU B 21 -2.71 22.32 13.01
CA LEU B 21 -2.86 22.32 14.47
C LEU B 21 -2.75 23.79 14.88
N VAL B 22 -3.69 24.25 15.69
CA VAL B 22 -3.66 25.64 16.14
C VAL B 22 -3.67 25.68 17.65
N GLY B 23 -2.63 26.28 18.22
CA GLY B 23 -2.54 26.34 19.67
C GLY B 23 -3.47 27.34 20.33
N GLY B 24 -3.55 27.24 21.65
CA GLY B 24 -4.38 28.16 22.41
C GLY B 24 -5.50 27.50 23.17
N PHE B 25 -5.89 28.14 24.27
CA PHE B 25 -6.97 27.68 25.11
C PHE B 25 -7.80 28.95 25.27
N GLY B 26 -9.00 28.94 24.70
CA GLY B 26 -9.84 30.13 24.76
C GLY B 26 -9.07 31.15 23.93
N LEU B 27 -8.76 32.31 24.50
CA LEU B 27 -8.00 33.30 23.73
C LEU B 27 -6.59 33.38 24.31
N CYS B 28 -6.28 32.45 25.20
CA CYS B 28 -4.99 32.39 25.88
C CYS B 28 -3.99 31.53 25.11
N GLY B 29 -2.90 32.15 24.67
CA GLY B 29 -1.89 31.43 23.92
C GLY B 29 -2.25 31.16 22.47
N ILE B 30 -3.07 32.02 21.86
CA ILE B 30 -3.42 31.83 20.47
C ILE B 30 -2.41 32.53 19.57
N PRO B 31 -2.09 31.94 18.41
CA PRO B 31 -1.13 32.56 17.49
C PRO B 31 -1.79 33.61 16.60
N GLU B 32 -2.07 34.76 17.19
CA GLU B 32 -2.72 35.89 16.51
C GLU B 32 -2.14 36.20 15.14
N ASN B 33 -0.84 36.48 15.10
CA ASN B 33 -0.18 36.83 13.86
C ASN B 33 -0.23 35.75 12.79
N LEU B 34 -0.09 34.48 13.18
CA LEU B 34 -0.12 33.43 12.19
C LEU B 34 -1.54 33.27 11.65
N ILE B 35 -2.54 33.47 12.51
CA ILE B 35 -3.92 33.37 12.08
C ILE B 35 -4.22 34.52 11.12
N GLY B 36 -3.68 35.70 11.44
CA GLY B 36 -3.87 36.86 10.60
C GLY B 36 -3.22 36.62 9.26
N ALA B 37 -2.12 35.88 9.27
CA ALA B 37 -1.40 35.56 8.04
C ALA B 37 -2.24 34.64 7.15
N LEU B 38 -2.99 33.73 7.77
CA LEU B 38 -3.84 32.81 7.01
C LEU B 38 -4.99 33.57 6.37
N LEU B 39 -5.35 34.68 6.98
CA LEU B 39 -6.42 35.50 6.43
C LEU B 39 -5.90 36.15 5.15
N LYS B 40 -4.62 36.47 5.12
CA LYS B 40 -3.99 37.08 3.94
C LYS B 40 -3.87 36.09 2.78
N THR B 41 -3.35 34.89 3.06
CA THR B 41 -3.17 33.89 2.01
C THR B 41 -4.51 33.35 1.52
N GLY B 42 -5.50 33.34 2.41
CA GLY B 42 -6.82 32.84 2.05
C GLY B 42 -6.95 31.35 1.88
N VAL B 43 -5.96 30.56 2.33
CA VAL B 43 -6.03 29.11 2.22
C VAL B 43 -7.34 28.61 2.78
N LYS B 44 -7.95 27.63 2.12
CA LYS B 44 -9.23 27.13 2.57
C LYS B 44 -9.35 25.61 2.66
N GLU B 45 -10.57 25.17 3.01
CA GLU B 45 -10.89 23.76 3.15
C GLU B 45 -10.00 23.12 4.22
N LEU B 46 -9.59 23.93 5.18
CA LEU B 46 -8.72 23.47 6.25
C LEU B 46 -9.39 22.63 7.31
N THR B 47 -8.63 21.69 7.84
CA THR B 47 -9.11 20.87 8.95
C THR B 47 -8.27 21.46 10.09
N ALA B 48 -8.94 22.21 10.95
CA ALA B 48 -8.27 22.85 12.06
C ALA B 48 -8.41 22.07 13.35
N VAL B 49 -7.26 21.69 13.91
CA VAL B 49 -7.24 20.98 15.18
C VAL B 49 -6.93 22.09 16.20
N SER B 50 -7.95 22.49 16.95
CA SER B 50 -7.80 23.54 17.93
C SER B 50 -8.70 23.20 19.09
N ASN B 51 -8.25 23.42 20.31
CA ASN B 51 -9.08 23.08 21.45
C ASN B 51 -10.44 23.78 21.42
N ASN B 52 -10.40 25.08 21.10
CA ASN B 52 -11.61 25.88 21.03
C ASN B 52 -11.58 26.61 19.68
N ALA B 53 -12.62 27.39 19.42
CA ALA B 53 -12.70 28.14 18.17
C ALA B 53 -12.61 29.65 18.47
N GLY B 54 -11.89 30.01 19.53
CA GLY B 54 -11.74 31.40 19.91
C GLY B 54 -13.12 32.02 20.14
N VAL B 55 -13.32 33.24 19.66
CA VAL B 55 -14.61 33.92 19.77
C VAL B 55 -14.99 34.32 18.37
N ASP B 56 -16.21 34.84 18.20
CA ASP B 56 -16.68 35.26 16.87
C ASP B 56 -15.71 36.13 16.10
N ASN B 57 -15.16 37.14 16.77
CA ASN B 57 -14.26 38.09 16.12
C ASN B 57 -12.79 37.99 16.47
N PHE B 58 -12.36 36.85 16.99
CA PHE B 58 -10.95 36.74 17.33
C PHE B 58 -10.52 35.28 17.44
N GLY B 59 -9.24 35.04 17.16
CA GLY B 59 -8.73 33.68 17.24
C GLY B 59 -9.22 32.90 16.04
N LEU B 60 -9.47 31.61 16.23
CA LEU B 60 -9.92 30.75 15.14
C LEU B 60 -11.23 31.23 14.52
N GLY B 61 -12.05 31.91 15.31
CA GLY B 61 -13.31 32.43 14.82
C GLY B 61 -13.13 33.24 13.55
N LEU B 62 -12.01 33.95 13.46
CA LEU B 62 -11.72 34.75 12.28
C LEU B 62 -11.68 33.92 11.00
N LEU B 63 -11.13 32.71 11.08
CA LEU B 63 -11.05 31.84 9.92
C LEU B 63 -12.42 31.22 9.63
N LEU B 64 -13.30 31.26 10.61
CA LEU B 64 -14.65 30.75 10.43
C LEU B 64 -15.43 31.85 9.70
N GLN B 65 -15.19 33.09 10.10
CA GLN B 65 -15.85 34.26 9.50
C GLN B 65 -15.48 34.32 8.02
N SER B 66 -14.22 34.00 7.71
CA SER B 66 -13.77 34.01 6.33
C SER B 66 -14.05 32.67 5.66
N LYS B 67 -14.69 31.77 6.41
CA LYS B 67 -15.04 30.44 5.93
C LYS B 67 -13.87 29.68 5.30
N GLN B 68 -12.72 29.74 5.95
CA GLN B 68 -11.54 29.04 5.46
C GLN B 68 -11.39 27.67 6.10
N ILE B 69 -12.32 27.33 7.00
CA ILE B 69 -12.29 26.06 7.71
C ILE B 69 -13.37 25.07 7.27
N LYS B 70 -12.95 23.88 6.88
CA LYS B 70 -13.87 22.84 6.45
C LYS B 70 -14.27 21.97 7.64
N ARG B 71 -13.29 21.66 8.50
CA ARG B 71 -13.56 20.83 9.67
C ARG B 71 -12.77 21.28 10.91
N MET B 72 -13.46 21.23 12.05
CA MET B 72 -12.90 21.60 13.33
C MET B 72 -12.83 20.36 14.23
N ILE B 73 -11.67 20.11 14.83
CA ILE B 73 -11.52 19.01 15.76
C ILE B 73 -11.20 19.73 17.06
N SER B 74 -12.17 19.75 17.98
CA SER B 74 -12.04 20.48 19.23
C SER B 74 -12.75 19.77 20.37
N SER B 75 -12.66 20.34 21.57
CA SER B 75 -13.29 19.74 22.74
C SER B 75 -14.43 20.63 23.24
N TYR B 76 -14.36 21.92 22.94
CA TYR B 76 -15.40 22.85 23.37
C TYR B 76 -15.47 24.04 22.44
N VAL B 77 -16.63 24.21 21.82
CA VAL B 77 -16.82 25.29 20.88
C VAL B 77 -17.91 26.28 21.28
N GLY B 78 -18.03 26.52 22.58
CA GLY B 78 -19.03 27.45 23.08
C GLY B 78 -18.59 28.89 22.88
N GLU B 79 -19.42 29.82 23.32
CA GLU B 79 -19.12 31.24 23.21
C GLU B 79 -18.70 31.71 21.81
N ASN B 80 -19.38 31.17 20.80
CA ASN B 80 -19.11 31.54 19.41
C ASN B 80 -20.32 31.17 18.57
N ALA B 81 -21.20 32.15 18.36
CA ALA B 81 -22.42 31.98 17.59
C ALA B 81 -22.19 31.65 16.13
N GLU B 82 -21.12 32.18 15.55
CA GLU B 82 -20.80 31.92 14.15
C GLU B 82 -20.59 30.42 13.94
N PHE B 83 -19.86 29.80 14.86
CA PHE B 83 -19.62 28.37 14.77
C PHE B 83 -20.95 27.64 14.72
N GLU B 84 -21.80 27.90 15.72
CA GLU B 84 -23.12 27.28 15.80
C GLU B 84 -23.86 27.44 14.48
N ARG B 85 -23.84 28.65 13.94
CA ARG B 85 -24.50 28.96 12.68
C ARG B 85 -24.04 28.01 11.57
N GLN B 86 -22.74 28.06 11.26
CA GLN B 86 -22.16 27.23 10.22
C GLN B 86 -22.29 25.74 10.50
N TYR B 87 -22.21 25.37 11.77
CA TYR B 87 -22.31 23.98 12.18
C TYR B 87 -23.71 23.41 11.90
N LEU B 88 -24.73 24.11 12.38
CA LEU B 88 -26.11 23.67 12.19
C LEU B 88 -26.54 23.71 10.73
N ALA B 89 -26.20 24.80 10.04
CA ALA B 89 -26.56 24.94 8.63
C ALA B 89 -25.97 23.80 7.81
N GLY B 90 -25.10 23.01 8.45
CA GLY B 90 -24.49 21.89 7.76
C GLY B 90 -23.42 22.31 6.78
N GLU B 91 -22.76 23.42 7.07
CA GLU B 91 -21.70 23.93 6.21
C GLU B 91 -20.35 23.76 6.90
N LEU B 92 -20.38 23.29 8.14
CA LEU B 92 -19.14 23.08 8.90
C LEU B 92 -19.07 21.69 9.56
N GLU B 93 -17.95 21.00 9.35
CA GLU B 93 -17.73 19.68 9.94
C GLU B 93 -17.06 19.87 11.30
N VAL B 94 -17.44 19.05 12.27
CA VAL B 94 -16.82 19.16 13.59
C VAL B 94 -16.79 17.89 14.40
N GLU B 95 -15.59 17.54 14.86
CA GLU B 95 -15.39 16.37 15.68
C GLU B 95 -15.17 16.82 17.11
N LEU B 96 -16.17 16.63 17.95
CA LEU B 96 -16.07 17.00 19.35
C LEU B 96 -15.37 15.88 20.09
N THR B 97 -14.12 16.13 20.46
CA THR B 97 -13.32 15.14 21.14
C THR B 97 -12.89 15.62 22.53
N PRO B 98 -12.96 14.73 23.53
CA PRO B 98 -12.56 15.11 24.89
C PRO B 98 -11.21 15.82 24.90
N GLN B 99 -11.11 16.88 25.71
CA GLN B 99 -9.91 17.69 25.81
C GLN B 99 -8.65 16.86 26.13
N GLY B 100 -8.73 16.05 27.17
CA GLY B 100 -7.61 15.21 27.54
C GLY B 100 -7.22 14.27 26.41
N THR B 101 -8.23 13.76 25.73
CA THR B 101 -8.01 12.84 24.63
C THR B 101 -7.37 13.59 23.47
N LEU B 102 -7.85 14.80 23.22
CA LEU B 102 -7.32 15.62 22.15
C LEU B 102 -5.83 15.88 22.40
N ALA B 103 -5.51 16.26 23.64
CA ALA B 103 -4.13 16.54 24.02
C ALA B 103 -3.25 15.30 23.86
N GLU B 104 -3.73 14.16 24.35
CA GLU B 104 -2.99 12.91 24.28
C GLU B 104 -2.86 12.36 22.86
N ARG B 105 -3.87 12.58 22.03
CA ARG B 105 -3.80 12.09 20.64
C ARG B 105 -2.76 12.90 19.89
N ILE B 106 -2.63 14.18 20.25
CA ILE B 106 -1.67 15.04 19.60
C ILE B 106 -0.27 14.66 20.03
N ARG B 107 -0.11 14.40 21.33
CA ARG B 107 1.20 14.00 21.82
C ARG B 107 1.62 12.69 21.14
N ALA B 108 0.69 11.73 21.08
CA ALA B 108 0.97 10.45 20.43
C ALA B 108 1.46 10.69 19.01
N GLY B 109 0.83 11.65 18.33
CA GLY B 109 1.20 11.95 16.97
C GLY B 109 2.63 12.45 16.84
N GLY B 110 3.14 13.07 17.89
CA GLY B 110 4.51 13.55 17.83
C GLY B 110 5.51 12.55 18.42
N ALA B 111 5.00 11.60 19.20
CA ALA B 111 5.84 10.62 19.86
C ALA B 111 5.99 9.29 19.15
N GLY B 112 5.37 9.17 17.96
CA GLY B 112 5.48 7.93 17.22
C GLY B 112 4.52 6.84 17.69
N VAL B 113 3.52 7.24 18.46
CA VAL B 113 2.52 6.30 18.93
C VAL B 113 1.25 6.49 18.08
N PRO B 114 0.88 5.47 17.31
CA PRO B 114 -0.32 5.52 16.45
C PRO B 114 -1.65 5.42 17.18
N ALA B 115 -1.65 4.77 18.34
CA ALA B 115 -2.88 4.63 19.09
C ALA B 115 -2.63 4.21 20.53
N PHE B 116 -3.58 4.51 21.40
CA PHE B 116 -3.46 4.18 22.81
C PHE B 116 -4.87 4.04 23.39
N TYR B 117 -4.94 3.60 24.65
CA TYR B 117 -6.23 3.46 25.33
C TYR B 117 -6.40 4.47 26.46
N THR B 118 -7.66 4.83 26.71
CA THR B 118 -8.05 5.78 27.76
C THR B 118 -9.48 5.48 28.15
N SER B 119 -9.82 5.67 29.42
CA SER B 119 -11.18 5.41 29.87
C SER B 119 -12.11 6.61 29.59
N THR B 120 -11.51 7.72 29.16
CA THR B 120 -12.27 8.93 28.86
C THR B 120 -13.21 8.73 27.67
N GLY B 121 -14.50 8.90 27.92
CA GLY B 121 -15.47 8.73 26.85
C GLY B 121 -16.12 7.36 26.85
N TYR B 122 -15.71 6.50 27.77
CA TYR B 122 -16.30 5.18 27.82
C TYR B 122 -17.75 5.28 28.27
N GLY B 123 -18.64 4.56 27.57
CA GLY B 123 -20.05 4.60 27.91
C GLY B 123 -20.59 5.97 27.57
N THR B 124 -20.09 6.51 26.46
CA THR B 124 -20.46 7.84 25.99
C THR B 124 -20.61 7.79 24.48
N LEU B 125 -21.19 8.82 23.88
CA LEU B 125 -21.34 8.85 22.44
C LEU B 125 -19.97 8.90 21.79
N VAL B 126 -18.95 9.23 22.58
CA VAL B 126 -17.59 9.28 22.04
C VAL B 126 -17.27 7.84 21.69
N GLN B 127 -17.55 6.96 22.64
CA GLN B 127 -17.30 5.54 22.49
C GLN B 127 -18.35 4.87 21.60
N GLU B 128 -19.62 5.09 21.94
CA GLU B 128 -20.73 4.49 21.22
C GLU B 128 -20.82 4.96 19.78
N GLY B 129 -20.39 6.18 19.53
CA GLY B 129 -20.45 6.71 18.18
C GLY B 129 -21.85 7.20 17.84
N GLY B 130 -22.03 7.67 16.61
CA GLY B 130 -23.34 8.15 16.21
C GLY B 130 -23.46 9.65 16.33
N SER B 131 -22.54 10.25 17.09
CA SER B 131 -22.52 11.69 17.28
C SER B 131 -22.46 12.41 15.93
N PRO B 132 -23.30 13.43 15.73
CA PRO B 132 -23.31 14.18 14.47
C PRO B 132 -22.06 15.00 14.23
N ILE B 133 -21.29 14.62 13.22
CA ILE B 133 -20.07 15.33 12.85
C ILE B 133 -20.47 16.43 11.87
N LYS B 134 -21.51 16.16 11.08
CA LYS B 134 -22.01 17.11 10.11
C LYS B 134 -23.51 16.96 9.85
N TYR B 135 -24.19 18.08 9.70
CA TYR B 135 -25.62 18.10 9.42
C TYR B 135 -25.83 18.44 7.94
N ASN B 136 -27.03 18.18 7.45
CA ASN B 136 -27.36 18.47 6.06
C ASN B 136 -28.11 19.78 5.97
N LYS B 137 -28.21 20.33 4.77
CA LYS B 137 -28.89 21.60 4.55
C LYS B 137 -30.35 21.57 5.00
N ASP B 138 -30.56 21.60 6.31
CA ASP B 138 -31.88 21.58 6.93
C ASP B 138 -31.80 21.24 8.42
N GLY B 139 -31.58 19.96 8.72
CA GLY B 139 -31.49 19.53 10.10
C GLY B 139 -31.16 18.04 10.21
N SER B 140 -30.97 17.40 9.07
CA SER B 140 -30.66 15.97 9.03
C SER B 140 -29.14 15.72 9.13
N ILE B 141 -28.76 14.64 9.80
CA ILE B 141 -27.35 14.31 9.98
C ILE B 141 -26.74 13.67 8.74
N ALA B 142 -25.70 14.32 8.21
CA ALA B 142 -25.01 13.82 7.04
C ALA B 142 -23.94 12.82 7.48
N ILE B 143 -22.95 13.30 8.23
CA ILE B 143 -21.87 12.43 8.70
C ILE B 143 -21.99 12.20 10.20
N ALA B 144 -21.82 10.95 10.61
CA ALA B 144 -21.88 10.60 12.02
C ALA B 144 -20.51 10.15 12.47
N SER B 145 -20.29 10.10 13.78
CA SER B 145 -19.01 9.67 14.31
C SER B 145 -18.95 8.16 14.42
N LYS B 146 -17.79 7.60 14.06
CA LYS B 146 -17.59 6.15 14.14
C LYS B 146 -17.31 5.75 15.59
N PRO B 147 -17.74 4.55 15.98
CA PRO B 147 -17.55 4.03 17.35
C PRO B 147 -16.07 3.86 17.67
N ARG B 148 -15.76 3.80 18.96
CA ARG B 148 -14.39 3.61 19.42
C ARG B 148 -14.27 2.18 19.95
N GLU B 149 -13.25 1.46 19.50
CA GLU B 149 -13.05 0.09 19.97
C GLU B 149 -12.92 0.08 21.47
N VAL B 150 -13.53 -0.91 22.12
CA VAL B 150 -13.45 -1.01 23.57
C VAL B 150 -12.60 -2.21 23.95
N ARG B 151 -11.89 -2.09 25.06
CA ARG B 151 -11.05 -3.18 25.54
C ARG B 151 -10.88 -3.07 27.04
N GLU B 152 -10.79 -4.21 27.70
CA GLU B 152 -10.66 -4.24 29.15
C GLU B 152 -9.22 -4.48 29.57
N PHE B 153 -8.82 -3.80 30.64
CA PHE B 153 -7.48 -3.90 31.18
C PHE B 153 -7.58 -3.83 32.69
N ASN B 154 -7.07 -4.85 33.36
CA ASN B 154 -7.10 -4.90 34.82
C ASN B 154 -8.51 -4.62 35.33
N GLY B 155 -9.49 -5.27 34.72
CA GLY B 155 -10.87 -5.12 35.13
C GLY B 155 -11.58 -3.82 34.80
N GLN B 156 -10.97 -2.95 34.02
CA GLN B 156 -11.64 -1.69 33.67
C GLN B 156 -11.74 -1.56 32.15
N HIS B 157 -12.72 -0.79 31.68
CA HIS B 157 -12.91 -0.60 30.24
C HIS B 157 -12.30 0.69 29.69
N PHE B 158 -11.60 0.57 28.56
CA PHE B 158 -10.97 1.73 27.92
C PHE B 158 -11.30 1.72 26.44
N ILE B 159 -11.16 2.87 25.79
CA ILE B 159 -11.42 2.93 24.37
C ILE B 159 -10.15 3.31 23.64
N LEU B 160 -10.02 2.85 22.40
CA LEU B 160 -8.85 3.12 21.59
C LEU B 160 -8.98 4.43 20.82
N GLU B 161 -7.95 5.27 20.94
CA GLU B 161 -7.91 6.54 20.25
C GLU B 161 -6.65 6.55 19.39
N GLU B 162 -6.73 7.20 18.24
CA GLU B 162 -5.59 7.25 17.34
C GLU B 162 -4.87 8.59 17.36
N ALA B 163 -3.58 8.54 17.04
CA ALA B 163 -2.76 9.72 17.02
C ALA B 163 -3.31 10.76 16.05
N ILE B 164 -3.05 12.02 16.35
CA ILE B 164 -3.45 13.12 15.50
C ILE B 164 -2.18 13.82 15.08
N ARG B 165 -2.05 14.07 13.78
CA ARG B 165 -0.90 14.78 13.25
C ARG B 165 -1.41 15.81 12.26
N GLY B 166 -0.61 16.83 12.02
CA GLY B 166 -1.02 17.85 11.09
C GLY B 166 0.05 18.10 10.05
N ASP B 167 -0.33 18.78 8.97
CA ASP B 167 0.61 19.11 7.93
C ASP B 167 1.39 20.29 8.47
N PHE B 168 0.67 21.16 9.18
CA PHE B 168 1.28 22.34 9.78
C PHE B 168 0.74 22.54 11.20
N ALA B 169 1.53 23.27 11.98
CA ALA B 169 1.17 23.61 13.35
C ALA B 169 1.44 25.10 13.48
N LEU B 170 0.46 25.84 13.98
CA LEU B 170 0.60 27.28 14.18
C LEU B 170 0.63 27.41 15.68
N VAL B 171 1.82 27.70 16.20
CA VAL B 171 2.05 27.79 17.63
C VAL B 171 2.43 29.17 18.14
N LYS B 172 1.90 29.51 19.31
CA LYS B 172 2.20 30.77 19.97
C LYS B 172 3.11 30.49 21.17
N ALA B 173 4.26 31.16 21.24
CA ALA B 173 5.17 30.97 22.36
C ALA B 173 5.63 32.33 22.89
N TRP B 174 6.30 32.33 24.04
CA TRP B 174 6.77 33.55 24.67
C TRP B 174 8.08 34.08 24.08
N LYS B 175 9.14 33.30 24.24
CA LYS B 175 10.43 33.69 23.71
C LYS B 175 11.10 32.57 22.94
N ALA B 176 12.05 32.95 22.10
CA ALA B 176 12.82 32.01 21.33
C ALA B 176 14.24 32.55 21.36
N ASP B 177 15.23 31.68 21.53
CA ASP B 177 16.60 32.14 21.52
C ASP B 177 17.01 32.08 20.07
N GLN B 178 18.22 32.50 19.75
CA GLN B 178 18.70 32.51 18.38
C GLN B 178 18.96 31.13 17.80
N ALA B 179 18.94 30.12 18.67
CA ALA B 179 19.17 28.75 18.23
C ALA B 179 17.86 28.09 17.80
N GLY B 180 16.75 28.64 18.29
CA GLY B 180 15.45 28.10 17.95
C GLY B 180 14.69 27.52 19.12
N ASN B 181 15.29 27.50 20.30
CA ASN B 181 14.60 26.97 21.48
C ASN B 181 13.50 27.95 21.91
N VAL B 182 12.40 27.43 22.45
CA VAL B 182 11.33 28.31 22.88
C VAL B 182 10.75 27.99 24.26
N THR B 183 10.15 29.01 24.85
CA THR B 183 9.54 28.91 26.17
C THR B 183 8.14 29.52 26.11
N PHE B 184 7.28 29.13 27.05
CA PHE B 184 5.91 29.63 27.11
C PHE B 184 5.69 30.31 28.45
N ARG B 185 4.83 31.32 28.45
CA ARG B 185 4.53 32.10 29.63
C ARG B 185 3.24 31.66 30.30
N LYS B 186 3.31 31.43 31.59
CA LYS B 186 2.16 31.00 32.37
C LYS B 186 1.27 29.95 31.71
N SER B 187 -0.04 30.14 31.77
CA SER B 187 -0.95 29.17 31.20
C SER B 187 -1.20 29.32 29.70
N ALA B 188 -0.41 30.16 29.03
CA ALA B 188 -0.56 30.36 27.60
C ALA B 188 0.10 29.19 26.86
N ARG B 189 0.52 28.21 27.64
CA ARG B 189 1.20 26.99 27.19
C ARG B 189 0.22 26.01 26.57
N ASN B 190 -0.70 25.52 27.39
CA ASN B 190 -1.74 24.58 26.98
C ASN B 190 -1.41 23.66 25.80
N PHE B 191 -2.10 23.82 24.68
CA PHE B 191 -1.87 22.95 23.53
C PHE B 191 -0.68 23.29 22.64
N ASN B 192 -0.13 24.48 22.78
CA ASN B 192 1.01 24.91 21.97
C ASN B 192 2.20 23.95 22.08
N LEU B 193 2.50 23.51 23.29
CA LEU B 193 3.66 22.65 23.48
C LEU B 193 3.54 21.33 22.70
N PRO B 194 2.51 20.51 22.99
CA PRO B 194 2.42 19.24 22.24
C PRO B 194 2.20 19.41 20.74
N MET B 195 1.41 20.40 20.34
CA MET B 195 1.15 20.61 18.92
C MET B 195 2.45 20.89 18.18
N CYS B 196 3.42 21.39 18.91
CA CYS B 196 4.70 21.73 18.33
C CYS B 196 5.50 20.50 17.91
N LYS B 197 5.04 19.33 18.32
CA LYS B 197 5.76 18.11 18.02
C LYS B 197 5.02 17.20 17.06
N ALA B 198 3.77 17.54 16.72
CA ALA B 198 2.96 16.65 15.88
C ALA B 198 2.62 17.07 14.46
N ALA B 199 3.47 17.88 13.84
CA ALA B 199 3.19 18.33 12.47
C ALA B 199 4.43 18.25 11.61
N GLU B 200 4.22 18.06 10.32
CA GLU B 200 5.31 17.97 9.36
C GLU B 200 6.09 19.27 9.40
N THR B 201 5.37 20.38 9.49
CA THR B 201 5.98 21.70 9.55
C THR B 201 5.37 22.53 10.66
N THR B 202 6.20 22.93 11.61
CA THR B 202 5.71 23.72 12.72
C THR B 202 6.17 25.17 12.54
N VAL B 203 5.23 26.09 12.75
CA VAL B 203 5.50 27.52 12.64
C VAL B 203 5.20 28.11 14.01
N VAL B 204 6.21 28.73 14.61
CA VAL B 204 6.09 29.32 15.94
C VAL B 204 6.25 30.84 15.89
N GLU B 205 5.33 31.54 16.53
CA GLU B 205 5.45 32.98 16.60
C GLU B 205 5.73 33.29 18.06
N VAL B 206 6.64 34.23 18.30
CA VAL B 206 7.01 34.60 19.65
C VAL B 206 6.97 36.11 19.85
N GLU B 207 6.82 36.52 21.11
CA GLU B 207 6.77 37.93 21.43
C GLU B 207 8.15 38.55 21.45
N GLU B 208 9.16 37.72 21.71
CA GLU B 208 10.52 38.23 21.79
C GLU B 208 11.56 37.17 21.44
N ILE B 209 12.64 37.62 20.80
CA ILE B 209 13.73 36.73 20.42
C ILE B 209 14.96 37.14 21.21
N VAL B 210 15.48 36.24 22.02
CA VAL B 210 16.63 36.55 22.83
C VAL B 210 17.88 35.81 22.36
N ASP B 211 19.00 36.04 23.04
CA ASP B 211 20.25 35.41 22.66
C ASP B 211 20.41 34.00 23.21
N ILE B 212 21.17 33.19 22.49
CA ILE B 212 21.41 31.84 22.96
C ILE B 212 22.11 32.02 24.30
N GLY B 213 21.64 31.33 25.33
CA GLY B 213 22.25 31.50 26.62
C GLY B 213 21.30 32.19 27.58
N SER B 214 20.23 32.77 27.05
CA SER B 214 19.24 33.44 27.90
C SER B 214 18.49 32.40 28.71
N PHE B 215 18.38 31.19 28.15
CA PHE B 215 17.67 30.11 28.82
C PHE B 215 18.61 29.13 29.52
N ALA B 216 18.16 28.60 30.65
CA ALA B 216 18.94 27.59 31.34
C ALA B 216 18.61 26.35 30.46
N PRO B 217 19.61 25.48 30.21
CA PRO B 217 19.37 24.28 29.39
C PRO B 217 18.22 23.41 29.91
N GLU B 218 18.08 23.36 31.24
CA GLU B 218 17.03 22.58 31.87
C GLU B 218 15.65 23.19 31.74
N ASP B 219 15.58 24.46 31.38
CA ASP B 219 14.30 25.14 31.29
C ASP B 219 13.79 25.52 29.92
N ILE B 220 14.20 24.78 28.91
CA ILE B 220 13.74 25.03 27.56
C ILE B 220 12.48 24.16 27.39
N HIS B 221 11.32 24.79 27.26
CA HIS B 221 10.06 24.07 27.13
C HIS B 221 9.97 23.30 25.83
N ILE B 222 10.44 23.91 24.75
CA ILE B 222 10.42 23.27 23.44
C ILE B 222 11.80 23.37 22.81
N PRO B 223 12.51 22.24 22.70
CA PRO B 223 13.84 22.25 22.09
C PRO B 223 13.75 22.60 20.62
N LYS B 224 14.74 23.33 20.13
CA LYS B 224 14.81 23.76 18.74
C LYS B 224 14.48 22.69 17.71
N ILE B 225 14.82 21.43 18.00
CA ILE B 225 14.55 20.35 17.06
C ILE B 225 13.09 20.34 16.57
N TYR B 226 12.17 20.78 17.43
CA TYR B 226 10.75 20.81 17.08
C TYR B 226 10.31 22.09 16.36
N VAL B 227 11.13 23.13 16.41
CA VAL B 227 10.78 24.41 15.81
C VAL B 227 11.33 24.56 14.40
N HIS B 228 10.49 24.35 13.39
CA HIS B 228 10.92 24.43 12.00
C HIS B 228 10.98 25.87 11.48
N ARG B 229 9.92 26.63 11.75
CA ARG B 229 9.88 28.02 11.31
C ARG B 229 9.56 28.90 12.49
N LEU B 230 10.30 29.99 12.62
CA LEU B 230 10.13 30.91 13.73
C LEU B 230 9.94 32.33 13.25
N VAL B 231 8.97 33.01 13.85
CA VAL B 231 8.71 34.39 13.48
C VAL B 231 8.34 35.22 14.69
N LYS B 232 8.78 36.46 14.71
CA LYS B 232 8.47 37.35 15.81
C LYS B 232 7.16 38.04 15.44
N GLY B 233 6.13 37.84 16.26
CA GLY B 233 4.84 38.46 16.01
C GLY B 233 4.87 39.97 15.95
N GLU B 234 4.29 40.53 14.90
CA GLU B 234 4.23 41.98 14.71
C GLU B 234 3.50 42.73 15.81
N LYS B 235 2.31 42.27 16.14
CA LYS B 235 1.52 42.90 17.17
C LYS B 235 0.84 41.87 18.04
N TYR B 236 0.55 42.25 19.28
CA TYR B 236 -0.10 41.35 20.19
C TYR B 236 -1.18 42.04 20.99
N GLU B 237 -2.41 41.66 20.71
CA GLU B 237 -3.56 42.20 21.43
C GLU B 237 -3.77 41.26 22.61
N LYS B 238 -3.43 41.73 23.80
CA LYS B 238 -3.57 40.92 24.99
C LYS B 238 -5.06 40.82 25.33
N ARG B 239 -5.83 40.26 24.39
CA ARG B 239 -7.26 40.12 24.58
C ARG B 239 -7.67 39.18 25.70
N ILE B 240 -8.67 39.61 26.46
CA ILE B 240 -9.23 38.86 27.57
C ILE B 240 -10.65 38.48 27.17
N GLU B 241 -11.04 37.24 27.40
CA GLU B 241 -12.38 36.83 27.05
C GLU B 241 -13.31 37.20 28.19
N ARG B 242 -12.93 36.85 29.41
CA ARG B 242 -13.73 37.13 30.59
C ARG B 242 -12.90 37.78 31.70
N LEU B 243 -13.03 39.11 31.82
CA LEU B 243 -12.31 39.84 32.85
C LEU B 243 -12.98 39.62 34.19
N SER B 244 -12.29 38.93 35.10
CA SER B 244 -12.84 38.67 36.41
C SER B 244 -11.96 39.35 37.46
N VAL B 245 -12.21 40.62 37.67
CA VAL B 245 -11.45 41.40 38.63
C VAL B 245 -12.07 41.39 40.02
N ARG B 246 -11.21 41.44 41.02
CA ARG B 246 -11.64 41.43 42.41
C ARG B 246 -11.52 42.85 42.96
N LYS B 247 -12.30 43.16 43.98
CA LYS B 247 -12.25 44.49 44.59
C LYS B 247 -12.40 44.41 46.11
N ASN B 261 -30.32 31.69 50.80
CA ASN B 261 -30.38 31.31 49.39
C ASN B 261 -30.29 29.80 49.19
N VAL B 262 -30.79 29.34 48.04
CA VAL B 262 -30.75 27.94 47.68
C VAL B 262 -29.30 27.64 47.33
N ARG B 263 -28.72 28.52 46.51
CA ARG B 263 -27.34 28.41 46.06
C ARG B 263 -26.40 28.42 47.25
N GLU B 264 -26.70 29.26 48.24
CA GLU B 264 -25.87 29.37 49.44
C GLU B 264 -25.82 28.10 50.27
N ARG B 265 -26.93 27.37 50.34
CA ARG B 265 -26.96 26.11 51.10
C ARG B 265 -25.95 25.13 50.53
N ILE B 266 -26.11 24.84 49.23
CA ILE B 266 -25.24 23.91 48.53
C ILE B 266 -23.77 24.26 48.71
N ILE B 267 -23.45 25.53 48.50
CA ILE B 267 -22.08 26.03 48.63
C ILE B 267 -21.53 25.75 50.02
N LYS B 268 -22.28 26.13 51.04
CA LYS B 268 -21.87 25.94 52.42
C LYS B 268 -21.72 24.45 52.78
N ARG B 269 -22.32 23.58 51.98
CA ARG B 269 -22.23 22.14 52.21
C ARG B 269 -21.06 21.55 51.43
N ALA B 270 -20.92 21.99 50.18
CA ALA B 270 -19.84 21.51 49.32
C ALA B 270 -18.50 21.87 49.97
N ALA B 271 -18.47 23.01 50.66
CA ALA B 271 -17.27 23.49 51.32
C ALA B 271 -16.77 22.51 52.38
N LEU B 272 -17.63 21.58 52.79
CA LEU B 272 -17.26 20.60 53.79
C LEU B 272 -16.57 19.40 53.17
N GLU B 273 -16.54 19.38 51.83
CA GLU B 273 -15.90 18.28 51.10
C GLU B 273 -14.38 18.47 51.00
N PHE B 274 -13.90 19.69 51.25
CA PHE B 274 -12.47 19.98 51.18
C PHE B 274 -11.71 19.44 52.39
N GLU B 275 -10.44 19.13 52.17
CA GLU B 275 -9.58 18.59 53.22
C GLU B 275 -8.17 19.15 53.08
N ASP B 276 -7.48 19.27 54.21
CA ASP B 276 -6.12 19.79 54.24
C ASP B 276 -5.17 18.96 53.40
N GLY B 277 -4.39 19.62 52.55
CA GLY B 277 -3.43 18.94 51.69
C GLY B 277 -4.07 18.27 50.49
N MET B 278 -5.36 18.54 50.28
CA MET B 278 -6.10 17.96 49.17
C MET B 278 -5.83 18.65 47.84
N TYR B 279 -5.81 17.87 46.77
CA TYR B 279 -5.62 18.39 45.42
C TYR B 279 -6.97 18.26 44.78
N ALA B 280 -7.52 19.39 44.32
CA ALA B 280 -8.84 19.37 43.71
C ALA B 280 -8.97 20.21 42.46
N ASN B 281 -9.94 19.82 41.64
CA ASN B 281 -10.27 20.55 40.42
C ASN B 281 -11.74 20.93 40.59
N LEU B 282 -12.01 22.23 40.59
CA LEU B 282 -13.36 22.74 40.78
C LEU B 282 -13.90 23.46 39.55
N GLY B 283 -15.10 23.08 39.13
CA GLY B 283 -15.71 23.71 37.97
C GLY B 283 -16.22 25.10 38.32
N ILE B 284 -16.20 26.01 37.36
CA ILE B 284 -16.68 27.36 37.62
C ILE B 284 -18.15 27.26 38.04
N GLY B 285 -18.55 28.13 38.96
CA GLY B 285 -19.91 28.10 39.44
C GLY B 285 -19.86 27.81 40.92
N ILE B 286 -20.83 27.04 41.41
CA ILE B 286 -20.86 26.71 42.81
C ILE B 286 -19.61 25.98 43.32
N PRO B 287 -19.05 25.05 42.51
CA PRO B 287 -17.85 24.34 42.99
C PRO B 287 -16.73 25.32 43.33
N LEU B 288 -16.40 26.18 42.36
CA LEU B 288 -15.33 27.16 42.56
C LEU B 288 -15.68 28.11 43.70
N LEU B 289 -16.92 28.60 43.72
CA LEU B 289 -17.37 29.52 44.76
C LEU B 289 -17.19 28.93 46.15
N ALA B 290 -17.31 27.61 46.24
CA ALA B 290 -17.16 26.93 47.53
C ALA B 290 -15.76 27.08 48.10
N SER B 291 -14.77 27.22 47.22
CA SER B 291 -13.39 27.36 47.66
C SER B 291 -13.18 28.62 48.50
N ASN B 292 -14.10 29.58 48.39
CA ASN B 292 -14.00 30.82 49.15
C ASN B 292 -14.27 30.59 50.62
N PHE B 293 -14.92 29.48 50.94
CA PHE B 293 -15.25 29.16 52.32
C PHE B 293 -14.30 28.12 52.89
N ILE B 294 -13.06 28.13 52.43
CA ILE B 294 -12.07 27.18 52.91
C ILE B 294 -11.28 27.78 54.07
N SER B 295 -11.30 27.08 55.21
CA SER B 295 -10.60 27.55 56.41
C SER B 295 -9.15 27.93 56.08
N PRO B 296 -8.74 29.15 56.51
CA PRO B 296 -7.38 29.62 56.25
C PRO B 296 -6.33 28.68 56.81
N ASN B 297 -6.73 27.85 57.76
CA ASN B 297 -5.82 26.89 58.37
C ASN B 297 -5.72 25.64 57.51
N MET B 298 -6.70 25.46 56.63
CA MET B 298 -6.74 24.31 55.74
C MET B 298 -6.05 24.66 54.41
N THR B 299 -5.26 23.72 53.90
CA THR B 299 -4.55 23.95 52.64
C THR B 299 -5.12 23.08 51.53
N VAL B 300 -5.64 23.73 50.49
CA VAL B 300 -6.20 23.02 49.35
C VAL B 300 -5.54 23.52 48.07
N HIS B 301 -5.05 22.58 47.27
CA HIS B 301 -4.40 22.94 46.02
C HIS B 301 -5.34 22.75 44.85
N LEU B 302 -5.66 23.86 44.19
CA LEU B 302 -6.57 23.85 43.05
C LEU B 302 -5.83 23.68 41.73
N GLN B 303 -6.27 22.68 40.97
CA GLN B 303 -5.69 22.37 39.67
C GLN B 303 -6.63 22.89 38.57
N SER B 304 -6.06 23.32 37.45
CA SER B 304 -6.84 23.83 36.34
C SER B 304 -6.41 23.05 35.13
N GLU B 305 -7.37 22.44 34.44
CA GLU B 305 -7.08 21.60 33.28
C GLU B 305 -6.32 22.27 32.15
N ASN B 306 -6.25 23.60 32.13
CA ASN B 306 -5.52 24.26 31.04
C ASN B 306 -4.02 24.38 31.37
N GLY B 307 -3.63 23.75 32.48
CA GLY B 307 -2.22 23.73 32.86
C GLY B 307 -1.76 24.50 34.07
N ILE B 308 -2.55 24.51 35.15
CA ILE B 308 -2.15 25.24 36.35
C ILE B 308 -2.34 24.47 37.64
N LEU B 309 -1.39 24.62 38.56
CA LEU B 309 -1.49 24.00 39.86
C LEU B 309 -1.22 25.09 40.89
N GLY B 310 -2.21 25.37 41.72
CA GLY B 310 -2.05 26.41 42.71
C GLY B 310 -2.80 27.68 42.35
N LEU B 311 -3.99 27.53 41.79
CA LEU B 311 -4.81 28.67 41.41
C LEU B 311 -5.10 29.57 42.61
N GLY B 312 -4.98 30.88 42.40
CA GLY B 312 -5.25 31.83 43.45
C GLY B 312 -6.56 32.56 43.19
N PRO B 313 -6.81 33.68 43.89
CA PRO B 313 -8.04 34.48 43.73
C PRO B 313 -8.07 35.26 42.43
N TYR B 314 -9.22 35.87 42.14
CA TYR B 314 -9.33 36.67 40.94
C TYR B 314 -8.40 37.85 41.19
N PRO B 315 -7.75 38.35 40.14
CA PRO B 315 -6.82 39.47 40.26
C PRO B 315 -7.43 40.83 40.50
N LEU B 316 -6.59 41.73 41.02
CA LEU B 316 -6.98 43.11 41.24
C LEU B 316 -6.75 43.68 39.84
N GLN B 317 -7.34 44.83 39.55
CA GLN B 317 -7.19 45.42 38.23
C GLN B 317 -5.74 45.40 37.73
N ASN B 318 -4.79 45.65 38.62
CA ASN B 318 -3.38 45.67 38.25
C ASN B 318 -2.70 44.31 38.15
N GLU B 319 -3.36 43.27 38.66
CA GLU B 319 -2.82 41.91 38.57
C GLU B 319 -3.20 41.22 37.26
N VAL B 320 -4.31 41.64 36.68
CA VAL B 320 -4.79 41.05 35.43
C VAL B 320 -3.73 40.69 34.40
N ASP B 321 -3.77 39.45 33.94
CA ASP B 321 -2.82 38.96 32.94
C ASP B 321 -3.55 38.08 31.94
N ALA B 322 -3.42 38.42 30.66
CA ALA B 322 -4.06 37.65 29.60
C ALA B 322 -3.49 36.23 29.44
N ASP B 323 -2.26 36.02 29.90
CA ASP B 323 -1.66 34.69 29.81
C ASP B 323 -2.07 33.82 30.96
N LEU B 324 -2.88 34.34 31.87
CA LEU B 324 -3.31 33.58 33.02
C LEU B 324 -4.82 33.56 33.25
N ILE B 325 -5.46 32.43 32.93
CA ILE B 325 -6.91 32.27 33.10
C ILE B 325 -7.21 30.86 33.57
N ASN B 326 -8.41 30.64 34.10
CA ASN B 326 -8.77 29.31 34.56
C ASN B 326 -9.49 28.55 33.43
N ALA B 327 -9.92 27.33 33.70
CA ALA B 327 -10.59 26.53 32.69
C ALA B 327 -11.88 27.19 32.23
N GLY B 328 -12.48 27.98 33.12
CA GLY B 328 -13.71 28.68 32.78
C GLY B 328 -13.44 29.93 31.95
N LYS B 329 -12.20 30.10 31.52
CA LYS B 329 -11.81 31.25 30.71
C LYS B 329 -11.71 32.59 31.47
N GLU B 330 -11.76 32.54 32.80
CA GLU B 330 -11.67 33.75 33.61
C GLU B 330 -10.24 34.09 34.00
N THR B 331 -9.92 35.38 34.01
CA THR B 331 -8.60 35.84 34.43
C THR B 331 -8.46 35.48 35.91
N VAL B 332 -7.31 34.97 36.30
CA VAL B 332 -7.10 34.57 37.69
C VAL B 332 -5.68 34.89 38.12
N THR B 333 -5.36 34.55 39.37
CA THR B 333 -4.01 34.73 39.89
C THR B 333 -3.57 33.35 40.33
N VAL B 334 -2.30 33.25 40.68
CA VAL B 334 -1.76 31.99 41.11
C VAL B 334 -1.10 32.24 42.48
N LEU B 335 -1.13 31.24 43.35
CA LEU B 335 -0.53 31.39 44.68
C LEU B 335 0.94 30.99 44.67
N PRO B 336 1.65 31.25 45.78
CA PRO B 336 3.09 30.89 45.85
C PRO B 336 3.24 29.37 45.81
N GLY B 337 4.26 28.89 45.12
CA GLY B 337 4.47 27.45 45.04
C GLY B 337 3.64 26.81 43.94
N ALA B 338 3.06 27.65 43.09
CA ALA B 338 2.23 27.19 41.97
C ALA B 338 3.12 26.83 40.77
N SER B 339 2.55 26.06 39.83
CA SER B 339 3.31 25.67 38.65
C SER B 339 2.45 25.64 37.38
N TYR B 340 3.12 25.70 36.24
CA TYR B 340 2.45 25.66 34.95
C TYR B 340 2.95 24.46 34.16
N PHE B 341 2.09 23.93 33.31
CA PHE B 341 2.46 22.80 32.47
C PHE B 341 1.55 22.74 31.25
N SER B 342 1.86 21.82 30.33
CA SER B 342 1.07 21.67 29.11
C SER B 342 -0.26 20.96 29.29
N SER B 343 -1.07 21.02 28.24
CA SER B 343 -2.38 20.39 28.24
C SER B 343 -2.27 18.87 28.34
N ASP B 344 -1.30 18.26 27.67
CA ASP B 344 -1.16 16.81 27.75
C ASP B 344 -0.68 16.38 29.12
N GLU B 345 0.17 17.18 29.74
CA GLU B 345 0.67 16.88 31.09
C GLU B 345 -0.47 17.05 32.07
N SER B 346 -1.27 18.08 31.84
CA SER B 346 -2.41 18.40 32.68
C SER B 346 -3.40 17.22 32.72
N PHE B 347 -3.69 16.65 31.57
CA PHE B 347 -4.64 15.55 31.59
C PHE B 347 -4.06 14.22 31.99
N ALA B 348 -2.73 14.10 31.92
CA ALA B 348 -2.07 12.88 32.38
C ALA B 348 -2.29 12.93 33.90
N MET B 349 -2.11 14.13 34.44
CA MET B 349 -2.27 14.39 35.86
C MET B 349 -3.69 13.99 36.30
N ILE B 350 -4.66 14.46 35.51
CA ILE B 350 -6.07 14.18 35.75
C ILE B 350 -6.43 12.72 35.46
N ARG B 351 -6.18 12.28 34.23
CA ARG B 351 -6.48 10.91 33.84
C ARG B 351 -5.81 9.93 34.80
N GLY B 352 -4.58 10.25 35.21
CA GLY B 352 -3.84 9.40 36.11
C GLY B 352 -4.38 9.35 37.52
N GLY B 353 -5.45 10.10 37.76
CA GLY B 353 -6.01 10.10 39.09
C GLY B 353 -5.17 10.74 40.17
N HIS B 354 -4.34 11.71 39.81
CA HIS B 354 -3.52 12.37 40.81
C HIS B 354 -4.31 13.43 41.56
N VAL B 355 -5.44 13.81 41.00
CA VAL B 355 -6.30 14.80 41.63
C VAL B 355 -7.24 14.07 42.57
N ASN B 356 -7.24 14.48 43.84
CA ASN B 356 -8.06 13.85 44.85
C ASN B 356 -9.56 14.05 44.65
N LEU B 357 -9.97 15.31 44.50
CA LEU B 357 -11.37 15.65 44.34
C LEU B 357 -11.70 16.47 43.11
N THR B 358 -12.79 16.09 42.45
CA THR B 358 -13.29 16.78 41.27
C THR B 358 -14.73 17.14 41.59
N MET B 359 -15.00 18.43 41.71
CA MET B 359 -16.33 18.92 42.03
C MET B 359 -16.87 19.74 40.87
N LEU B 360 -18.02 19.35 40.34
CA LEU B 360 -18.59 20.06 39.20
C LEU B 360 -20.12 20.23 39.23
N GLY B 361 -20.61 21.14 38.40
CA GLY B 361 -22.04 21.40 38.34
C GLY B 361 -22.71 20.80 37.11
N VAL B 381 -25.18 21.85 21.83
CA VAL B 381 -24.08 21.09 21.23
C VAL B 381 -22.77 21.89 21.16
N LYS B 382 -22.23 22.28 22.32
CA LYS B 382 -20.99 23.05 22.35
C LYS B 382 -19.74 22.23 22.69
N GLY B 383 -19.93 20.99 23.13
CA GLY B 383 -18.79 20.16 23.45
C GLY B 383 -18.67 19.79 24.91
N MET B 384 -17.86 18.77 25.22
CA MET B 384 -17.69 18.34 26.60
C MET B 384 -16.45 18.91 27.28
N GLY B 385 -15.61 19.58 26.51
CA GLY B 385 -14.40 20.14 27.07
C GLY B 385 -13.63 19.06 27.80
N GLY B 386 -13.29 19.30 29.06
CA GLY B 386 -12.53 18.33 29.83
C GLY B 386 -13.34 17.56 30.86
N ALA B 387 -14.67 17.69 30.80
CA ALA B 387 -15.56 17.02 31.75
C ALA B 387 -15.44 15.48 31.81
N MET B 388 -15.37 14.84 30.65
CA MET B 388 -15.24 13.38 30.62
C MET B 388 -13.92 12.90 31.22
N ASP B 389 -12.85 13.66 30.99
CA ASP B 389 -11.53 13.32 31.53
C ASP B 389 -11.56 13.44 33.04
N LEU B 390 -12.23 14.49 33.51
CA LEU B 390 -12.32 14.76 34.94
C LEU B 390 -12.99 13.63 35.71
N VAL B 391 -13.91 12.92 35.07
CA VAL B 391 -14.60 11.81 35.74
C VAL B 391 -14.07 10.46 35.26
N SER B 392 -12.99 10.48 34.49
CA SER B 392 -12.43 9.25 33.93
C SER B 392 -11.65 8.36 34.90
N SER B 393 -11.17 8.92 36.01
CA SER B 393 -10.38 8.15 36.96
C SER B 393 -11.13 7.64 38.20
N ALA B 394 -10.96 6.34 38.46
CA ALA B 394 -11.60 5.69 39.60
C ALA B 394 -10.95 6.08 40.93
N LYS B 395 -9.77 6.68 40.86
CA LYS B 395 -9.05 7.10 42.07
C LYS B 395 -9.46 8.50 42.49
N THR B 396 -10.27 9.14 41.67
CA THR B 396 -10.70 10.51 41.96
C THR B 396 -12.15 10.58 42.39
N LYS B 397 -12.39 11.18 43.54
CA LYS B 397 -13.74 11.34 44.06
C LYS B 397 -14.45 12.41 43.26
N VAL B 398 -15.62 12.06 42.73
CA VAL B 398 -16.41 13.00 41.95
C VAL B 398 -17.66 13.43 42.69
N VAL B 399 -17.74 14.73 42.97
CA VAL B 399 -18.89 15.29 43.68
C VAL B 399 -19.65 16.24 42.76
N VAL B 400 -20.96 16.05 42.65
CA VAL B 400 -21.79 16.91 41.82
C VAL B 400 -22.61 17.83 42.70
N THR B 401 -22.69 19.10 42.32
CA THR B 401 -23.43 20.10 43.08
C THR B 401 -24.53 20.76 42.25
N CYS B 426 -19.26 6.89 37.51
CA CYS B 426 -18.79 8.24 37.19
C CYS B 426 -18.84 9.13 38.46
N VAL B 427 -20.00 9.23 39.10
CA VAL B 427 -20.19 10.06 40.30
C VAL B 427 -20.16 9.32 41.64
N ASN B 428 -19.66 10.00 42.67
CA ASN B 428 -19.58 9.41 44.02
C ASN B 428 -20.53 10.03 45.04
N ARG B 429 -20.82 11.31 44.89
CA ARG B 429 -21.71 12.01 45.80
C ARG B 429 -22.42 13.16 45.11
N ILE B 430 -23.68 13.38 45.48
CA ILE B 430 -24.48 14.46 44.91
C ILE B 430 -24.95 15.41 46.01
N ILE B 431 -24.57 16.67 45.92
CA ILE B 431 -24.98 17.65 46.91
C ILE B 431 -25.97 18.60 46.27
N THR B 432 -27.05 18.88 46.99
CA THR B 432 -28.08 19.78 46.47
C THR B 432 -28.70 20.61 47.57
N GLU B 433 -29.59 21.52 47.16
CA GLU B 433 -30.31 22.40 48.06
C GLU B 433 -31.10 21.63 49.10
N LYS B 434 -31.68 20.51 48.67
CA LYS B 434 -32.52 19.69 49.55
C LYS B 434 -31.80 18.56 50.29
N ALA B 435 -30.92 17.84 49.62
CA ALA B 435 -30.24 16.73 50.27
C ALA B 435 -28.86 16.36 49.73
N VAL B 436 -28.26 15.37 50.38
CA VAL B 436 -26.95 14.86 50.00
C VAL B 436 -27.08 13.35 49.82
N PHE B 437 -26.78 12.88 48.62
CA PHE B 437 -26.85 11.46 48.32
C PHE B 437 -25.47 10.89 48.09
N ASP B 438 -25.22 9.70 48.64
CA ASP B 438 -23.95 9.03 48.42
C ASP B 438 -24.25 8.16 47.21
N VAL B 439 -23.22 7.72 46.49
CA VAL B 439 -23.46 6.89 45.33
C VAL B 439 -22.55 5.67 45.25
N ASP B 440 -23.16 4.50 45.10
CA ASP B 440 -22.40 3.27 44.97
C ASP B 440 -22.82 2.61 43.67
N ARG B 441 -21.84 2.34 42.80
CA ARG B 441 -22.10 1.72 41.52
C ARG B 441 -22.85 0.38 41.65
N LYS B 442 -22.74 -0.25 42.82
CA LYS B 442 -23.41 -1.53 43.05
C LYS B 442 -24.68 -1.43 43.89
N LYS B 443 -24.77 -0.42 44.74
CA LYS B 443 -25.94 -0.25 45.59
C LYS B 443 -26.88 0.86 45.14
N GLY B 444 -26.34 1.86 44.45
CA GLY B 444 -27.16 2.96 43.96
C GLY B 444 -27.23 4.17 44.88
N LEU B 445 -28.21 5.05 44.64
CA LEU B 445 -28.40 6.25 45.44
C LEU B 445 -28.71 5.91 46.89
N THR B 446 -28.31 6.81 47.79
CA THR B 446 -28.54 6.61 49.21
C THR B 446 -28.49 7.93 49.97
N LEU B 447 -29.67 8.45 50.29
CA LEU B 447 -29.77 9.72 51.03
C LEU B 447 -29.03 9.60 52.36
N ILE B 448 -28.08 10.50 52.58
CA ILE B 448 -27.30 10.45 53.81
C ILE B 448 -27.50 11.71 54.64
N GLU B 449 -27.87 12.80 53.97
CA GLU B 449 -28.10 14.08 54.64
C GLU B 449 -29.32 14.78 54.07
N LEU B 450 -30.14 15.33 54.96
CA LEU B 450 -31.37 16.02 54.55
C LEU B 450 -31.43 17.41 55.16
N TRP B 451 -31.91 18.37 54.39
CA TRP B 451 -32.00 19.74 54.88
C TRP B 451 -33.01 19.85 56.01
N GLU B 452 -32.57 20.40 57.14
CA GLU B 452 -33.44 20.56 58.30
C GLU B 452 -34.79 21.17 57.90
N GLY B 453 -35.86 20.50 58.30
CA GLY B 453 -37.19 20.97 57.98
C GLY B 453 -37.85 20.14 56.89
N LEU B 454 -37.04 19.46 56.09
CA LEU B 454 -37.54 18.62 55.02
C LEU B 454 -37.69 17.18 55.50
N THR B 455 -38.51 16.43 54.77
CA THR B 455 -38.75 15.04 55.10
C THR B 455 -38.36 14.15 53.93
N VAL B 456 -38.11 12.88 54.22
CA VAL B 456 -37.73 11.94 53.18
C VAL B 456 -38.74 11.97 52.05
N ASP B 457 -40.00 12.27 52.39
CA ASP B 457 -41.06 12.37 51.40
C ASP B 457 -40.81 13.54 50.45
N ASP B 458 -40.41 14.67 51.03
CA ASP B 458 -40.12 15.86 50.24
C ASP B 458 -39.10 15.51 49.15
N ILE B 459 -38.06 14.79 49.56
CA ILE B 459 -37.01 14.38 48.64
C ILE B 459 -37.63 13.48 47.59
N LYS B 460 -38.32 12.44 48.04
CA LYS B 460 -38.96 11.50 47.13
C LYS B 460 -39.79 12.26 46.12
N LYS B 461 -40.51 13.28 46.60
CA LYS B 461 -41.36 14.10 45.75
C LYS B 461 -40.61 14.81 44.63
N SER B 462 -39.38 15.23 44.91
CA SER B 462 -38.59 15.93 43.92
C SER B 462 -37.63 15.04 43.15
N THR B 463 -37.18 13.97 43.79
CA THR B 463 -36.24 13.04 43.16
C THR B 463 -36.91 12.18 42.08
N GLY B 464 -36.15 11.90 41.02
CA GLY B 464 -36.66 11.09 39.93
C GLY B 464 -36.64 9.60 40.21
N CYS B 465 -35.46 9.07 40.52
CA CYS B 465 -35.34 7.65 40.82
C CYS B 465 -35.45 7.41 42.32
N ASP B 466 -35.73 6.16 42.70
CA ASP B 466 -35.87 5.78 44.09
C ASP B 466 -34.49 5.88 44.74
N PHE B 467 -34.41 5.68 46.04
CA PHE B 467 -33.13 5.78 46.73
C PHE B 467 -33.20 5.19 48.13
N ALA B 468 -32.05 4.73 48.62
CA ALA B 468 -32.01 4.16 49.96
C ALA B 468 -31.88 5.32 50.95
N VAL B 469 -31.93 5.01 52.23
CA VAL B 469 -31.81 6.01 53.28
C VAL B 469 -30.84 5.51 54.36
N SER B 470 -29.78 6.26 54.59
CA SER B 470 -28.80 5.86 55.59
C SER B 470 -29.38 5.98 56.99
N PRO B 471 -29.24 4.92 57.81
CA PRO B 471 -29.76 4.91 59.18
C PRO B 471 -29.02 5.97 60.00
N LYS B 472 -28.13 6.69 59.34
CA LYS B 472 -27.36 7.73 59.98
C LYS B 472 -27.78 9.10 59.44
N LEU B 473 -28.88 9.13 58.70
CA LEU B 473 -29.38 10.37 58.11
C LEU B 473 -29.37 11.50 59.12
N ILE B 474 -28.77 12.62 58.71
CA ILE B 474 -28.69 13.79 59.57
C ILE B 474 -29.09 15.01 58.78
N PRO B 475 -29.30 16.13 59.47
CA PRO B 475 -29.68 17.34 58.74
C PRO B 475 -28.47 17.75 57.90
N MET B 476 -28.71 18.41 56.77
CA MET B 476 -27.60 18.82 55.93
C MET B 476 -26.65 19.70 56.73
N GLN B 477 -25.36 19.51 56.51
CA GLN B 477 -24.34 20.28 57.21
C GLN B 477 -24.05 21.59 56.46
N GLN B 478 -23.39 22.52 57.13
CA GLN B 478 -23.04 23.82 56.54
C GLN B 478 -21.77 24.32 57.20
N VAL B 479 -20.88 24.95 56.43
CA VAL B 479 -19.64 25.47 57.01
C VAL B 479 -19.97 26.52 58.06
N THR B 480 -19.44 26.32 59.27
CA THR B 480 -19.65 27.24 60.36
C THR B 480 -19.24 28.66 59.95
N THR B 481 -17.98 28.80 59.57
CA THR B 481 -17.45 30.09 59.14
C THR B 481 -16.66 29.96 57.82
N THR C 1 -1.55 -5.36 -6.48
CA THR C 1 -0.48 -6.36 -6.26
C THR C 1 0.23 -6.15 -4.93
N LYS C 2 0.65 -7.24 -4.31
CA LYS C 2 1.35 -7.19 -3.03
C LYS C 2 2.82 -7.58 -3.19
N PHE C 3 3.71 -6.75 -2.68
CA PHE C 3 5.15 -7.00 -2.79
C PHE C 3 5.66 -7.80 -1.61
N TYR C 4 6.58 -8.72 -1.89
CA TYR C 4 7.17 -9.56 -0.86
C TYR C 4 8.68 -9.37 -0.90
N THR C 5 9.30 -9.39 0.27
CA THR C 5 10.75 -9.24 0.36
C THR C 5 11.36 -10.62 0.42
N ASP C 6 10.51 -11.61 0.68
CA ASP C 6 10.96 -12.99 0.80
C ASP C 6 10.18 -13.91 -0.15
N ALA C 7 10.92 -14.61 -1.02
CA ALA C 7 10.32 -15.51 -2.00
C ALA C 7 9.57 -16.70 -1.40
N VAL C 8 10.09 -17.25 -0.31
CA VAL C 8 9.42 -18.39 0.31
C VAL C 8 8.08 -17.95 0.90
N GLU C 9 8.02 -16.73 1.39
CA GLU C 9 6.77 -16.21 1.94
C GLU C 9 5.70 -16.06 0.88
N ALA C 10 6.13 -15.71 -0.33
CA ALA C 10 5.24 -15.51 -1.46
C ALA C 10 4.58 -16.78 -1.98
N VAL C 11 5.22 -17.92 -1.79
CA VAL C 11 4.68 -19.19 -2.27
C VAL C 11 4.40 -20.18 -1.14
N LYS C 12 4.45 -19.68 0.08
CA LYS C 12 4.25 -20.49 1.28
C LYS C 12 2.92 -21.24 1.33
N ASP C 13 1.87 -20.64 0.80
CA ASP C 13 0.55 -21.24 0.81
C ASP C 13 0.18 -22.19 -0.32
N ILE C 14 1.15 -22.59 -1.14
CA ILE C 14 0.82 -23.50 -2.22
C ILE C 14 0.56 -24.89 -1.62
N PRO C 15 -0.67 -25.41 -1.79
CA PRO C 15 -1.09 -26.73 -1.29
C PRO C 15 -0.46 -27.87 -2.08
N ASN C 16 -0.30 -29.02 -1.45
CA ASN C 16 0.26 -30.16 -2.17
C ASN C 16 -0.80 -30.53 -3.20
N GLY C 17 -0.37 -31.09 -4.33
CA GLY C 17 -1.31 -31.47 -5.38
C GLY C 17 -1.81 -30.33 -6.26
N ALA C 18 -1.45 -29.10 -5.93
CA ALA C 18 -1.88 -27.95 -6.73
C ALA C 18 -1.25 -27.98 -8.12
N THR C 19 -1.94 -27.41 -9.11
CA THR C 19 -1.36 -27.39 -10.44
C THR C 19 -0.74 -25.99 -10.52
N VAL C 20 0.53 -25.95 -10.90
CA VAL C 20 1.27 -24.69 -10.99
C VAL C 20 1.80 -24.42 -12.39
N LEU C 21 1.58 -23.20 -12.88
CA LEU C 21 2.10 -22.80 -14.19
C LEU C 21 3.50 -22.26 -13.91
N VAL C 22 4.49 -22.73 -14.66
CA VAL C 22 5.88 -22.31 -14.46
C VAL C 22 6.45 -21.75 -15.77
N GLY C 23 6.79 -20.47 -15.76
CA GLY C 23 7.30 -19.85 -16.98
C GLY C 23 8.64 -20.34 -17.48
N GLY C 24 8.99 -19.91 -18.68
CA GLY C 24 10.27 -20.27 -19.27
C GLY C 24 10.28 -21.14 -20.51
N PHE C 25 11.33 -20.96 -21.31
CA PHE C 25 11.55 -21.73 -22.52
C PHE C 25 12.97 -22.24 -22.34
N GLY C 26 13.12 -23.54 -22.14
CA GLY C 26 14.44 -24.08 -21.90
C GLY C 26 14.89 -23.52 -20.56
N LEU C 27 15.99 -22.78 -20.53
CA LEU C 27 16.44 -22.17 -19.29
C LEU C 27 16.29 -20.66 -19.42
N CYS C 28 15.63 -20.23 -20.49
CA CYS C 28 15.42 -18.81 -20.76
C CYS C 28 14.11 -18.31 -20.16
N GLY C 29 14.23 -17.36 -19.24
CA GLY C 29 13.05 -16.82 -18.59
C GLY C 29 12.45 -17.72 -17.52
N ILE C 30 13.26 -18.52 -16.86
CA ILE C 30 12.75 -19.40 -15.81
C ILE C 30 12.79 -18.67 -14.45
N PRO C 31 11.74 -18.85 -13.63
CA PRO C 31 11.72 -18.20 -12.33
C PRO C 31 12.60 -18.95 -11.31
N GLU C 32 13.91 -18.74 -11.42
CA GLU C 32 14.90 -19.37 -10.55
C GLU C 32 14.60 -19.30 -9.04
N ASN C 33 14.37 -18.09 -8.54
CA ASN C 33 14.11 -17.87 -7.12
C ASN C 33 12.81 -18.49 -6.63
N LEU C 34 11.76 -18.44 -7.44
CA LEU C 34 10.49 -19.02 -7.01
C LEU C 34 10.61 -20.54 -6.99
N ILE C 35 11.37 -21.10 -7.93
CA ILE C 35 11.54 -22.54 -7.94
C ILE C 35 12.37 -22.94 -6.72
N GLY C 36 13.36 -22.11 -6.40
CA GLY C 36 14.19 -22.38 -5.25
C GLY C 36 13.34 -22.34 -4.00
N ALA C 37 12.37 -21.43 -3.98
CA ALA C 37 11.47 -21.28 -2.86
C ALA C 37 10.64 -22.56 -2.66
N LEU C 38 10.22 -23.18 -3.76
CA LEU C 38 9.44 -24.40 -3.67
C LEU C 38 10.27 -25.53 -3.08
N LEU C 39 11.58 -25.50 -3.36
CA LEU C 39 12.47 -26.52 -2.83
C LEU C 39 12.48 -26.37 -1.31
N LYS C 40 12.40 -25.15 -0.83
CA LYS C 40 12.39 -24.86 0.62
C LYS C 40 11.10 -25.35 1.29
N THR C 41 9.94 -24.97 0.75
CA THR C 41 8.66 -25.37 1.34
C THR C 41 8.42 -26.85 1.18
N GLY C 42 8.97 -27.43 0.13
CA GLY C 42 8.79 -28.86 -0.07
C GLY C 42 7.44 -29.34 -0.55
N VAL C 43 6.57 -28.43 -0.99
CA VAL C 43 5.25 -28.83 -1.49
C VAL C 43 5.44 -29.93 -2.51
N LYS C 44 4.53 -30.89 -2.52
CA LYS C 44 4.65 -32.02 -3.45
C LYS C 44 3.35 -32.39 -4.16
N GLU C 45 3.42 -33.45 -4.98
CA GLU C 45 2.28 -33.93 -5.73
C GLU C 45 1.75 -32.83 -6.66
N LEU C 46 2.66 -31.96 -7.10
CA LEU C 46 2.28 -30.86 -7.97
C LEU C 46 2.07 -31.27 -9.42
N THR C 47 1.14 -30.59 -10.07
CA THR C 47 0.92 -30.80 -11.50
C THR C 47 1.55 -29.53 -12.06
N ALA C 48 2.73 -29.70 -12.66
CA ALA C 48 3.44 -28.56 -13.21
C ALA C 48 3.20 -28.38 -14.70
N VAL C 49 2.74 -27.19 -15.07
CA VAL C 49 2.51 -26.86 -16.47
C VAL C 49 3.71 -25.99 -16.84
N SER C 50 4.61 -26.56 -17.62
CA SER C 50 5.81 -25.85 -18.04
C SER C 50 6.18 -26.36 -19.40
N ASN C 51 6.58 -25.46 -20.28
CA ASN C 51 6.89 -25.88 -21.63
C ASN C 51 7.93 -26.99 -21.67
N ASN C 52 8.97 -26.84 -20.86
CA ASN C 52 10.03 -27.84 -20.77
C ASN C 52 10.26 -28.15 -19.30
N ALA C 53 11.20 -29.06 -19.04
CA ALA C 53 11.53 -29.44 -17.68
C ALA C 53 12.94 -28.95 -17.31
N GLY C 54 13.36 -27.81 -17.87
CA GLY C 54 14.70 -27.30 -17.60
C GLY C 54 15.72 -28.39 -17.89
N VAL C 55 16.76 -28.47 -17.08
CA VAL C 55 17.79 -29.50 -17.25
C VAL C 55 17.85 -30.31 -15.97
N ASP C 56 18.68 -31.34 -15.95
CA ASP C 56 18.80 -32.20 -14.76
C ASP C 56 19.03 -31.44 -13.48
N ASN C 57 19.96 -30.48 -13.52
CA ASN C 57 20.33 -29.72 -12.34
C ASN C 57 19.90 -28.26 -12.28
N PHE C 58 18.89 -27.89 -13.07
CA PHE C 58 18.45 -26.51 -13.02
C PHE C 58 17.05 -26.36 -13.58
N GLY C 59 16.36 -25.30 -13.15
CA GLY C 59 15.02 -25.07 -13.61
C GLY C 59 14.06 -26.08 -12.99
N LEU C 60 13.06 -26.49 -13.75
CA LEU C 60 12.07 -27.44 -13.27
C LEU C 60 12.71 -28.77 -12.88
N GLY C 61 13.84 -29.08 -13.51
CA GLY C 61 14.55 -30.33 -13.21
C GLY C 61 14.84 -30.50 -11.73
N LEU C 62 15.08 -29.39 -11.03
CA LEU C 62 15.36 -29.44 -9.60
C LEU C 62 14.17 -30.01 -8.81
N LEU C 63 12.95 -29.66 -9.20
CA LEU C 63 11.75 -30.17 -8.53
C LEU C 63 11.52 -31.64 -8.87
N LEU C 64 12.09 -32.09 -9.98
CA LEU C 64 11.97 -33.48 -10.39
C LEU C 64 12.97 -34.26 -9.53
N GLN C 65 14.14 -33.65 -9.34
CA GLN C 65 15.20 -34.25 -8.52
C GLN C 65 14.66 -34.47 -7.11
N SER C 66 13.97 -33.47 -6.58
CA SER C 66 13.42 -33.58 -5.23
C SER C 66 12.09 -34.34 -5.24
N LYS C 67 11.67 -34.77 -6.42
CA LYS C 67 10.44 -35.52 -6.58
C LYS C 67 9.19 -34.80 -6.04
N GLN C 68 9.13 -33.50 -6.28
CA GLN C 68 7.99 -32.71 -5.83
C GLN C 68 6.91 -32.61 -6.90
N ILE C 69 7.17 -33.18 -8.08
CA ILE C 69 6.23 -33.13 -9.20
C ILE C 69 5.56 -34.47 -9.46
N LYS C 70 4.24 -34.45 -9.49
CA LYS C 70 3.47 -35.66 -9.78
C LYS C 70 3.23 -35.74 -11.28
N ARG C 71 2.84 -34.61 -11.88
CA ARG C 71 2.55 -34.57 -13.32
C ARG C 71 3.11 -33.33 -14.03
N MET C 72 3.64 -33.57 -15.22
CA MET C 72 4.21 -32.54 -16.08
C MET C 72 3.35 -32.41 -17.33
N ILE C 73 2.96 -31.18 -17.66
CA ILE C 73 2.21 -30.92 -18.88
C ILE C 73 3.17 -30.02 -19.64
N SER C 74 3.78 -30.58 -20.69
CA SER C 74 4.77 -29.87 -21.48
C SER C 74 4.72 -30.27 -22.95
N SER C 75 5.56 -29.62 -23.76
CA SER C 75 5.61 -29.89 -25.20
C SER C 75 6.91 -30.62 -25.57
N TYR C 76 7.95 -30.38 -24.82
CA TYR C 76 9.24 -31.01 -25.09
C TYR C 76 10.06 -31.19 -23.81
N VAL C 77 10.39 -32.44 -23.51
CA VAL C 77 11.15 -32.75 -22.31
C VAL C 77 12.45 -33.42 -22.67
N GLY C 78 12.96 -33.08 -23.86
CA GLY C 78 14.19 -33.66 -24.34
C GLY C 78 15.37 -33.80 -23.40
N GLU C 79 16.06 -32.69 -23.12
CA GLU C 79 17.24 -32.72 -22.26
C GLU C 79 16.98 -32.78 -20.75
N ASN C 80 17.03 -33.99 -20.21
CA ASN C 80 16.81 -34.23 -18.78
C ASN C 80 16.65 -35.73 -18.56
N ALA C 81 17.63 -36.34 -17.92
CA ALA C 81 17.60 -37.76 -17.66
C ALA C 81 16.69 -38.18 -16.52
N GLU C 82 16.67 -37.42 -15.43
CA GLU C 82 15.84 -37.78 -14.30
C GLU C 82 14.37 -37.89 -14.70
N PHE C 83 14.01 -37.23 -15.78
CA PHE C 83 12.65 -37.26 -16.29
C PHE C 83 12.35 -38.67 -16.78
N GLU C 84 13.20 -39.17 -17.69
CA GLU C 84 13.06 -40.51 -18.25
C GLU C 84 12.99 -41.55 -17.14
N ARG C 85 13.92 -41.47 -16.19
CA ARG C 85 13.96 -42.42 -15.09
C ARG C 85 12.62 -42.47 -14.35
N GLN C 86 12.09 -41.30 -13.98
CA GLN C 86 10.82 -41.24 -13.26
C GLN C 86 9.60 -41.59 -14.09
N TYR C 87 9.55 -41.08 -15.32
CA TYR C 87 8.44 -41.34 -16.20
C TYR C 87 8.35 -42.83 -16.54
N LEU C 88 9.45 -43.38 -17.03
CA LEU C 88 9.50 -44.80 -17.39
C LEU C 88 9.33 -45.69 -16.16
N ALA C 89 9.94 -45.28 -15.04
CA ALA C 89 9.82 -46.06 -13.81
C ALA C 89 8.37 -46.00 -13.34
N GLY C 90 7.55 -45.29 -14.12
CA GLY C 90 6.14 -45.15 -13.80
C GLY C 90 5.92 -44.33 -12.54
N GLU C 91 6.81 -43.37 -12.30
CA GLU C 91 6.70 -42.53 -11.11
C GLU C 91 6.34 -41.09 -11.45
N LEU C 92 6.29 -40.77 -12.74
CA LEU C 92 5.95 -39.43 -13.18
C LEU C 92 4.94 -39.43 -14.31
N GLU C 93 3.87 -38.67 -14.14
CA GLU C 93 2.83 -38.56 -15.14
C GLU C 93 3.20 -37.39 -16.06
N VAL C 94 3.01 -37.55 -17.37
CA VAL C 94 3.33 -36.49 -18.31
C VAL C 94 2.42 -36.41 -19.52
N GLU C 95 1.88 -35.22 -19.73
CA GLU C 95 1.01 -34.95 -20.86
C GLU C 95 1.81 -34.14 -21.86
N LEU C 96 2.24 -34.76 -22.94
CA LEU C 96 2.98 -34.06 -23.98
C LEU C 96 1.93 -33.37 -24.86
N THR C 97 1.95 -32.05 -24.86
CA THR C 97 1.00 -31.30 -25.64
C THR C 97 1.73 -30.31 -26.54
N PRO C 98 1.30 -30.20 -27.81
CA PRO C 98 1.92 -29.28 -28.78
C PRO C 98 2.18 -27.93 -28.14
N GLN C 99 3.34 -27.35 -28.42
CA GLN C 99 3.72 -26.09 -27.84
C GLN C 99 2.72 -24.97 -28.12
N GLY C 100 2.30 -24.85 -29.38
CA GLY C 100 1.34 -23.84 -29.75
C GLY C 100 0.02 -24.07 -29.03
N THR C 101 -0.35 -25.34 -28.89
CA THR C 101 -1.60 -25.67 -28.21
C THR C 101 -1.50 -25.35 -26.73
N LEU C 102 -0.35 -25.65 -26.15
CA LEU C 102 -0.10 -25.38 -24.74
C LEU C 102 -0.24 -23.89 -24.46
N ALA C 103 0.34 -23.08 -25.34
CA ALA C 103 0.27 -21.62 -25.18
C ALA C 103 -1.16 -21.08 -25.33
N GLU C 104 -1.88 -21.61 -26.30
CA GLU C 104 -3.25 -21.18 -26.55
C GLU C 104 -4.22 -21.66 -25.48
N ARG C 105 -4.00 -22.86 -24.96
CA ARG C 105 -4.86 -23.39 -23.89
C ARG C 105 -4.68 -22.53 -22.62
N ILE C 106 -3.46 -22.09 -22.37
CA ILE C 106 -3.14 -21.25 -21.23
C ILE C 106 -3.77 -19.87 -21.43
N ARG C 107 -3.60 -19.29 -22.63
CA ARG C 107 -4.22 -18.00 -22.87
C ARG C 107 -5.74 -18.11 -22.69
N ALA C 108 -6.34 -19.14 -23.29
CA ALA C 108 -7.79 -19.37 -23.16
C ALA C 108 -8.18 -19.40 -21.67
N GLY C 109 -7.36 -20.08 -20.88
CA GLY C 109 -7.61 -20.16 -19.45
C GLY C 109 -7.66 -18.80 -18.77
N GLY C 110 -6.91 -17.84 -19.30
CA GLY C 110 -6.92 -16.52 -18.69
C GLY C 110 -7.92 -15.59 -19.33
N ALA C 111 -8.38 -15.92 -20.53
CA ALA C 111 -9.32 -15.07 -21.26
C ALA C 111 -10.78 -15.49 -21.16
N GLY C 112 -11.07 -16.46 -20.29
CA GLY C 112 -12.44 -16.91 -20.12
C GLY C 112 -12.95 -17.78 -21.24
N VAL C 113 -12.05 -18.40 -21.98
CA VAL C 113 -12.44 -19.27 -23.08
C VAL C 113 -12.17 -20.69 -22.60
N PRO C 114 -13.24 -21.48 -22.41
CA PRO C 114 -13.08 -22.86 -21.93
C PRO C 114 -12.52 -23.82 -22.96
N ALA C 115 -12.82 -23.57 -24.24
CA ALA C 115 -12.32 -24.47 -25.27
C ALA C 115 -12.28 -23.79 -26.61
N PHE C 116 -11.49 -24.34 -27.53
CA PHE C 116 -11.35 -23.77 -28.87
C PHE C 116 -10.82 -24.85 -29.82
N TYR C 117 -10.85 -24.55 -31.12
CA TYR C 117 -10.36 -25.49 -32.11
C TYR C 117 -9.02 -25.06 -32.72
N THR C 118 -8.25 -26.07 -33.14
CA THR C 118 -6.95 -25.87 -33.76
C THR C 118 -6.68 -27.09 -34.62
N SER C 119 -5.94 -26.93 -35.71
CA SER C 119 -5.65 -28.07 -36.56
C SER C 119 -4.38 -28.78 -36.08
N THR C 120 -3.66 -28.11 -35.18
CA THR C 120 -2.43 -28.67 -34.65
C THR C 120 -2.72 -30.00 -33.95
N GLY C 121 -2.06 -31.07 -34.38
CA GLY C 121 -2.29 -32.35 -33.76
C GLY C 121 -3.33 -33.20 -34.49
N TYR C 122 -3.93 -32.67 -35.55
CA TYR C 122 -4.92 -33.45 -36.28
C TYR C 122 -4.24 -34.58 -37.04
N GLY C 123 -4.82 -35.77 -36.98
CA GLY C 123 -4.25 -36.92 -37.66
C GLY C 123 -2.98 -37.33 -36.92
N THR C 124 -2.98 -37.12 -35.62
CA THR C 124 -1.85 -37.43 -34.75
C THR C 124 -2.34 -38.14 -33.48
N LEU C 125 -1.42 -38.69 -32.70
CA LEU C 125 -1.80 -39.35 -31.46
C LEU C 125 -2.40 -38.33 -30.49
N VAL C 126 -2.19 -37.04 -30.77
CA VAL C 126 -2.77 -36.03 -29.91
C VAL C 126 -4.28 -36.12 -30.11
N GLN C 127 -4.70 -36.14 -31.37
CA GLN C 127 -6.12 -36.24 -31.69
C GLN C 127 -6.64 -37.61 -31.26
N GLU C 128 -5.93 -38.66 -31.66
CA GLU C 128 -6.29 -40.01 -31.29
C GLU C 128 -5.85 -40.20 -29.84
N GLY C 129 -6.55 -41.02 -29.07
CA GLY C 129 -6.11 -41.18 -27.69
C GLY C 129 -4.83 -42.02 -27.62
N GLY C 130 -4.64 -42.73 -26.50
CA GLY C 130 -3.47 -43.58 -26.36
C GLY C 130 -2.30 -42.99 -25.61
N SER C 131 -1.23 -42.65 -26.33
CA SER C 131 -0.02 -42.07 -25.76
C SER C 131 -0.04 -42.00 -24.23
N PRO C 132 0.50 -43.03 -23.55
CA PRO C 132 0.55 -43.14 -22.10
C PRO C 132 1.01 -41.86 -21.38
N ILE C 133 0.44 -41.65 -20.21
CA ILE C 133 0.77 -40.49 -19.39
C ILE C 133 1.50 -40.98 -18.15
N LYS C 134 1.17 -42.20 -17.72
CA LYS C 134 1.78 -42.84 -16.55
C LYS C 134 1.68 -44.36 -16.66
N TYR C 135 2.70 -45.06 -16.16
CA TYR C 135 2.71 -46.52 -16.21
C TYR C 135 2.41 -47.08 -14.81
N ASN C 136 2.35 -48.41 -14.70
CA ASN C 136 2.07 -49.06 -13.42
C ASN C 136 3.33 -49.46 -12.65
N LYS C 137 4.41 -49.71 -13.38
CA LYS C 137 5.68 -50.10 -12.74
C LYS C 137 6.82 -50.10 -13.74
N ASP C 138 6.60 -50.75 -14.89
CA ASP C 138 7.61 -50.81 -15.95
C ASP C 138 7.15 -51.70 -17.10
N GLY C 139 5.88 -51.56 -17.47
CA GLY C 139 5.33 -52.35 -18.55
C GLY C 139 3.90 -51.98 -18.86
N SER C 140 3.01 -52.25 -17.91
CA SER C 140 1.59 -51.96 -18.07
C SER C 140 1.30 -50.46 -17.96
N ILE C 141 0.46 -49.96 -18.87
CA ILE C 141 0.08 -48.56 -18.90
C ILE C 141 -1.05 -48.29 -17.92
N ALA C 142 -0.84 -47.30 -17.05
CA ALA C 142 -1.84 -46.94 -16.06
C ALA C 142 -2.81 -45.90 -16.60
N ILE C 143 -2.28 -44.75 -17.02
CA ILE C 143 -3.13 -43.70 -17.56
C ILE C 143 -2.80 -43.46 -19.04
N ALA C 144 -3.84 -43.43 -19.87
CA ALA C 144 -3.68 -43.20 -21.30
C ALA C 144 -4.35 -41.89 -21.70
N SER C 145 -3.81 -41.22 -22.72
CA SER C 145 -4.39 -39.94 -23.16
C SER C 145 -5.72 -40.17 -23.88
N LYS C 146 -6.67 -39.30 -23.58
CA LYS C 146 -7.99 -39.36 -24.20
C LYS C 146 -7.97 -38.69 -25.57
N PRO C 147 -8.80 -39.18 -26.49
CA PRO C 147 -8.85 -38.59 -27.83
C PRO C 147 -9.37 -37.16 -27.78
N ARG C 148 -9.12 -36.42 -28.85
CA ARG C 148 -9.60 -35.05 -28.96
C ARG C 148 -10.74 -35.06 -29.97
N GLU C 149 -11.82 -34.36 -29.63
CA GLU C 149 -12.96 -34.28 -30.54
C GLU C 149 -12.51 -33.60 -31.81
N VAL C 150 -13.04 -34.05 -32.94
CA VAL C 150 -12.70 -33.47 -34.23
C VAL C 150 -13.91 -32.79 -34.84
N ARG C 151 -13.68 -31.70 -35.56
CA ARG C 151 -14.77 -31.00 -36.22
C ARG C 151 -14.26 -30.28 -37.45
N GLU C 152 -15.12 -30.20 -38.46
CA GLU C 152 -14.76 -29.55 -39.71
C GLU C 152 -15.27 -28.12 -39.77
N PHE C 153 -14.44 -27.24 -40.32
CA PHE C 153 -14.75 -25.82 -40.48
C PHE C 153 -14.19 -25.37 -41.81
N ASN C 154 -15.07 -24.87 -42.68
CA ASN C 154 -14.65 -24.40 -44.00
C ASN C 154 -13.82 -25.46 -44.72
N GLY C 155 -14.29 -26.70 -44.66
CA GLY C 155 -13.61 -27.79 -45.34
C GLY C 155 -12.32 -28.33 -44.72
N GLN C 156 -12.00 -27.90 -43.51
CA GLN C 156 -10.78 -28.39 -42.87
C GLN C 156 -11.13 -29.01 -41.51
N HIS C 157 -10.28 -29.94 -41.06
CA HIS C 157 -10.51 -30.61 -39.78
C HIS C 157 -9.69 -29.99 -38.64
N PHE C 158 -10.34 -29.77 -37.50
CA PHE C 158 -9.68 -29.21 -36.33
C PHE C 158 -10.06 -30.04 -35.11
N ILE C 159 -9.25 -29.98 -34.06
CA ILE C 159 -9.56 -30.72 -32.85
C ILE C 159 -9.83 -29.74 -31.72
N LEU C 160 -10.66 -30.18 -30.77
CA LEU C 160 -11.03 -29.34 -29.65
C LEU C 160 -10.04 -29.46 -28.51
N GLU C 161 -9.61 -28.31 -27.98
CA GLU C 161 -8.67 -28.31 -26.87
C GLU C 161 -9.34 -27.46 -25.79
N GLU C 162 -9.09 -27.82 -24.54
CA GLU C 162 -9.67 -27.11 -23.43
C GLU C 162 -8.65 -26.21 -22.73
N ALA C 163 -9.16 -25.13 -22.17
CA ALA C 163 -8.35 -24.16 -21.47
C ALA C 163 -7.58 -24.81 -20.33
N ILE C 164 -6.43 -24.22 -20.03
CA ILE C 164 -5.61 -24.68 -18.93
C ILE C 164 -5.54 -23.52 -17.96
N ARG C 165 -5.70 -23.82 -16.68
CA ARG C 165 -5.62 -22.82 -15.63
C ARG C 165 -4.85 -23.42 -14.48
N GLY C 166 -4.28 -22.58 -13.64
CA GLY C 166 -3.54 -23.09 -12.52
C GLY C 166 -4.00 -22.49 -11.22
N ASP C 167 -3.59 -23.10 -10.12
CA ASP C 167 -3.92 -22.58 -8.81
C ASP C 167 -2.92 -21.46 -8.61
N PHE C 168 -1.69 -21.71 -9.07
CA PHE C 168 -0.61 -20.74 -8.97
C PHE C 168 0.19 -20.66 -10.26
N ALA C 169 0.85 -19.52 -10.43
CA ALA C 169 1.71 -19.30 -11.58
C ALA C 169 3.02 -18.70 -11.06
N LEU C 170 4.13 -19.33 -11.42
CA LEU C 170 5.44 -18.85 -11.02
C LEU C 170 6.02 -18.24 -12.30
N VAL C 171 6.07 -16.91 -12.32
CA VAL C 171 6.53 -16.19 -13.47
C VAL C 171 7.81 -15.40 -13.26
N LYS C 172 8.64 -15.41 -14.31
CA LYS C 172 9.91 -14.68 -14.32
C LYS C 172 9.75 -13.48 -15.27
N ALA C 173 10.06 -12.29 -14.79
CA ALA C 173 9.97 -11.08 -15.60
C ALA C 173 11.24 -10.25 -15.46
N TRP C 174 11.33 -9.17 -16.20
CA TRP C 174 12.49 -8.29 -16.17
C TRP C 174 12.36 -7.21 -15.10
N LYS C 175 11.40 -6.31 -15.30
CA LYS C 175 11.18 -5.23 -14.36
C LYS C 175 9.71 -5.10 -13.98
N ALA C 176 9.49 -4.45 -12.84
CA ALA C 176 8.17 -4.17 -12.33
C ALA C 176 8.25 -2.79 -11.72
N ASP C 177 7.24 -1.96 -11.97
CA ASP C 177 7.24 -0.64 -11.39
C ASP C 177 6.58 -0.80 -10.01
N GLN C 178 6.55 0.27 -9.22
CA GLN C 178 5.97 0.18 -7.89
C GLN C 178 4.47 -0.10 -7.89
N ALA C 179 3.80 0.15 -9.01
CA ALA C 179 2.37 -0.11 -9.11
C ALA C 179 2.11 -1.60 -9.37
N GLY C 180 3.13 -2.33 -9.80
CA GLY C 180 2.98 -3.74 -10.08
C GLY C 180 2.99 -4.12 -11.56
N ASN C 181 3.11 -3.15 -12.45
CA ASN C 181 3.15 -3.45 -13.88
C ASN C 181 4.49 -4.11 -14.17
N VAL C 182 4.52 -5.08 -15.09
CA VAL C 182 5.79 -5.73 -15.40
C VAL C 182 6.13 -5.82 -16.89
N THR C 183 7.43 -6.00 -17.17
CA THR C 183 7.94 -6.10 -18.53
C THR C 183 8.88 -7.30 -18.62
N PHE C 184 9.09 -7.78 -19.84
CA PHE C 184 9.97 -8.93 -20.09
C PHE C 184 11.07 -8.52 -21.04
N ARG C 185 12.23 -9.14 -20.88
CA ARG C 185 13.39 -8.82 -21.69
C ARG C 185 13.62 -9.83 -22.81
N LYS C 186 13.72 -9.31 -24.03
CA LYS C 186 13.96 -10.14 -25.21
C LYS C 186 13.11 -11.39 -25.26
N SER C 187 13.72 -12.54 -25.57
CA SER C 187 12.96 -13.77 -25.68
C SER C 187 12.67 -14.52 -24.38
N ALA C 188 13.02 -13.93 -23.23
CA ALA C 188 12.78 -14.57 -21.95
C ALA C 188 11.30 -14.44 -21.59
N ARG C 189 10.54 -13.86 -22.52
CA ARG C 189 9.10 -13.63 -22.41
C ARG C 189 8.30 -14.93 -22.53
N ASN C 190 8.45 -15.57 -23.68
CA ASN C 190 7.79 -16.84 -24.01
C ASN C 190 6.47 -17.16 -23.27
N PHE C 191 6.49 -18.14 -22.38
CA PHE C 191 5.28 -18.53 -21.65
C PHE C 191 4.92 -17.72 -20.40
N ASN C 192 5.88 -16.92 -19.90
CA ASN C 192 5.65 -16.10 -18.72
C ASN C 192 4.47 -15.15 -18.88
N LEU C 193 4.39 -14.47 -20.02
CA LEU C 193 3.30 -13.53 -20.25
C LEU C 193 1.90 -14.18 -20.12
N PRO C 194 1.56 -15.15 -20.98
CA PRO C 194 0.22 -15.73 -20.82
C PRO C 194 -0.04 -16.48 -19.50
N MET C 195 0.96 -17.18 -18.98
CA MET C 195 0.77 -17.90 -17.72
C MET C 195 0.33 -16.93 -16.63
N CYS C 196 0.81 -15.71 -16.72
CA CYS C 196 0.50 -14.66 -15.77
C CYS C 196 -1.00 -14.33 -15.71
N LYS C 197 -1.77 -14.80 -16.69
CA LYS C 197 -3.20 -14.50 -16.73
C LYS C 197 -4.10 -15.70 -16.44
N ALA C 198 -3.52 -16.91 -16.39
CA ALA C 198 -4.32 -18.11 -16.19
C ALA C 198 -4.27 -18.83 -14.85
N ALA C 199 -4.02 -18.11 -13.77
CA ALA C 199 -3.94 -18.74 -12.45
C ALA C 199 -4.68 -17.93 -11.39
N GLU C 200 -5.20 -18.65 -10.39
CA GLU C 200 -5.91 -18.02 -9.29
C GLU C 200 -4.96 -17.03 -8.62
N THR C 201 -3.72 -17.46 -8.38
CA THR C 201 -2.71 -16.61 -7.77
C THR C 201 -1.42 -16.63 -8.59
N THR C 202 -1.00 -15.46 -9.07
CA THR C 202 0.22 -15.38 -9.86
C THR C 202 1.34 -14.73 -9.07
N VAL C 203 2.51 -15.35 -9.09
CA VAL C 203 3.69 -14.85 -8.38
C VAL C 203 4.77 -14.51 -9.41
N VAL C 204 5.13 -13.24 -9.47
CA VAL C 204 6.13 -12.79 -10.42
C VAL C 204 7.43 -12.39 -9.70
N GLU C 205 8.55 -12.86 -10.22
CA GLU C 205 9.83 -12.49 -9.66
C GLU C 205 10.53 -11.65 -10.73
N VAL C 206 11.07 -10.51 -10.33
CA VAL C 206 11.74 -9.63 -11.27
C VAL C 206 13.18 -9.35 -10.87
N GLU C 207 13.96 -8.90 -11.84
CA GLU C 207 15.36 -8.60 -11.63
C GLU C 207 15.51 -7.21 -11.02
N GLU C 208 14.56 -6.34 -11.30
CA GLU C 208 14.63 -4.99 -10.79
C GLU C 208 13.26 -4.34 -10.61
N ILE C 209 13.14 -3.53 -9.58
CA ILE C 209 11.91 -2.81 -9.29
C ILE C 209 12.19 -1.34 -9.52
N VAL C 210 11.42 -0.73 -10.42
CA VAL C 210 11.60 0.67 -10.75
C VAL C 210 10.42 1.52 -10.31
N ASP C 211 10.50 2.82 -10.57
CA ASP C 211 9.44 3.72 -10.15
C ASP C 211 8.29 3.81 -11.14
N ILE C 212 7.11 4.07 -10.61
CA ILE C 212 5.95 4.22 -11.45
C ILE C 212 6.34 5.38 -12.33
N GLY C 213 6.14 5.24 -13.63
CA GLY C 213 6.49 6.31 -14.54
C GLY C 213 7.67 5.90 -15.39
N SER C 214 8.37 4.84 -14.99
CA SER C 214 9.52 4.35 -15.74
C SER C 214 9.09 3.76 -17.08
N PHE C 215 7.88 3.19 -17.11
CA PHE C 215 7.35 2.58 -18.32
C PHE C 215 6.40 3.49 -19.05
N ALA C 216 6.44 3.45 -20.38
CA ALA C 216 5.48 4.20 -21.16
C ALA C 216 4.21 3.33 -20.96
N PRO C 217 3.06 3.95 -20.74
CA PRO C 217 1.81 3.20 -20.53
C PRO C 217 1.54 2.18 -21.65
N GLU C 218 1.92 2.54 -22.88
CA GLU C 218 1.75 1.68 -24.04
C GLU C 218 2.67 0.48 -24.02
N ASP C 219 3.73 0.56 -23.22
CA ASP C 219 4.70 -0.53 -23.22
C ASP C 219 4.76 -1.44 -22.02
N ILE C 220 3.66 -1.53 -21.29
CA ILE C 220 3.61 -2.43 -20.15
C ILE C 220 3.17 -3.77 -20.71
N HIS C 221 4.03 -4.79 -20.61
CA HIS C 221 3.72 -6.12 -21.15
C HIS C 221 2.65 -6.85 -20.35
N ILE C 222 2.70 -6.71 -19.03
CA ILE C 222 1.74 -7.33 -18.14
C ILE C 222 1.18 -6.29 -17.17
N PRO C 223 -0.07 -5.86 -17.38
CA PRO C 223 -0.68 -4.87 -16.49
C PRO C 223 -0.76 -5.43 -15.06
N LYS C 224 -0.64 -4.54 -14.09
CA LYS C 224 -0.67 -4.90 -12.66
C LYS C 224 -1.86 -5.77 -12.26
N ILE C 225 -2.98 -5.64 -12.96
CA ILE C 225 -4.17 -6.42 -12.64
C ILE C 225 -3.89 -7.91 -12.66
N TYR C 226 -2.90 -8.35 -13.42
CA TYR C 226 -2.58 -9.78 -13.49
C TYR C 226 -1.53 -10.19 -12.46
N VAL C 227 -0.84 -9.21 -11.89
CA VAL C 227 0.21 -9.50 -10.92
C VAL C 227 -0.29 -9.45 -9.48
N HIS C 228 -0.51 -10.62 -8.88
CA HIS C 228 -1.00 -10.70 -7.50
C HIS C 228 0.10 -10.58 -6.46
N ARG C 229 1.19 -11.30 -6.68
CA ARG C 229 2.32 -11.26 -5.77
C ARG C 229 3.58 -10.98 -6.57
N LEU C 230 4.36 -10.01 -6.09
CA LEU C 230 5.58 -9.62 -6.73
C LEU C 230 6.76 -9.72 -5.77
N VAL C 231 7.88 -10.23 -6.27
CA VAL C 231 9.07 -10.36 -5.45
C VAL C 231 10.32 -10.09 -6.30
N LYS C 232 11.32 -9.47 -5.67
CA LYS C 232 12.55 -9.18 -6.37
C LYS C 232 13.47 -10.37 -6.16
N GLY C 233 13.86 -11.03 -7.25
CA GLY C 233 14.73 -12.19 -7.15
C GLY C 233 16.05 -11.87 -6.47
N GLU C 234 16.46 -12.72 -5.53
CA GLU C 234 17.70 -12.53 -4.80
C GLU C 234 18.93 -12.64 -5.68
N LYS C 235 19.03 -13.75 -6.41
CA LYS C 235 20.16 -13.99 -7.27
C LYS C 235 19.69 -14.50 -8.61
N TYR C 236 20.50 -14.29 -9.63
CA TYR C 236 20.15 -14.74 -10.98
C TYR C 236 21.34 -15.33 -11.73
N GLU C 237 21.26 -16.63 -11.96
CA GLU C 237 22.30 -17.33 -12.69
C GLU C 237 21.90 -17.26 -14.16
N LYS C 238 22.57 -16.40 -14.91
CA LYS C 238 22.26 -16.24 -16.32
C LYS C 238 22.68 -17.52 -17.05
N ARG C 239 22.10 -18.64 -16.66
CA ARG C 239 22.48 -19.92 -17.25
C ARG C 239 22.12 -20.12 -18.70
N ILE C 240 23.11 -20.61 -19.45
CA ILE C 240 22.98 -20.88 -20.88
C ILE C 240 22.96 -22.39 -21.05
N GLU C 241 22.04 -22.90 -21.85
CA GLU C 241 21.97 -24.33 -22.07
C GLU C 241 22.91 -24.75 -23.21
N ARG C 242 22.92 -23.97 -24.29
CA ARG C 242 23.77 -24.27 -25.43
C ARG C 242 24.46 -23.04 -25.99
N LEU C 243 25.66 -22.76 -25.49
CA LEU C 243 26.44 -21.61 -25.93
C LEU C 243 26.83 -21.83 -27.38
N SER C 244 26.35 -20.96 -28.26
CA SER C 244 26.66 -21.06 -29.68
C SER C 244 27.26 -19.73 -30.08
N VAL C 245 28.57 -19.71 -30.25
CA VAL C 245 29.29 -18.47 -30.59
C VAL C 245 29.98 -18.55 -31.95
N ARG C 246 30.07 -17.42 -32.64
CA ARG C 246 30.72 -17.38 -33.94
C ARG C 246 32.11 -16.73 -33.84
N ASN C 261 30.06 -33.34 -49.84
CA ASN C 261 29.30 -33.94 -48.75
C ASN C 261 27.83 -34.16 -49.11
N VAL C 262 27.23 -35.15 -48.47
CA VAL C 262 25.83 -35.48 -48.68
C VAL C 262 25.02 -34.34 -48.07
N ARG C 263 25.42 -33.95 -46.87
CA ARG C 263 24.76 -32.87 -46.14
C ARG C 263 24.86 -31.58 -46.95
N GLU C 264 26.02 -31.36 -47.56
CA GLU C 264 26.26 -30.17 -48.36
C GLU C 264 25.33 -30.02 -49.56
N ARG C 265 25.04 -31.13 -50.23
CA ARG C 265 24.15 -31.10 -51.39
C ARG C 265 22.78 -30.57 -50.97
N ILE C 266 22.19 -31.24 -49.98
CA ILE C 266 20.87 -30.87 -49.46
C ILE C 266 20.86 -29.39 -49.08
N ILE C 267 21.86 -28.97 -48.33
CA ILE C 267 21.96 -27.57 -47.91
C ILE C 267 21.94 -26.63 -49.11
N LYS C 268 22.85 -26.86 -50.05
CA LYS C 268 22.94 -26.02 -51.24
C LYS C 268 21.65 -26.01 -52.06
N ARG C 269 20.83 -27.04 -51.94
CA ARG C 269 19.57 -27.08 -52.68
C ARG C 269 18.46 -26.39 -51.88
N ALA C 270 18.44 -26.65 -50.58
CA ALA C 270 17.45 -26.05 -49.70
C ALA C 270 17.56 -24.53 -49.74
N ALA C 271 18.79 -24.03 -49.92
CA ALA C 271 19.04 -22.60 -49.97
C ALA C 271 18.32 -21.92 -51.11
N LEU C 272 17.95 -22.69 -52.13
CA LEU C 272 17.25 -22.14 -53.27
C LEU C 272 15.76 -21.93 -53.01
N GLU C 273 15.30 -22.43 -51.86
CA GLU C 273 13.89 -22.28 -51.48
C GLU C 273 13.59 -20.88 -50.94
N PHE C 274 14.62 -20.18 -50.47
CA PHE C 274 14.45 -18.83 -49.92
C PHE C 274 14.12 -17.81 -51.01
N GLU C 275 13.36 -16.80 -50.63
CA GLU C 275 12.96 -15.74 -51.55
C GLU C 275 13.00 -14.40 -50.85
N ASP C 276 13.21 -13.34 -51.62
CA ASP C 276 13.29 -11.98 -51.07
C ASP C 276 11.98 -11.57 -50.41
N GLY C 277 12.06 -11.03 -49.20
CA GLY C 277 10.88 -10.61 -48.46
C GLY C 277 10.12 -11.74 -47.80
N MET C 278 10.68 -12.94 -47.85
CA MET C 278 10.06 -14.12 -47.28
C MET C 278 10.21 -14.22 -45.77
N TYR C 279 9.17 -14.74 -45.12
CA TYR C 279 9.17 -14.95 -43.69
C TYR C 279 9.31 -16.44 -43.54
N ALA C 280 10.32 -16.88 -42.79
CA ALA C 280 10.53 -18.31 -42.63
C ALA C 280 10.93 -18.75 -41.23
N ASN C 281 10.62 -20.00 -40.93
CA ASN C 281 10.95 -20.61 -39.65
C ASN C 281 11.79 -21.81 -40.03
N LEU C 282 13.03 -21.82 -39.57
CA LEU C 282 13.98 -22.89 -39.90
C LEU C 282 14.40 -23.70 -38.69
N GLY C 283 14.28 -25.02 -38.79
CA GLY C 283 14.69 -25.88 -37.69
C GLY C 283 16.20 -25.92 -37.57
N ILE C 284 16.72 -26.08 -36.36
CA ILE C 284 18.17 -26.17 -36.20
C ILE C 284 18.63 -27.37 -37.01
N GLY C 285 19.81 -27.27 -37.58
CA GLY C 285 20.31 -28.35 -38.39
C GLY C 285 20.51 -27.85 -39.80
N ILE C 286 20.27 -28.71 -40.78
CA ILE C 286 20.44 -28.30 -42.16
C ILE C 286 19.57 -27.12 -42.58
N PRO C 287 18.32 -27.04 -42.08
CA PRO C 287 17.48 -25.91 -42.47
C PRO C 287 18.12 -24.58 -42.07
N LEU C 288 18.51 -24.47 -40.81
CA LEU C 288 19.13 -23.25 -40.30
C LEU C 288 20.45 -22.98 -41.04
N LEU C 289 21.27 -24.01 -41.16
CA LEU C 289 22.57 -23.89 -41.84
C LEU C 289 22.40 -23.34 -43.25
N ALA C 290 21.28 -23.66 -43.88
CA ALA C 290 21.01 -23.20 -45.24
C ALA C 290 20.86 -21.69 -45.32
N SER C 291 20.45 -21.06 -44.22
CA SER C 291 20.26 -19.61 -44.21
C SER C 291 21.59 -18.88 -44.41
N ASN C 292 22.69 -19.57 -44.12
CA ASN C 292 24.02 -18.98 -44.25
C ASN C 292 24.36 -18.72 -45.71
N PHE C 293 23.66 -19.43 -46.59
CA PHE C 293 23.90 -19.30 -48.02
C PHE C 293 22.85 -18.42 -48.70
N ILE C 294 22.35 -17.43 -47.97
CA ILE C 294 21.35 -16.52 -48.52
C ILE C 294 22.02 -15.28 -49.09
N SER C 295 21.74 -15.01 -50.36
CA SER C 295 22.32 -13.85 -51.04
C SER C 295 22.14 -12.58 -50.22
N PRO C 296 23.24 -11.82 -50.02
CA PRO C 296 23.18 -10.58 -49.23
C PRO C 296 22.19 -9.59 -49.84
N ASN C 297 21.83 -9.80 -51.10
CA ASN C 297 20.89 -8.94 -51.79
C ASN C 297 19.46 -9.37 -51.49
N MET C 298 19.31 -10.62 -51.05
CA MET C 298 18.02 -11.18 -50.72
C MET C 298 17.72 -10.97 -49.24
N THR C 299 16.49 -10.59 -48.92
CA THR C 299 16.10 -10.35 -47.54
C THR C 299 15.14 -11.43 -47.09
N VAL C 300 15.52 -12.15 -46.05
CA VAL C 300 14.68 -13.21 -45.50
C VAL C 300 14.54 -12.96 -44.01
N HIS C 301 13.30 -12.97 -43.51
CA HIS C 301 13.06 -12.76 -42.09
C HIS C 301 12.81 -14.07 -41.38
N LEU C 302 13.70 -14.38 -40.44
CA LEU C 302 13.59 -15.63 -39.70
C LEU C 302 12.82 -15.45 -38.40
N GLN C 303 11.83 -16.31 -38.23
CA GLN C 303 10.95 -16.32 -37.07
C GLN C 303 11.33 -17.49 -36.15
N SER C 304 11.27 -17.26 -34.85
CA SER C 304 11.60 -18.31 -33.88
C SER C 304 10.36 -18.51 -33.01
N GLU C 305 9.90 -19.76 -32.91
CA GLU C 305 8.69 -20.05 -32.16
C GLU C 305 8.68 -19.63 -30.70
N ASN C 306 9.84 -19.32 -30.13
CA ASN C 306 9.87 -18.91 -28.73
C ASN C 306 9.62 -17.41 -28.60
N GLY C 307 9.26 -16.78 -29.71
CA GLY C 307 8.92 -15.36 -29.66
C GLY C 307 9.84 -14.33 -30.28
N ILE C 308 10.46 -14.66 -31.42
CA ILE C 308 11.39 -13.76 -32.08
C ILE C 308 11.15 -13.60 -33.57
N LEU C 309 11.21 -12.38 -34.05
CA LEU C 309 11.11 -12.13 -35.49
C LEU C 309 12.33 -11.31 -35.89
N GLY C 310 13.16 -11.89 -36.76
CA GLY C 310 14.37 -11.21 -37.19
C GLY C 310 15.63 -11.78 -36.55
N LEU C 311 15.73 -13.11 -36.52
CA LEU C 311 16.89 -13.75 -35.93
C LEU C 311 18.16 -13.41 -36.72
N GLY C 312 19.25 -13.19 -35.98
CA GLY C 312 20.51 -12.88 -36.61
C GLY C 312 21.48 -14.04 -36.43
N PRO C 313 22.78 -13.81 -36.68
CA PRO C 313 23.84 -14.81 -36.54
C PRO C 313 24.14 -15.13 -35.08
N TYR C 314 24.90 -16.19 -34.84
CA TYR C 314 25.29 -16.55 -33.48
C TYR C 314 26.12 -15.36 -33.00
N PRO C 315 26.08 -15.09 -31.69
CA PRO C 315 26.84 -13.97 -31.15
C PRO C 315 28.34 -14.21 -31.02
N LEU C 316 29.07 -13.11 -30.86
CA LEU C 316 30.50 -13.13 -30.63
C LEU C 316 30.53 -13.32 -29.11
N GLN C 317 31.67 -13.69 -28.56
CA GLN C 317 31.75 -13.92 -27.11
C GLN C 317 31.11 -12.82 -26.27
N ASN C 318 31.28 -11.58 -26.70
CA ASN C 318 30.75 -10.42 -26.00
C ASN C 318 29.30 -10.09 -26.31
N GLU C 319 28.71 -10.76 -27.29
CA GLU C 319 27.31 -10.51 -27.62
C GLU C 319 26.38 -11.45 -26.86
N VAL C 320 26.92 -12.60 -26.44
CA VAL C 320 26.13 -13.60 -25.72
C VAL C 320 25.17 -13.07 -24.66
N ASP C 321 23.91 -13.47 -24.78
CA ASP C 321 22.87 -13.05 -23.83
C ASP C 321 21.97 -14.26 -23.53
N ALA C 322 21.84 -14.58 -22.24
CA ALA C 322 21.03 -15.70 -21.83
C ALA C 322 19.54 -15.49 -22.12
N ASP C 323 19.11 -14.24 -22.24
CA ASP C 323 17.71 -13.96 -22.53
C ASP C 323 17.38 -14.07 -24.02
N LEU C 324 18.39 -14.35 -24.84
CA LEU C 324 18.19 -14.45 -26.28
C LEU C 324 18.70 -15.76 -26.89
N ILE C 325 17.76 -16.67 -27.17
CA ILE C 325 18.10 -17.97 -27.75
C ILE C 325 17.07 -18.33 -28.80
N ASN C 326 17.38 -19.28 -29.68
CA ASN C 326 16.42 -19.69 -30.69
C ASN C 326 15.64 -20.89 -30.15
N ALA C 327 14.76 -21.44 -30.99
CA ALA C 327 13.94 -22.57 -30.59
C ALA C 327 14.79 -23.79 -30.26
N GLY C 328 15.99 -23.85 -30.85
CA GLY C 328 16.88 -24.96 -30.58
C GLY C 328 17.63 -24.77 -29.27
N LYS C 329 17.33 -23.70 -28.56
CA LYS C 329 17.96 -23.42 -27.28
C LYS C 329 19.37 -22.81 -27.41
N GLU C 330 19.76 -22.45 -28.63
CA GLU C 330 21.08 -21.87 -28.86
C GLU C 330 21.08 -20.37 -28.71
N THR C 331 22.14 -19.83 -28.13
CA THR C 331 22.27 -18.38 -27.98
C THR C 331 22.36 -17.82 -29.40
N VAL C 332 21.68 -16.72 -29.65
CA VAL C 332 21.72 -16.10 -30.98
C VAL C 332 21.72 -14.59 -30.83
N THR C 333 21.67 -13.90 -31.96
CA THR C 333 21.60 -12.44 -31.95
C THR C 333 20.36 -12.13 -32.76
N VAL C 334 20.01 -10.85 -32.79
CA VAL C 334 18.85 -10.43 -33.54
C VAL C 334 19.30 -9.27 -34.45
N LEU C 335 18.70 -9.18 -35.63
CA LEU C 335 19.05 -8.12 -36.59
C LEU C 335 18.23 -6.85 -36.35
N PRO C 336 18.59 -5.75 -37.03
CA PRO C 336 17.84 -4.49 -36.85
C PRO C 336 16.40 -4.63 -37.33
N GLY C 337 15.48 -3.98 -36.64
CA GLY C 337 14.08 -4.07 -37.01
C GLY C 337 13.44 -5.37 -36.54
N ALA C 338 14.12 -6.05 -35.62
CA ALA C 338 13.63 -7.30 -35.05
C ALA C 338 12.58 -7.00 -33.97
N SER C 339 11.84 -8.02 -33.57
CA SER C 339 10.83 -7.86 -32.53
C SER C 339 10.68 -9.09 -31.65
N TYR C 340 10.21 -8.88 -30.43
CA TYR C 340 9.96 -9.94 -29.46
C TYR C 340 8.47 -10.00 -29.14
N PHE C 341 7.96 -11.19 -28.89
CA PHE C 341 6.56 -11.38 -28.54
C PHE C 341 6.41 -12.70 -27.79
N SER C 342 5.27 -12.87 -27.13
CA SER C 342 5.03 -14.08 -26.33
C SER C 342 4.81 -15.36 -27.12
N SER C 343 4.83 -16.49 -26.39
CA SER C 343 4.66 -17.82 -26.96
C SER C 343 3.30 -17.98 -27.60
N ASP C 344 2.27 -17.40 -26.99
CA ASP C 344 0.94 -17.49 -27.55
C ASP C 344 0.84 -16.64 -28.83
N GLU C 345 1.45 -15.46 -28.83
CA GLU C 345 1.43 -14.63 -30.02
C GLU C 345 2.26 -15.32 -31.12
N SER C 346 3.41 -15.86 -30.73
CA SER C 346 4.30 -16.53 -31.69
C SER C 346 3.55 -17.65 -32.46
N PHE C 347 2.74 -18.41 -31.74
CA PHE C 347 2.02 -19.50 -32.35
C PHE C 347 0.75 -19.07 -33.06
N ALA C 348 0.22 -17.91 -32.71
CA ALA C 348 -0.94 -17.40 -33.42
C ALA C 348 -0.38 -17.03 -34.82
N MET C 349 0.84 -16.52 -34.83
CA MET C 349 1.54 -16.11 -36.03
C MET C 349 1.76 -17.33 -36.95
N ILE C 350 2.26 -18.41 -36.37
CA ILE C 350 2.51 -19.65 -37.08
C ILE C 350 1.23 -20.38 -37.49
N ARG C 351 0.32 -20.56 -36.53
CA ARG C 351 -0.93 -21.25 -36.80
C ARG C 351 -1.76 -20.48 -37.83
N GLY C 352 -1.74 -19.15 -37.71
CA GLY C 352 -2.47 -18.29 -38.63
C GLY C 352 -1.87 -18.24 -40.03
N GLY C 353 -0.78 -18.97 -40.25
CA GLY C 353 -0.17 -19.00 -41.57
C GLY C 353 0.51 -17.73 -42.03
N HIS C 354 1.03 -16.93 -41.10
CA HIS C 354 1.69 -15.70 -41.48
C HIS C 354 3.13 -15.97 -41.90
N VAL C 355 3.63 -17.15 -41.56
CA VAL C 355 4.97 -17.53 -41.95
C VAL C 355 4.86 -18.20 -43.32
N ASN C 356 5.65 -17.71 -44.27
CA ASN C 356 5.62 -18.21 -45.63
C ASN C 356 6.20 -19.63 -45.75
N LEU C 357 7.38 -19.83 -45.17
CA LEU C 357 8.03 -21.11 -45.28
C LEU C 357 8.53 -21.73 -43.97
N THR C 358 8.21 -22.99 -43.79
CA THR C 358 8.67 -23.74 -42.64
C THR C 358 9.55 -24.84 -43.26
N MET C 359 10.78 -24.91 -42.79
CA MET C 359 11.74 -25.89 -43.30
C MET C 359 12.28 -26.65 -42.11
N LEU C 360 12.16 -27.97 -42.13
CA LEU C 360 12.64 -28.77 -41.02
C LEU C 360 13.40 -30.04 -41.42
N GLY C 361 14.18 -30.56 -40.47
CA GLY C 361 14.95 -31.77 -40.69
C GLY C 361 14.44 -32.93 -39.85
N VAL C 381 10.67 -40.98 -26.56
CA VAL C 381 9.45 -40.26 -26.19
C VAL C 381 9.69 -38.90 -25.49
N LYS C 382 10.25 -37.94 -26.21
CA LYS C 382 10.56 -36.63 -25.62
C LYS C 382 9.54 -35.51 -25.89
N GLY C 383 8.66 -35.70 -26.88
CA GLY C 383 7.66 -34.69 -27.17
C GLY C 383 7.79 -34.05 -28.54
N MET C 384 6.74 -33.37 -28.97
CA MET C 384 6.73 -32.74 -30.29
C MET C 384 7.28 -31.32 -30.33
N GLY C 385 7.30 -30.65 -29.18
CA GLY C 385 7.76 -29.28 -29.16
C GLY C 385 6.76 -28.49 -29.98
N GLY C 386 7.25 -27.70 -30.93
CA GLY C 386 6.37 -26.90 -31.77
C GLY C 386 6.21 -27.45 -33.18
N ALA C 387 6.80 -28.62 -33.42
CA ALA C 387 6.77 -29.27 -34.74
C ALA C 387 5.38 -29.46 -35.34
N MET C 388 4.40 -29.81 -34.52
CA MET C 388 3.04 -30.01 -35.02
C MET C 388 2.38 -28.69 -35.41
N ASP C 389 2.68 -27.63 -34.67
CA ASP C 389 2.14 -26.31 -34.98
C ASP C 389 2.70 -25.79 -36.30
N LEU C 390 3.99 -26.04 -36.53
CA LEU C 390 4.66 -25.56 -37.74
C LEU C 390 4.16 -26.16 -39.04
N VAL C 391 3.40 -27.25 -38.97
CA VAL C 391 2.86 -27.87 -40.18
C VAL C 391 1.33 -27.84 -40.17
N SER C 392 0.76 -27.07 -39.24
CA SER C 392 -0.69 -26.99 -39.11
C SER C 392 -1.38 -26.03 -40.06
N SER C 393 -0.63 -25.13 -40.67
CA SER C 393 -1.27 -24.19 -41.58
C SER C 393 -1.12 -24.54 -43.06
N ALA C 394 -2.26 -24.58 -43.75
CA ALA C 394 -2.28 -24.88 -45.18
C ALA C 394 -1.74 -23.71 -46.00
N LYS C 395 -1.55 -22.56 -45.38
CA LYS C 395 -1.04 -21.38 -46.06
C LYS C 395 0.48 -21.33 -46.03
N THR C 396 1.08 -22.19 -45.22
CA THR C 396 2.54 -22.23 -45.11
C THR C 396 3.13 -23.38 -45.89
N LYS C 397 4.15 -23.08 -46.68
CA LYS C 397 4.82 -24.12 -47.46
C LYS C 397 5.77 -24.84 -46.53
N VAL C 398 5.62 -26.15 -46.44
CA VAL C 398 6.46 -26.98 -45.58
C VAL C 398 7.45 -27.77 -46.41
N VAL C 399 8.73 -27.58 -46.10
CA VAL C 399 9.79 -28.27 -46.82
C VAL C 399 10.64 -29.09 -45.84
N VAL C 400 10.75 -30.39 -46.10
CA VAL C 400 11.55 -31.26 -45.25
C VAL C 400 12.89 -31.52 -45.94
N THR C 401 13.98 -31.44 -45.18
CA THR C 401 15.31 -31.68 -45.72
C THR C 401 16.00 -32.88 -45.04
N MET C 402 16.22 -33.92 -45.83
CA MET C 402 16.82 -35.20 -45.41
C MET C 402 18.33 -35.15 -45.20
N CYS C 426 0.33 -32.93 -44.71
CA CYS C 426 1.07 -32.17 -43.71
C CYS C 426 2.32 -31.48 -44.40
N VAL C 427 2.89 -32.10 -45.46
CA VAL C 427 4.11 -31.61 -46.18
C VAL C 427 3.97 -31.27 -47.67
N ASN C 428 4.79 -30.34 -48.16
CA ASN C 428 4.74 -29.90 -49.57
C ASN C 428 5.88 -30.32 -50.48
N ARG C 429 7.11 -30.25 -49.98
CA ARG C 429 8.29 -30.63 -50.76
C ARG C 429 9.31 -31.33 -49.89
N ILE C 430 10.02 -32.29 -50.48
CA ILE C 430 11.03 -33.04 -49.75
C ILE C 430 12.35 -32.95 -50.51
N ILE C 431 13.38 -32.42 -49.84
CA ILE C 431 14.68 -32.29 -50.45
C ILE C 431 15.67 -33.21 -49.77
N THR C 432 16.38 -33.98 -50.58
CA THR C 432 17.36 -34.91 -50.04
C THR C 432 18.65 -34.85 -50.83
N GLU C 433 19.53 -35.79 -50.52
CA GLU C 433 20.83 -35.92 -51.15
C GLU C 433 20.70 -36.40 -52.59
N LYS C 434 19.76 -37.32 -52.80
CA LYS C 434 19.50 -37.91 -54.11
C LYS C 434 18.50 -37.18 -54.98
N ALA C 435 17.41 -36.68 -54.39
CA ALA C 435 16.40 -36.00 -55.20
C ALA C 435 15.48 -35.03 -54.48
N VAL C 436 14.63 -34.38 -55.27
CA VAL C 436 13.66 -33.42 -54.74
C VAL C 436 12.27 -33.85 -55.20
N PHE C 437 11.40 -34.13 -54.23
CA PHE C 437 10.03 -34.55 -54.54
C PHE C 437 9.03 -33.47 -54.20
N ASP C 438 8.07 -33.24 -55.09
CA ASP C 438 7.01 -32.29 -54.81
C ASP C 438 5.92 -33.16 -54.23
N VAL C 439 4.98 -32.57 -53.50
CA VAL C 439 3.93 -33.37 -52.90
C VAL C 439 2.55 -32.79 -53.14
N ASP C 440 1.63 -33.62 -53.63
CA ASP C 440 0.26 -33.17 -53.84
C ASP C 440 -0.77 -34.09 -53.18
N ARG C 441 -1.50 -33.55 -52.20
CA ARG C 441 -2.53 -34.29 -51.47
C ARG C 441 -3.20 -35.40 -52.29
N LYS C 442 -3.73 -35.03 -53.45
CA LYS C 442 -4.44 -35.97 -54.30
C LYS C 442 -3.63 -36.65 -55.41
N LYS C 443 -2.38 -36.24 -55.58
CA LYS C 443 -1.53 -36.82 -56.61
C LYS C 443 -0.40 -37.63 -56.00
N GLY C 444 0.11 -37.14 -54.87
CA GLY C 444 1.18 -37.83 -54.16
C GLY C 444 2.59 -37.36 -54.50
N LEU C 445 3.57 -38.19 -54.14
CA LEU C 445 4.96 -37.89 -54.41
C LEU C 445 5.22 -37.78 -55.91
N THR C 446 6.13 -36.89 -56.27
CA THR C 446 6.46 -36.70 -57.66
C THR C 446 7.87 -36.13 -57.78
N LEU C 447 8.79 -36.97 -58.24
CA LEU C 447 10.17 -36.57 -58.41
C LEU C 447 10.18 -35.42 -59.40
N ILE C 448 10.90 -34.35 -59.09
CA ILE C 448 10.96 -33.20 -59.97
C ILE C 448 12.40 -32.80 -60.21
N GLU C 449 13.30 -33.37 -59.42
CA GLU C 449 14.71 -33.06 -59.56
C GLU C 449 15.52 -34.28 -59.17
N LEU C 450 16.60 -34.53 -59.89
CA LEU C 450 17.45 -35.68 -59.63
C LEU C 450 18.90 -35.25 -59.61
N TRP C 451 19.68 -35.84 -58.70
CA TRP C 451 21.08 -35.50 -58.59
C TRP C 451 21.83 -35.97 -59.85
N GLU C 452 22.52 -35.03 -60.49
CA GLU C 452 23.29 -35.32 -61.71
C GLU C 452 24.15 -36.56 -61.53
N GLY C 453 23.84 -37.59 -62.31
CA GLY C 453 24.60 -38.83 -62.23
C GLY C 453 23.70 -39.98 -61.82
N LEU C 454 22.70 -39.70 -61.00
CA LEU C 454 21.80 -40.75 -60.57
C LEU C 454 20.70 -40.95 -61.61
N THR C 455 19.95 -42.03 -61.46
CA THR C 455 18.86 -42.35 -62.38
C THR C 455 17.59 -42.59 -61.59
N VAL C 456 16.46 -42.61 -62.29
CA VAL C 456 15.17 -42.82 -61.66
C VAL C 456 15.16 -44.18 -60.96
N ASP C 457 16.00 -45.09 -61.44
CA ASP C 457 16.10 -46.41 -60.86
C ASP C 457 16.76 -46.34 -59.50
N ASP C 458 17.83 -45.54 -59.41
CA ASP C 458 18.53 -45.38 -58.13
C ASP C 458 17.52 -44.91 -57.09
N ILE C 459 16.75 -43.89 -57.46
CA ILE C 459 15.74 -43.34 -56.57
C ILE C 459 14.77 -44.44 -56.14
N LYS C 460 14.14 -45.07 -57.11
CA LYS C 460 13.20 -46.14 -56.84
C LYS C 460 13.81 -47.20 -55.92
N LYS C 461 15.12 -47.39 -56.04
CA LYS C 461 15.84 -48.36 -55.22
C LYS C 461 15.97 -47.93 -53.77
N SER C 462 16.09 -46.62 -53.55
CA SER C 462 16.24 -46.07 -52.20
C SER C 462 14.90 -45.66 -51.57
N THR C 463 14.02 -45.12 -52.40
CA THR C 463 12.71 -44.67 -51.94
C THR C 463 11.80 -45.85 -51.62
N GLY C 464 11.06 -45.74 -50.52
CA GLY C 464 10.15 -46.80 -50.14
C GLY C 464 8.84 -46.69 -50.90
N CYS C 465 8.26 -45.49 -50.89
CA CYS C 465 6.99 -45.21 -51.56
C CYS C 465 7.20 -45.10 -53.08
N ASP C 466 6.15 -45.37 -53.85
CA ASP C 466 6.27 -45.25 -55.31
C ASP C 466 6.22 -43.74 -55.55
N PHE C 467 6.33 -43.32 -56.81
CA PHE C 467 6.31 -41.88 -57.09
C PHE C 467 6.26 -41.58 -58.58
N ALA C 468 5.61 -40.46 -58.93
CA ALA C 468 5.53 -40.05 -60.31
C ALA C 468 6.84 -39.37 -60.72
N VAL C 469 6.94 -38.98 -61.98
CA VAL C 469 8.14 -38.31 -62.46
C VAL C 469 7.76 -37.12 -63.34
N SER C 470 8.12 -35.93 -62.89
CA SER C 470 7.82 -34.73 -63.64
C SER C 470 8.51 -34.71 -65.01
N PRO C 471 7.74 -34.49 -66.08
CA PRO C 471 8.30 -34.45 -67.44
C PRO C 471 9.34 -33.34 -67.54
N LYS C 472 9.47 -32.56 -66.47
CA LYS C 472 10.43 -31.46 -66.42
C LYS C 472 11.58 -31.84 -65.51
N LEU C 473 11.65 -33.12 -65.17
CA LEU C 473 12.70 -33.64 -64.30
C LEU C 473 14.05 -33.08 -64.73
N ILE C 474 14.72 -32.38 -63.81
CA ILE C 474 16.01 -31.78 -64.10
C ILE C 474 17.04 -32.22 -63.08
N PRO C 475 18.32 -31.86 -63.31
CA PRO C 475 19.34 -32.25 -62.35
C PRO C 475 19.14 -31.39 -61.10
N MET C 476 19.35 -31.96 -59.92
CA MET C 476 19.16 -31.21 -58.68
C MET C 476 19.95 -29.92 -58.73
N GLN C 477 19.27 -28.82 -58.39
CA GLN C 477 19.90 -27.50 -58.40
C GLN C 477 20.84 -27.35 -57.20
N GLN C 478 21.68 -26.34 -57.25
CA GLN C 478 22.65 -26.12 -56.19
C GLN C 478 22.97 -24.61 -56.17
N VAL C 479 22.93 -23.98 -55.01
CA VAL C 479 23.22 -22.55 -54.98
C VAL C 479 24.56 -22.21 -55.60
N THR C 480 24.51 -21.35 -56.62
CA THR C 480 25.71 -20.92 -57.31
C THR C 480 26.47 -19.97 -56.39
N THR C 481 27.32 -20.54 -55.54
CA THR C 481 28.11 -19.75 -54.59
C THR C 481 29.34 -19.13 -55.27
N THR D 1 6.93 -5.82 -45.79
CA THR D 1 5.92 -4.75 -46.02
C THR D 1 6.32 -3.77 -47.13
N LYS D 2 5.32 -3.34 -47.89
CA LYS D 2 5.53 -2.42 -48.99
C LYS D 2 4.99 -1.04 -48.62
N PHE D 3 5.82 -0.02 -48.78
CA PHE D 3 5.41 1.35 -48.47
C PHE D 3 4.80 2.02 -49.70
N TYR D 4 3.74 2.79 -49.48
CA TYR D 4 3.06 3.51 -50.54
C TYR D 4 3.08 5.00 -50.22
N THR D 5 3.25 5.82 -51.25
CA THR D 5 3.27 7.27 -51.07
C THR D 5 1.86 7.79 -51.29
N ASP D 6 1.02 6.94 -51.85
CA ASP D 6 -0.35 7.31 -52.14
C ASP D 6 -1.37 6.34 -51.55
N ALA D 7 -2.24 6.87 -50.70
CA ALA D 7 -3.27 6.10 -50.03
C ALA D 7 -4.27 5.40 -50.96
N VAL D 8 -4.68 6.06 -52.04
CA VAL D 8 -5.62 5.43 -52.95
C VAL D 8 -4.96 4.24 -53.64
N GLU D 9 -3.68 4.37 -53.96
CA GLU D 9 -2.98 3.27 -54.62
C GLU D 9 -2.92 2.03 -53.73
N ALA D 10 -2.85 2.25 -52.44
CA ALA D 10 -2.75 1.16 -51.46
C ALA D 10 -4.04 0.36 -51.29
N VAL D 11 -5.18 0.95 -51.64
CA VAL D 11 -6.47 0.27 -51.50
C VAL D 11 -7.19 0.11 -52.83
N LYS D 12 -6.51 0.48 -53.90
CA LYS D 12 -7.05 0.43 -55.26
C LYS D 12 -7.61 -0.91 -55.70
N ASP D 13 -7.02 -2.00 -55.24
CA ASP D 13 -7.49 -3.33 -55.66
C ASP D 13 -8.57 -4.00 -54.82
N ILE D 14 -9.18 -3.27 -53.90
CA ILE D 14 -10.24 -3.85 -53.09
C ILE D 14 -11.46 -4.08 -54.00
N PRO D 15 -11.90 -5.33 -54.13
CA PRO D 15 -13.04 -5.70 -54.97
C PRO D 15 -14.38 -5.34 -54.34
N ASN D 16 -15.39 -5.12 -55.17
CA ASN D 16 -16.72 -4.82 -54.65
C ASN D 16 -17.16 -6.10 -53.93
N GLY D 17 -17.88 -5.93 -52.83
CA GLY D 17 -18.35 -7.07 -52.08
C GLY D 17 -17.36 -7.64 -51.06
N ALA D 18 -16.14 -7.11 -51.05
CA ALA D 18 -15.12 -7.57 -50.13
C ALA D 18 -15.50 -7.29 -48.68
N THR D 19 -15.03 -8.11 -47.74
CA THR D 19 -15.31 -7.79 -46.37
C THR D 19 -14.00 -7.14 -45.89
N VAL D 20 -14.15 -5.97 -45.29
CA VAL D 20 -13.03 -5.17 -44.85
C VAL D 20 -13.08 -4.88 -43.37
N LEU D 21 -11.96 -5.12 -42.70
CA LEU D 21 -11.85 -4.87 -41.28
C LEU D 21 -11.43 -3.40 -41.18
N VAL D 22 -12.10 -2.64 -40.31
CA VAL D 22 -11.76 -1.23 -40.16
C VAL D 22 -11.49 -0.95 -38.69
N GLY D 23 -10.27 -0.52 -38.37
CA GLY D 23 -9.93 -0.26 -36.99
C GLY D 23 -10.61 0.96 -36.42
N GLY D 24 -10.52 1.13 -35.10
CA GLY D 24 -11.11 2.27 -34.44
C GLY D 24 -12.19 1.99 -33.40
N PHE D 25 -12.26 2.88 -32.42
CA PHE D 25 -13.25 2.81 -31.36
C PHE D 25 -13.83 4.21 -31.33
N GLY D 26 -15.10 4.34 -31.72
CA GLY D 26 -15.70 5.66 -31.76
C GLY D 26 -14.93 6.41 -32.83
N LEU D 27 -14.32 7.53 -32.49
CA LEU D 27 -13.54 8.28 -33.47
C LEU D 27 -12.04 8.20 -33.10
N CYS D 28 -11.73 7.36 -32.13
CA CYS D 28 -10.35 7.18 -31.67
C CYS D 28 -9.66 6.04 -32.41
N GLY D 29 -8.57 6.36 -33.11
CA GLY D 29 -7.82 5.35 -33.84
C GLY D 29 -8.46 4.90 -35.15
N ILE D 30 -9.20 5.78 -35.82
CA ILE D 30 -9.82 5.40 -37.09
C ILE D 30 -8.88 5.77 -38.22
N PRO D 31 -8.86 4.97 -39.30
CA PRO D 31 -7.98 5.25 -40.44
C PRO D 31 -8.60 6.25 -41.43
N GLU D 32 -8.62 7.52 -41.03
CA GLU D 32 -9.17 8.61 -41.84
C GLU D 32 -8.77 8.58 -43.31
N ASN D 33 -7.46 8.59 -43.55
CA ASN D 33 -6.95 8.60 -44.91
C ASN D 33 -7.32 7.39 -45.74
N LEU D 34 -7.32 6.20 -45.16
CA LEU D 34 -7.69 5.01 -45.92
C LEU D 34 -9.18 5.05 -46.22
N ILE D 35 -9.97 5.55 -45.29
CA ILE D 35 -11.40 5.65 -45.49
C ILE D 35 -11.65 6.68 -46.59
N GLY D 36 -10.91 7.78 -46.54
CA GLY D 36 -11.05 8.81 -47.57
C GLY D 36 -10.70 8.23 -48.92
N ALA D 37 -9.73 7.33 -48.95
CA ALA D 37 -9.31 6.71 -50.19
C ALA D 37 -10.42 5.83 -50.76
N LEU D 38 -11.15 5.15 -49.89
CA LEU D 38 -12.25 4.30 -50.37
C LEU D 38 -13.33 5.18 -50.99
N LEU D 39 -13.45 6.40 -50.50
CA LEU D 39 -14.42 7.32 -51.05
C LEU D 39 -14.03 7.63 -52.48
N LYS D 40 -12.72 7.74 -52.74
CA LYS D 40 -12.21 8.00 -54.08
C LYS D 40 -12.44 6.82 -55.02
N THR D 41 -12.06 5.63 -54.59
CA THR D 41 -12.21 4.44 -55.44
C THR D 41 -13.67 4.09 -55.66
N GLY D 42 -14.51 4.39 -54.68
CA GLY D 42 -15.93 4.09 -54.80
C GLY D 42 -16.30 2.63 -54.71
N VAL D 43 -15.41 1.79 -54.17
CA VAL D 43 -15.73 0.37 -54.03
C VAL D 43 -17.04 0.25 -53.25
N LYS D 44 -17.88 -0.71 -53.62
CA LYS D 44 -19.16 -0.86 -52.93
C LYS D 44 -19.52 -2.30 -52.54
N GLU D 45 -20.71 -2.43 -51.96
CA GLU D 45 -21.24 -3.72 -51.51
C GLU D 45 -20.32 -4.33 -50.46
N LEU D 46 -19.61 -3.46 -49.75
CA LEU D 46 -18.68 -3.91 -48.73
C LEU D 46 -19.33 -4.43 -47.46
N THR D 47 -18.68 -5.41 -46.87
CA THR D 47 -19.11 -5.95 -45.58
C THR D 47 -18.00 -5.42 -44.69
N ALA D 48 -18.33 -4.38 -43.93
CA ALA D 48 -17.37 -3.74 -43.06
C ALA D 48 -17.47 -4.24 -41.62
N VAL D 49 -16.35 -4.74 -41.13
CA VAL D 49 -16.27 -5.22 -39.77
C VAL D 49 -15.61 -4.07 -39.02
N SER D 50 -16.40 -3.36 -38.24
CA SER D 50 -15.92 -2.22 -37.49
C SER D 50 -16.70 -2.13 -36.19
N ASN D 51 -16.01 -1.91 -35.08
CA ASN D 51 -16.70 -1.84 -33.80
C ASN D 51 -17.86 -0.85 -33.79
N ASN D 52 -17.63 0.32 -34.38
CA ASN D 52 -18.67 1.34 -34.44
C ASN D 52 -18.75 1.80 -35.89
N ALA D 53 -19.62 2.77 -36.15
CA ALA D 53 -19.77 3.29 -37.51
C ALA D 53 -19.40 4.77 -37.54
N GLY D 54 -18.49 5.16 -36.66
CA GLY D 54 -18.06 6.55 -36.58
C GLY D 54 -19.25 7.45 -36.26
N VAL D 55 -19.34 8.57 -36.97
CA VAL D 55 -20.45 9.51 -36.80
C VAL D 55 -20.99 9.76 -38.19
N ASP D 56 -22.14 10.44 -38.27
CA ASP D 56 -22.77 10.73 -39.55
C ASP D 56 -21.83 11.25 -40.64
N ASN D 57 -20.97 12.18 -40.26
CA ASN D 57 -20.06 12.82 -41.21
C ASN D 57 -18.59 12.51 -41.01
N PHE D 58 -18.27 11.40 -40.37
CA PHE D 58 -16.87 11.07 -40.18
C PHE D 58 -16.68 9.60 -39.84
N GLY D 59 -15.48 9.10 -40.13
CA GLY D 59 -15.20 7.70 -39.88
C GLY D 59 -15.98 6.85 -40.86
N LEU D 60 -16.40 5.68 -40.41
CA LEU D 60 -17.16 4.76 -41.26
C LEU D 60 -18.44 5.40 -41.78
N GLY D 61 -18.96 6.38 -41.03
CA GLY D 61 -20.18 7.06 -41.43
C GLY D 61 -20.12 7.57 -42.86
N LEU D 62 -18.95 8.06 -43.26
CA LEU D 62 -18.75 8.58 -44.60
C LEU D 62 -19.04 7.55 -45.68
N LEU D 63 -18.76 6.29 -45.42
CA LEU D 63 -19.00 5.23 -46.41
C LEU D 63 -20.47 4.84 -46.40
N LEU D 64 -21.15 5.18 -45.31
CA LEU D 64 -22.56 4.91 -45.18
C LEU D 64 -23.27 5.99 -45.99
N GLN D 65 -22.75 7.22 -45.87
CA GLN D 65 -23.28 8.37 -46.59
C GLN D 65 -23.19 8.15 -48.09
N SER D 66 -22.09 7.52 -48.53
CA SER D 66 -21.87 7.25 -49.93
C SER D 66 -22.49 5.91 -50.33
N LYS D 67 -23.08 5.24 -49.34
CA LYS D 67 -23.73 3.96 -49.54
C LYS D 67 -22.82 2.89 -50.13
N GLN D 68 -21.58 2.87 -49.67
CA GLN D 68 -20.61 1.89 -50.14
C GLN D 68 -20.59 0.63 -49.28
N ILE D 69 -21.40 0.64 -48.22
CA ILE D 69 -21.48 -0.50 -47.30
C ILE D 69 -22.78 -1.28 -47.42
N LYS D 70 -22.66 -2.58 -47.65
CA LYS D 70 -23.81 -3.46 -47.77
C LYS D 70 -24.15 -4.01 -46.39
N ARG D 71 -23.11 -4.44 -45.66
CA ARG D 71 -23.31 -4.99 -44.31
C ARG D 71 -22.29 -4.50 -43.30
N MET D 72 -22.76 -4.23 -42.08
CA MET D 72 -21.95 -3.78 -40.97
C MET D 72 -21.95 -4.86 -39.88
N ILE D 73 -20.77 -5.23 -39.40
CA ILE D 73 -20.66 -6.20 -38.31
C ILE D 73 -20.03 -5.35 -37.21
N SER D 74 -20.85 -5.00 -36.23
CA SER D 74 -20.43 -4.11 -35.15
C SER D 74 -21.06 -4.44 -33.80
N SER D 75 -20.56 -3.79 -32.75
CA SER D 75 -21.10 -4.01 -31.41
C SER D 75 -21.98 -2.83 -30.95
N TYR D 76 -21.69 -1.64 -31.45
CA TYR D 76 -22.46 -0.48 -31.05
C TYR D 76 -22.49 0.57 -32.15
N VAL D 77 -23.69 0.83 -32.64
CA VAL D 77 -23.88 1.76 -33.75
C VAL D 77 -24.72 2.94 -33.33
N GLY D 78 -24.44 3.44 -32.13
CA GLY D 78 -25.16 4.57 -31.59
C GLY D 78 -24.36 5.85 -31.77
N GLU D 79 -25.05 6.99 -31.84
CA GLU D 79 -24.42 8.29 -32.02
C GLU D 79 -24.15 8.64 -33.49
N ASN D 80 -24.78 7.87 -34.38
CA ASN D 80 -24.70 8.06 -35.82
C ASN D 80 -26.10 7.79 -36.34
N ALA D 81 -26.87 8.86 -36.49
CA ALA D 81 -28.25 8.81 -36.93
C ALA D 81 -28.47 8.10 -38.26
N GLU D 82 -27.56 8.34 -39.21
CA GLU D 82 -27.66 7.74 -40.53
C GLU D 82 -27.51 6.23 -40.51
N PHE D 83 -26.74 5.73 -39.55
CA PHE D 83 -26.55 4.30 -39.44
C PHE D 83 -27.85 3.69 -38.98
N GLU D 84 -28.39 4.23 -37.88
CA GLU D 84 -29.63 3.75 -37.32
C GLU D 84 -30.72 3.83 -38.39
N ARG D 85 -30.70 4.91 -39.15
CA ARG D 85 -31.68 5.12 -40.21
C ARG D 85 -31.61 4.06 -41.30
N GLN D 86 -30.46 3.89 -41.93
CA GLN D 86 -30.30 2.90 -43.00
C GLN D 86 -30.69 1.51 -42.52
N TYR D 87 -30.39 1.20 -41.27
CA TYR D 87 -30.70 -0.08 -40.68
C TYR D 87 -32.21 -0.25 -40.47
N LEU D 88 -32.83 0.69 -39.78
CA LEU D 88 -34.27 0.61 -39.53
C LEU D 88 -35.05 0.70 -40.84
N ALA D 89 -34.45 1.34 -41.84
CA ALA D 89 -35.08 1.51 -43.15
C ALA D 89 -34.96 0.28 -44.02
N GLY D 90 -34.13 -0.67 -43.59
CA GLY D 90 -33.95 -1.87 -44.38
C GLY D 90 -33.01 -1.74 -45.57
N GLU D 91 -32.19 -0.69 -45.59
CA GLU D 91 -31.26 -0.53 -46.70
C GLU D 91 -29.84 -0.83 -46.25
N LEU D 92 -29.70 -1.35 -45.04
CA LEU D 92 -28.40 -1.68 -44.49
C LEU D 92 -28.50 -2.91 -43.61
N GLU D 93 -27.62 -3.87 -43.87
CA GLU D 93 -27.59 -5.09 -43.09
C GLU D 93 -26.63 -4.89 -41.94
N VAL D 94 -26.97 -5.46 -40.80
CA VAL D 94 -26.07 -5.35 -39.69
C VAL D 94 -26.18 -6.47 -38.68
N GLU D 95 -25.02 -6.99 -38.32
CA GLU D 95 -24.91 -8.06 -37.35
C GLU D 95 -24.39 -7.41 -36.07
N LEU D 96 -25.27 -7.22 -35.10
CA LEU D 96 -24.86 -6.65 -33.83
C LEU D 96 -24.19 -7.76 -33.06
N THR D 97 -22.89 -7.63 -32.82
CA THR D 97 -22.18 -8.67 -32.11
C THR D 97 -21.48 -8.11 -30.90
N PRO D 98 -21.52 -8.84 -29.77
CA PRO D 98 -20.86 -8.39 -28.54
C PRO D 98 -19.43 -7.92 -28.84
N GLN D 99 -19.03 -6.80 -28.26
CA GLN D 99 -17.73 -6.22 -28.48
C GLN D 99 -16.58 -7.18 -28.19
N GLY D 100 -16.67 -7.86 -27.05
CA GLY D 100 -15.62 -8.79 -26.69
C GLY D 100 -15.58 -9.99 -27.63
N THR D 101 -16.74 -10.38 -28.13
CA THR D 101 -16.82 -11.51 -29.03
C THR D 101 -16.27 -11.10 -30.39
N LEU D 102 -16.55 -9.86 -30.77
CA LEU D 102 -16.09 -9.32 -32.03
C LEU D 102 -14.56 -9.31 -31.99
N ALA D 103 -14.00 -8.78 -30.92
CA ALA D 103 -12.55 -8.71 -30.78
C ALA D 103 -11.92 -10.09 -30.83
N GLU D 104 -12.50 -11.04 -30.10
CA GLU D 104 -11.97 -12.40 -30.05
C GLU D 104 -12.17 -13.18 -31.34
N ARG D 105 -13.26 -12.91 -32.06
CA ARG D 105 -13.49 -13.64 -33.31
C ARG D 105 -12.44 -13.17 -34.32
N ILE D 106 -12.07 -11.90 -34.22
CA ILE D 106 -11.07 -11.33 -35.12
C ILE D 106 -9.70 -11.89 -34.75
N ARG D 107 -9.37 -11.89 -33.47
CA ARG D 107 -8.09 -12.45 -33.09
C ARG D 107 -8.01 -13.90 -33.60
N ALA D 108 -9.07 -14.68 -33.36
CA ALA D 108 -9.11 -16.07 -33.80
C ALA D 108 -8.85 -16.17 -35.29
N GLY D 109 -9.42 -15.24 -36.05
CA GLY D 109 -9.25 -15.24 -37.49
C GLY D 109 -7.80 -15.04 -37.89
N GLY D 110 -7.02 -14.39 -37.02
CA GLY D 110 -5.62 -14.18 -37.32
C GLY D 110 -4.73 -15.25 -36.68
N ALA D 111 -5.27 -15.98 -35.70
CA ALA D 111 -4.49 -16.97 -34.98
C ALA D 111 -4.66 -18.42 -35.43
N GLY D 112 -5.41 -18.63 -36.51
CA GLY D 112 -5.63 -19.99 -36.98
C GLY D 112 -6.69 -20.75 -36.20
N VAL D 113 -7.48 -20.05 -35.41
CA VAL D 113 -8.54 -20.68 -34.61
C VAL D 113 -9.87 -20.40 -35.32
N PRO D 114 -10.49 -21.44 -35.87
CA PRO D 114 -11.77 -21.25 -36.58
C PRO D 114 -12.97 -20.98 -35.67
N ALA D 115 -12.93 -21.51 -34.45
CA ALA D 115 -14.04 -21.30 -33.52
C ALA D 115 -13.64 -21.52 -32.08
N PHE D 116 -14.38 -20.88 -31.17
CA PHE D 116 -14.09 -21.00 -29.74
C PHE D 116 -15.39 -20.78 -28.96
N TYR D 117 -15.32 -21.01 -27.66
CA TYR D 117 -16.49 -20.83 -26.79
C TYR D 117 -16.35 -19.62 -25.88
N THR D 118 -17.47 -18.98 -25.60
CA THR D 118 -17.52 -17.81 -24.71
C THR D 118 -18.89 -17.82 -24.06
N SER D 119 -19.01 -17.25 -22.87
CA SER D 119 -20.31 -17.22 -22.22
C SER D 119 -21.08 -15.96 -22.61
N THR D 120 -20.36 -15.00 -23.19
CA THR D 120 -20.99 -13.76 -23.64
C THR D 120 -22.13 -14.07 -24.61
N GLY D 121 -23.29 -13.49 -24.34
CA GLY D 121 -24.42 -13.71 -25.22
C GLY D 121 -25.28 -14.93 -24.91
N TYR D 122 -24.92 -15.68 -23.88
CA TYR D 122 -25.71 -16.85 -23.51
C TYR D 122 -27.08 -16.44 -22.94
N GLY D 123 -28.14 -17.09 -23.43
CA GLY D 123 -29.48 -16.77 -22.95
C GLY D 123 -29.90 -15.42 -23.49
N THR D 124 -29.36 -15.10 -24.65
CA THR D 124 -29.59 -13.82 -25.31
C THR D 124 -29.93 -14.06 -26.78
N LEU D 125 -30.43 -13.04 -27.46
CA LEU D 125 -30.76 -13.21 -28.87
C LEU D 125 -29.51 -13.60 -29.67
N VAL D 126 -28.35 -13.29 -29.13
CA VAL D 126 -27.10 -13.63 -29.79
C VAL D 126 -27.04 -15.15 -29.90
N GLN D 127 -27.31 -15.82 -28.78
CA GLN D 127 -27.29 -17.27 -28.71
C GLN D 127 -28.50 -17.95 -29.37
N GLU D 128 -29.70 -17.43 -29.05
CA GLU D 128 -30.97 -17.97 -29.57
C GLU D 128 -31.22 -17.60 -31.02
N GLY D 129 -30.53 -16.59 -31.51
CA GLY D 129 -30.77 -16.17 -32.88
C GLY D 129 -32.01 -15.29 -32.85
N GLY D 130 -32.41 -14.76 -33.99
CA GLY D 130 -33.58 -13.92 -34.00
C GLY D 130 -33.21 -12.44 -33.94
N SER D 131 -31.94 -12.14 -33.80
CA SER D 131 -31.51 -10.75 -33.77
C SER D 131 -31.66 -10.25 -35.19
N PRO D 132 -32.26 -9.06 -35.36
CA PRO D 132 -32.47 -8.48 -36.69
C PRO D 132 -31.22 -8.07 -37.46
N ILE D 133 -31.00 -8.68 -38.61
CA ILE D 133 -29.87 -8.32 -39.44
C ILE D 133 -30.35 -7.38 -40.52
N LYS D 134 -31.51 -7.69 -41.09
CA LYS D 134 -32.07 -6.83 -42.12
C LYS D 134 -33.58 -6.70 -41.95
N TYR D 135 -34.07 -5.46 -41.99
CA TYR D 135 -35.49 -5.18 -41.84
C TYR D 135 -36.12 -4.93 -43.20
N ASN D 136 -37.43 -4.70 -43.17
CA ASN D 136 -38.23 -4.39 -44.35
C ASN D 136 -38.84 -3.04 -43.99
N LYS D 137 -39.26 -2.26 -44.98
CA LYS D 137 -39.89 -0.99 -44.66
C LYS D 137 -41.29 -1.39 -44.25
N ASP D 138 -41.55 -1.32 -42.95
CA ASP D 138 -42.85 -1.68 -42.34
C ASP D 138 -42.55 -2.24 -40.95
N GLY D 139 -41.28 -2.51 -40.67
CA GLY D 139 -40.87 -3.02 -39.38
C GLY D 139 -40.56 -4.50 -39.33
N SER D 140 -41.11 -5.27 -40.26
CA SER D 140 -40.87 -6.71 -40.26
C SER D 140 -39.39 -7.00 -40.48
N ILE D 141 -38.99 -8.24 -40.16
CA ILE D 141 -37.61 -8.68 -40.31
C ILE D 141 -37.38 -9.48 -41.58
N ALA D 142 -36.47 -9.00 -42.42
CA ALA D 142 -36.14 -9.65 -43.68
C ALA D 142 -35.07 -10.73 -43.49
N ILE D 143 -34.12 -10.46 -42.59
CA ILE D 143 -33.06 -11.42 -42.31
C ILE D 143 -32.79 -11.42 -40.80
N ALA D 144 -32.81 -12.60 -40.21
CA ALA D 144 -32.56 -12.71 -38.77
C ALA D 144 -31.30 -13.54 -38.51
N SER D 145 -30.68 -13.31 -37.36
CA SER D 145 -29.47 -14.05 -37.03
C SER D 145 -29.76 -15.51 -36.75
N LYS D 146 -28.77 -16.35 -37.05
CA LYS D 146 -28.87 -17.77 -36.79
C LYS D 146 -28.44 -18.02 -35.35
N PRO D 147 -28.96 -19.08 -34.72
CA PRO D 147 -28.60 -19.39 -33.34
C PRO D 147 -27.12 -19.71 -33.19
N ARG D 148 -26.65 -19.70 -31.94
CA ARG D 148 -25.28 -20.05 -31.64
C ARG D 148 -25.34 -21.34 -30.83
N GLU D 149 -24.54 -22.33 -31.23
CA GLU D 149 -24.50 -23.60 -30.53
C GLU D 149 -24.14 -23.39 -29.08
N VAL D 150 -24.80 -24.15 -28.21
CA VAL D 150 -24.53 -24.04 -26.77
C VAL D 150 -23.85 -25.30 -26.29
N ARG D 151 -22.95 -25.14 -25.34
CA ARG D 151 -22.23 -26.26 -24.77
C ARG D 151 -21.83 -25.96 -23.34
N GLU D 152 -21.85 -27.00 -22.51
CA GLU D 152 -21.50 -26.84 -21.12
C GLU D 152 -20.04 -27.22 -20.84
N PHE D 153 -19.41 -26.45 -19.97
CA PHE D 153 -18.03 -26.70 -19.60
C PHE D 153 -17.90 -26.40 -18.12
N ASN D 154 -17.45 -27.38 -17.34
CA ASN D 154 -17.28 -27.19 -15.91
C ASN D 154 -18.55 -26.58 -15.30
N GLY D 155 -19.70 -27.14 -15.64
CA GLY D 155 -20.95 -26.65 -15.10
C GLY D 155 -21.46 -25.30 -15.56
N GLN D 156 -20.85 -24.73 -16.60
CA GLN D 156 -21.33 -23.43 -17.09
C GLN D 156 -21.63 -23.51 -18.58
N HIS D 157 -22.60 -22.73 -19.03
CA HIS D 157 -22.97 -22.72 -20.45
C HIS D 157 -22.21 -21.65 -21.25
N PHE D 158 -21.75 -22.03 -22.43
CA PHE D 158 -21.03 -21.14 -23.33
C PHE D 158 -21.59 -21.36 -24.73
N ILE D 159 -21.39 -20.37 -25.60
CA ILE D 159 -21.85 -20.49 -26.98
C ILE D 159 -20.64 -20.51 -27.92
N LEU D 160 -20.82 -21.15 -29.07
CA LEU D 160 -19.75 -21.26 -30.06
C LEU D 160 -19.76 -20.12 -31.07
N GLU D 161 -18.62 -19.45 -31.20
CA GLU D 161 -18.47 -18.33 -32.13
C GLU D 161 -17.37 -18.65 -33.13
N GLU D 162 -17.56 -18.22 -34.37
CA GLU D 162 -16.58 -18.49 -35.40
C GLU D 162 -15.66 -17.32 -35.68
N ALA D 163 -14.47 -17.65 -36.17
CA ALA D 163 -13.48 -16.64 -36.49
C ALA D 163 -13.99 -15.68 -37.56
N ILE D 164 -13.46 -14.47 -37.52
CA ILE D 164 -13.79 -13.46 -38.50
C ILE D 164 -12.49 -13.11 -39.20
N ARG D 165 -12.52 -13.09 -40.53
CA ARG D 165 -11.37 -12.73 -41.34
C ARG D 165 -11.85 -11.81 -42.45
N GLY D 166 -10.96 -10.93 -42.93
CA GLY D 166 -11.35 -10.03 -44.00
C GLY D 166 -10.45 -10.18 -45.21
N ASP D 167 -10.89 -9.63 -46.32
CA ASP D 167 -10.07 -9.67 -47.52
C ASP D 167 -9.03 -8.59 -47.30
N PHE D 168 -9.45 -7.50 -46.65
CA PHE D 168 -8.58 -6.38 -46.35
C PHE D 168 -8.86 -5.87 -44.94
N ALA D 169 -7.90 -5.12 -44.41
CA ALA D 169 -8.01 -4.49 -43.11
C ALA D 169 -7.42 -3.10 -43.28
N LEU D 170 -8.15 -2.11 -42.80
CA LEU D 170 -7.69 -0.73 -42.88
C LEU D 170 -7.39 -0.40 -41.44
N VAL D 171 -6.11 -0.22 -41.15
CA VAL D 171 -5.65 0.03 -39.80
C VAL D 171 -4.99 1.36 -39.61
N LYS D 172 -5.25 1.97 -38.46
CA LYS D 172 -4.67 3.25 -38.11
C LYS D 172 -3.64 2.98 -37.01
N ALA D 173 -2.44 3.52 -37.18
CA ALA D 173 -1.41 3.33 -36.17
C ALA D 173 -0.68 4.65 -35.93
N TRP D 174 0.21 4.67 -34.94
CA TRP D 174 0.95 5.88 -34.60
C TRP D 174 2.23 6.04 -35.42
N LYS D 175 3.15 5.11 -35.25
CA LYS D 175 4.41 5.14 -35.95
C LYS D 175 4.76 3.81 -36.57
N ALA D 176 5.59 3.89 -37.60
CA ALA D 176 6.11 2.71 -38.27
C ALA D 176 7.60 2.99 -38.46
N ASP D 177 8.44 1.96 -38.34
CA ASP D 177 9.84 2.17 -38.57
C ASP D 177 10.00 1.80 -40.05
N GLN D 178 11.20 1.94 -40.58
CA GLN D 178 11.42 1.63 -41.99
C GLN D 178 11.34 0.15 -42.31
N ALA D 179 11.29 -0.70 -41.29
CA ALA D 179 11.20 -2.15 -41.53
C ALA D 179 9.74 -2.55 -41.69
N GLY D 180 8.84 -1.73 -41.13
CA GLY D 180 7.43 -2.02 -41.21
C GLY D 180 6.78 -2.28 -39.85
N ASN D 181 7.58 -2.25 -38.79
CA ASN D 181 7.01 -2.49 -37.47
C ASN D 181 6.19 -1.27 -37.08
N VAL D 182 5.10 -1.47 -36.34
CA VAL D 182 4.28 -0.32 -35.95
C VAL D 182 3.88 -0.30 -34.48
N THR D 183 3.59 0.90 -34.00
CA THR D 183 3.17 1.12 -32.63
C THR D 183 1.88 1.93 -32.62
N PHE D 184 1.16 1.89 -31.51
CA PHE D 184 -0.09 2.62 -31.38
C PHE D 184 0.00 3.52 -30.17
N ARG D 185 -0.65 4.67 -30.27
CA ARG D 185 -0.63 5.66 -29.20
C ARG D 185 -1.87 5.57 -28.29
N LYS D 186 -1.62 5.46 -26.99
CA LYS D 186 -2.68 5.39 -26.01
C LYS D 186 -3.83 4.43 -26.35
N SER D 187 -5.07 4.89 -26.18
CA SER D 187 -6.23 4.02 -26.45
C SER D 187 -6.66 3.95 -27.92
N ALA D 188 -5.90 4.57 -28.82
CA ALA D 188 -6.21 4.56 -30.25
C ALA D 188 -5.91 3.17 -30.85
N ARG D 189 -5.44 2.28 -29.99
CA ARG D 189 -5.07 0.90 -30.31
C ARG D 189 -6.31 0.01 -30.58
N ASN D 190 -7.13 -0.15 -29.54
CA ASN D 190 -8.36 -0.92 -29.61
C ASN D 190 -8.42 -2.08 -30.63
N PHE D 191 -9.20 -1.94 -31.69
CA PHE D 191 -9.33 -3.01 -32.69
C PHE D 191 -8.26 -3.04 -33.77
N ASN D 192 -7.49 -1.96 -33.88
CA ASN D 192 -6.45 -1.90 -34.91
C ASN D 192 -5.44 -3.04 -34.79
N LEU D 193 -5.00 -3.31 -33.58
CA LEU D 193 -4.01 -4.34 -33.35
C LEU D 193 -4.48 -5.73 -33.83
N PRO D 194 -5.60 -6.25 -33.30
CA PRO D 194 -6.02 -7.59 -33.78
C PRO D 194 -6.46 -7.62 -35.26
N MET D 195 -7.08 -6.56 -35.74
CA MET D 195 -7.52 -6.55 -37.14
C MET D 195 -6.33 -6.67 -38.08
N CYS D 196 -5.20 -6.17 -37.62
CA CYS D 196 -3.97 -6.20 -38.38
C CYS D 196 -3.52 -7.64 -38.66
N LYS D 197 -4.06 -8.60 -37.92
CA LYS D 197 -3.64 -9.99 -38.08
C LYS D 197 -4.67 -10.88 -38.75
N ALA D 198 -5.86 -10.34 -39.03
CA ALA D 198 -6.92 -11.19 -39.59
C ALA D 198 -7.42 -10.94 -41.01
N ALA D 199 -6.57 -10.43 -41.88
CA ALA D 199 -6.98 -10.19 -43.25
C ALA D 199 -5.92 -10.62 -44.24
N GLU D 200 -6.37 -10.99 -45.44
CA GLU D 200 -5.46 -11.40 -46.51
C GLU D 200 -4.47 -10.26 -46.79
N THR D 201 -4.97 -9.03 -46.83
CA THR D 201 -4.12 -7.87 -47.09
C THR D 201 -4.36 -6.76 -46.08
N THR D 202 -3.36 -6.46 -45.26
CA THR D 202 -3.53 -5.41 -44.29
C THR D 202 -2.89 -4.11 -44.77
N VAL D 203 -3.61 -3.01 -44.59
CA VAL D 203 -3.14 -1.69 -44.99
C VAL D 203 -3.13 -0.83 -43.72
N VAL D 204 -1.95 -0.36 -43.35
CA VAL D 204 -1.79 0.46 -42.16
C VAL D 204 -1.40 1.88 -42.54
N GLU D 205 -2.02 2.85 -41.88
CA GLU D 205 -1.68 4.24 -42.12
C GLU D 205 -1.11 4.76 -40.81
N VAL D 206 -0.01 5.49 -40.89
CA VAL D 206 0.60 6.03 -39.68
C VAL D 206 0.82 7.52 -39.79
N GLU D 207 0.95 8.17 -38.64
CA GLU D 207 1.18 9.59 -38.57
C GLU D 207 2.64 9.92 -38.81
N GLU D 208 3.52 8.98 -38.49
CA GLU D 208 4.94 9.20 -38.68
C GLU D 208 5.75 7.93 -38.95
N ILE D 209 6.75 8.06 -39.81
CA ILE D 209 7.63 6.96 -40.18
C ILE D 209 9.01 7.26 -39.61
N VAL D 210 9.49 6.40 -38.73
CA VAL D 210 10.80 6.59 -38.11
C VAL D 210 11.82 5.57 -38.60
N ASP D 211 13.06 5.72 -38.14
CA ASP D 211 14.11 4.80 -38.55
C ASP D 211 14.12 3.50 -37.77
N ILE D 212 14.58 2.44 -38.41
CA ILE D 212 14.69 1.15 -37.77
C ILE D 212 15.62 1.45 -36.60
N GLY D 213 15.26 0.97 -35.41
CA GLY D 213 16.09 1.22 -34.24
C GLY D 213 15.42 2.20 -33.30
N SER D 214 14.41 2.91 -33.80
CA SER D 214 13.69 3.86 -32.95
C SER D 214 12.88 3.10 -31.90
N PHE D 215 12.49 1.87 -32.22
CA PHE D 215 11.70 1.08 -31.28
C PHE D 215 12.53 0.04 -30.54
N ALA D 216 12.20 -0.15 -29.28
CA ALA D 216 12.85 -1.20 -28.50
C ALA D 216 12.17 -2.44 -29.11
N PRO D 217 12.96 -3.51 -29.38
CA PRO D 217 12.38 -4.74 -29.96
C PRO D 217 11.21 -5.31 -29.15
N GLU D 218 11.27 -5.17 -27.81
CA GLU D 218 10.22 -5.65 -26.91
C GLU D 218 8.95 -4.82 -26.99
N ASP D 219 9.05 -3.61 -27.51
CA ASP D 219 7.89 -2.72 -27.56
C ASP D 219 7.25 -2.46 -28.91
N ILE D 220 7.37 -3.41 -29.81
CA ILE D 220 6.76 -3.28 -31.11
C ILE D 220 5.38 -3.90 -30.96
N HIS D 221 4.34 -3.07 -31.01
CA HIS D 221 2.97 -3.55 -30.87
C HIS D 221 2.55 -4.49 -32.00
N ILE D 222 2.91 -4.14 -33.23
CA ILE D 222 2.61 -4.97 -34.38
C ILE D 222 3.87 -5.24 -35.21
N PRO D 223 4.40 -6.47 -35.13
CA PRO D 223 5.61 -6.85 -35.88
C PRO D 223 5.32 -6.71 -37.38
N LYS D 224 6.34 -6.28 -38.14
CA LYS D 224 6.23 -6.08 -39.59
C LYS D 224 5.57 -7.22 -40.37
N ILE D 225 5.70 -8.46 -39.88
CA ILE D 225 5.10 -9.59 -40.56
C ILE D 225 3.58 -9.44 -40.81
N TYR D 226 2.91 -8.63 -40.00
CA TYR D 226 1.48 -8.43 -40.15
C TYR D 226 1.14 -7.22 -41.02
N VAL D 227 2.13 -6.36 -41.28
CA VAL D 227 1.91 -5.16 -42.06
C VAL D 227 2.28 -5.36 -43.52
N HIS D 228 1.28 -5.61 -44.37
CA HIS D 228 1.51 -5.83 -45.80
C HIS D 228 1.74 -4.54 -46.60
N ARG D 229 0.92 -3.52 -46.33
CA ARG D 229 1.05 -2.25 -47.01
C ARG D 229 1.04 -1.18 -45.96
N LEU D 230 1.93 -0.20 -46.12
CA LEU D 230 2.05 0.90 -45.18
C LEU D 230 2.00 2.22 -45.91
N VAL D 231 1.31 3.19 -45.32
CA VAL D 231 1.20 4.51 -45.90
C VAL D 231 1.21 5.56 -44.81
N LYS D 232 1.86 6.69 -45.07
CA LYS D 232 1.90 7.78 -44.09
C LYS D 232 0.69 8.65 -44.41
N GLY D 233 -0.21 8.79 -43.43
CA GLY D 233 -1.40 9.59 -43.65
C GLY D 233 -1.13 11.03 -44.02
N GLU D 234 -1.81 11.51 -45.06
CA GLU D 234 -1.64 12.89 -45.51
C GLU D 234 -2.06 13.90 -44.48
N LYS D 235 -3.29 13.77 -44.00
CA LYS D 235 -3.79 14.70 -43.00
C LYS D 235 -4.47 13.95 -41.87
N TYR D 236 -4.54 14.59 -40.72
CA TYR D 236 -5.17 13.99 -39.56
C TYR D 236 -5.99 14.99 -38.77
N GLU D 237 -7.30 14.81 -38.81
CA GLU D 237 -8.21 15.65 -38.07
C GLU D 237 -8.37 14.96 -36.72
N LYS D 238 -7.78 15.55 -35.69
CA LYS D 238 -7.88 14.97 -34.35
C LYS D 238 -9.29 15.20 -33.83
N ARG D 239 -10.28 14.66 -34.54
CA ARG D 239 -11.67 14.84 -34.17
C ARG D 239 -12.06 14.20 -32.85
N ILE D 240 -12.84 14.94 -32.08
CA ILE D 240 -13.34 14.50 -30.78
C ILE D 240 -14.84 14.33 -30.94
N GLU D 241 -15.39 13.24 -30.40
CA GLU D 241 -16.82 13.02 -30.49
C GLU D 241 -17.51 13.73 -29.32
N ARG D 242 -16.98 13.50 -28.12
CA ARG D 242 -17.54 14.10 -26.92
C ARG D 242 -16.46 14.75 -26.05
N LEU D 243 -16.31 16.07 -26.17
CA LEU D 243 -15.33 16.80 -25.40
C LEU D 243 -15.76 16.93 -23.94
N ASN D 261 -31.45 15.80 -6.38
CA ASN D 261 -31.77 15.11 -7.61
C ASN D 261 -31.98 13.63 -7.42
N VAL D 262 -32.77 13.03 -8.31
CA VAL D 262 -33.03 11.61 -8.27
C VAL D 262 -31.74 10.92 -8.70
N ARG D 263 -31.14 11.45 -9.77
CA ARG D 263 -29.90 10.91 -10.30
C ARG D 263 -28.79 10.99 -9.25
N GLU D 264 -28.77 12.07 -8.49
CA GLU D 264 -27.74 12.27 -7.47
C GLU D 264 -27.78 11.24 -6.34
N ARG D 265 -28.98 10.85 -5.92
CA ARG D 265 -29.09 9.86 -4.85
C ARG D 265 -28.43 8.56 -5.29
N ILE D 266 -28.84 8.07 -6.45
CA ILE D 266 -28.31 6.81 -6.97
C ILE D 266 -26.79 6.87 -7.09
N ILE D 267 -26.28 7.98 -7.59
CA ILE D 267 -24.85 8.16 -7.76
C ILE D 267 -24.09 8.08 -6.43
N LYS D 268 -24.57 8.84 -5.46
CA LYS D 268 -23.95 8.87 -4.14
C LYS D 268 -24.00 7.52 -3.44
N ARG D 269 -24.99 6.69 -3.80
CA ARG D 269 -25.10 5.35 -3.21
C ARG D 269 -24.23 4.33 -3.94
N ALA D 270 -24.18 4.45 -5.27
CA ALA D 270 -23.39 3.57 -6.09
C ALA D 270 -21.92 3.74 -5.73
N ALA D 271 -21.56 4.95 -5.32
CA ALA D 271 -20.18 5.26 -4.96
C ALA D 271 -19.71 4.42 -3.77
N LEU D 272 -20.66 3.95 -2.97
CA LEU D 272 -20.30 3.15 -1.81
C LEU D 272 -20.02 1.69 -2.14
N GLU D 273 -20.06 1.35 -3.41
CA GLU D 273 -19.78 -0.03 -3.82
C GLU D 273 -18.29 -0.32 -4.03
N PHE D 274 -17.42 0.66 -3.81
CA PHE D 274 -15.96 0.52 -3.99
C PHE D 274 -15.14 0.03 -2.80
N GLU D 275 -13.98 -0.56 -3.09
CA GLU D 275 -13.08 -1.07 -2.07
C GLU D 275 -11.63 -0.83 -2.45
N ASP D 276 -10.77 -0.65 -1.45
CA ASP D 276 -9.35 -0.40 -1.69
C ASP D 276 -8.74 -1.57 -2.46
N GLY D 277 -7.95 -1.25 -3.49
CA GLY D 277 -7.30 -2.27 -4.28
C GLY D 277 -8.25 -3.00 -5.21
N MET D 278 -9.42 -2.43 -5.42
CA MET D 278 -10.42 -3.03 -6.29
C MET D 278 -10.26 -2.64 -7.77
N TYR D 279 -10.51 -3.59 -8.66
CA TYR D 279 -10.45 -3.34 -10.09
C TYR D 279 -11.90 -3.30 -10.57
N ALA D 280 -12.32 -2.17 -11.14
CA ALA D 280 -13.69 -2.05 -11.60
C ALA D 280 -13.87 -1.41 -12.95
N ASN D 281 -14.98 -1.75 -13.59
CA ASN D 281 -15.34 -1.17 -14.87
C ASN D 281 -16.66 -0.45 -14.63
N LEU D 282 -16.70 0.84 -14.92
CA LEU D 282 -17.89 1.65 -14.67
C LEU D 282 -18.50 2.18 -15.94
N GLY D 283 -19.80 2.02 -16.08
CA GLY D 283 -20.50 2.53 -17.25
C GLY D 283 -20.72 4.02 -17.04
N ILE D 284 -20.80 4.76 -18.14
CA ILE D 284 -21.01 6.21 -18.03
C ILE D 284 -22.39 6.50 -17.46
N GLY D 285 -22.46 7.52 -16.61
CA GLY D 285 -23.72 7.87 -15.98
C GLY D 285 -23.47 7.82 -14.49
N ILE D 286 -24.45 7.37 -13.73
CA ILE D 286 -24.27 7.29 -12.29
C ILE D 286 -23.08 6.43 -11.86
N PRO D 287 -22.81 5.31 -12.56
CA PRO D 287 -21.68 4.47 -12.16
C PRO D 287 -20.38 5.27 -12.11
N LEU D 288 -20.07 5.88 -13.24
CA LEU D 288 -18.86 6.70 -13.38
C LEU D 288 -18.84 7.89 -12.43
N LEU D 289 -19.97 8.58 -12.31
CA LEU D 289 -20.08 9.71 -11.41
C LEU D 289 -19.78 9.30 -9.97
N ALA D 290 -20.12 8.06 -9.63
CA ALA D 290 -19.89 7.56 -8.28
C ALA D 290 -18.41 7.55 -7.91
N SER D 291 -17.55 7.35 -8.90
CA SER D 291 -16.11 7.29 -8.66
C SER D 291 -15.57 8.60 -8.08
N ASN D 292 -16.31 9.69 -8.26
CA ASN D 292 -15.90 10.98 -7.74
C ASN D 292 -15.98 11.04 -6.22
N PHE D 293 -16.72 10.11 -5.63
CA PHE D 293 -16.88 10.08 -4.17
C PHE D 293 -16.05 8.99 -3.53
N ILE D 294 -14.89 8.71 -4.13
CA ILE D 294 -13.99 7.68 -3.61
C ILE D 294 -12.96 8.29 -2.68
N SER D 295 -12.94 7.79 -1.43
CA SER D 295 -11.99 8.28 -0.42
C SER D 295 -10.58 8.35 -0.99
N PRO D 296 -9.93 9.51 -0.88
CA PRO D 296 -8.56 9.66 -1.38
C PRO D 296 -7.62 8.64 -0.76
N ASN D 297 -8.03 8.06 0.36
CA ASN D 297 -7.21 7.06 1.02
C ASN D 297 -7.44 5.70 0.40
N MET D 298 -8.55 5.58 -0.32
CA MET D 298 -8.92 4.34 -0.99
C MET D 298 -8.40 4.31 -2.43
N THR D 299 -7.84 3.17 -2.84
CA THR D 299 -7.30 3.03 -4.19
C THR D 299 -8.19 2.13 -5.04
N VAL D 300 -8.75 2.71 -6.11
CA VAL D 300 -9.62 1.96 -7.01
C VAL D 300 -9.11 2.06 -8.45
N HIS D 301 -8.90 0.92 -9.08
CA HIS D 301 -8.39 0.91 -10.45
C HIS D 301 -9.51 0.74 -11.48
N LEU D 302 -9.76 1.80 -12.23
CA LEU D 302 -10.81 1.79 -13.25
C LEU D 302 -10.35 1.26 -14.60
N GLN D 303 -11.05 0.27 -15.11
CA GLN D 303 -10.75 -0.34 -16.39
C GLN D 303 -11.75 0.15 -17.44
N SER D 304 -11.26 0.39 -18.64
CA SER D 304 -12.11 0.84 -19.74
C SER D 304 -12.01 -0.21 -20.86
N GLU D 305 -13.16 -0.71 -21.30
CA GLU D 305 -13.20 -1.74 -22.31
C GLU D 305 -12.47 -1.43 -23.63
N ASN D 306 -12.26 -0.16 -23.94
CA ASN D 306 -11.54 0.17 -25.19
C ASN D 306 -10.01 0.03 -25.03
N GLY D 307 -9.57 -0.48 -23.87
CA GLY D 307 -8.17 -0.73 -23.65
C GLY D 307 -7.40 0.14 -22.67
N ILE D 308 -8.00 0.47 -21.54
CA ILE D 308 -7.30 1.29 -20.57
C ILE D 308 -7.41 0.76 -19.14
N LEU D 309 -6.33 0.82 -18.39
CA LEU D 309 -6.34 0.44 -16.99
C LEU D 309 -5.76 1.63 -16.22
N GLY D 310 -6.56 2.20 -15.32
CA GLY D 310 -6.11 3.34 -14.55
C GLY D 310 -6.67 4.66 -15.06
N LEU D 311 -7.94 4.68 -15.44
CA LEU D 311 -8.58 5.90 -15.94
C LEU D 311 -8.54 7.02 -14.90
N GLY D 312 -8.31 8.24 -15.40
CA GLY D 312 -8.24 9.38 -14.52
C GLY D 312 -9.40 10.34 -14.78
N PRO D 313 -9.37 11.55 -14.19
CA PRO D 313 -10.41 12.57 -14.34
C PRO D 313 -10.50 13.12 -15.76
N TYR D 314 -11.56 13.88 -16.04
CA TYR D 314 -11.70 14.48 -17.35
C TYR D 314 -10.54 15.46 -17.46
N PRO D 315 -10.01 15.66 -18.68
CA PRO D 315 -8.88 16.57 -18.86
C PRO D 315 -9.21 18.06 -18.78
N LEU D 316 -8.18 18.85 -18.54
CA LEU D 316 -8.32 20.30 -18.50
C LEU D 316 -8.28 20.61 -19.99
N GLN D 317 -8.61 21.83 -20.39
CA GLN D 317 -8.62 22.17 -21.80
C GLN D 317 -7.31 21.82 -22.51
N ASN D 318 -6.20 21.97 -21.81
CA ASN D 318 -4.86 21.69 -22.37
C ASN D 318 -4.48 20.21 -22.33
N GLU D 319 -5.18 19.41 -21.53
CA GLU D 319 -4.88 17.98 -21.42
C GLU D 319 -5.57 17.17 -22.53
N VAL D 320 -6.68 17.69 -23.03
CA VAL D 320 -7.44 17.02 -24.07
C VAL D 320 -6.61 16.31 -25.15
N ASP D 321 -6.88 15.02 -25.35
CA ASP D 321 -6.20 14.21 -26.37
C ASP D 321 -7.22 13.29 -27.06
N ALA D 322 -7.29 13.38 -28.39
CA ALA D 322 -8.22 12.56 -29.17
C ALA D 322 -7.92 11.04 -29.14
N ASP D 323 -6.68 10.67 -28.86
CA ASP D 323 -6.34 9.26 -28.80
C ASP D 323 -6.74 8.68 -27.46
N LEU D 324 -7.20 9.53 -26.53
CA LEU D 324 -7.59 9.06 -25.20
C LEU D 324 -9.03 9.38 -24.81
N ILE D 325 -9.87 8.35 -24.80
CA ILE D 325 -11.28 8.48 -24.43
C ILE D 325 -11.73 7.25 -23.64
N ASN D 326 -12.89 7.33 -22.99
CA ASN D 326 -13.40 6.19 -22.25
C ASN D 326 -14.42 5.45 -23.12
N ALA D 327 -14.94 4.34 -22.61
CA ALA D 327 -15.91 3.55 -23.37
C ALA D 327 -17.11 4.39 -23.74
N GLY D 328 -17.35 5.46 -22.99
CA GLY D 328 -18.47 6.33 -23.27
C GLY D 328 -18.17 7.31 -24.38
N LYS D 329 -16.96 7.21 -24.94
CA LYS D 329 -16.54 8.08 -26.02
C LYS D 329 -16.12 9.47 -25.52
N GLU D 330 -15.97 9.63 -24.22
CA GLU D 330 -15.59 10.91 -23.65
C GLU D 330 -14.07 11.05 -23.50
N THR D 331 -13.55 12.23 -23.78
CA THR D 331 -12.13 12.50 -23.61
C THR D 331 -11.83 12.38 -22.12
N VAL D 332 -10.76 11.69 -21.77
CA VAL D 332 -10.40 11.51 -20.38
C VAL D 332 -8.90 11.63 -20.19
N THR D 333 -8.45 11.39 -18.96
CA THR D 333 -7.02 11.42 -18.64
C THR D 333 -6.74 10.06 -18.01
N VAL D 334 -5.46 9.79 -17.76
CA VAL D 334 -5.08 8.53 -17.17
C VAL D 334 -4.16 8.84 -15.99
N LEU D 335 -4.19 8.01 -14.96
CA LEU D 335 -3.37 8.22 -13.77
C LEU D 335 -2.03 7.51 -13.85
N PRO D 336 -1.09 7.85 -12.94
CA PRO D 336 0.23 7.22 -12.93
C PRO D 336 0.09 5.71 -12.72
N GLY D 337 0.79 4.90 -13.52
CA GLY D 337 0.70 3.46 -13.36
C GLY D 337 -0.35 2.83 -14.27
N ALA D 338 -0.91 3.63 -15.16
CA ALA D 338 -1.91 3.15 -16.10
C ALA D 338 -1.24 2.38 -17.24
N SER D 339 -2.05 1.67 -18.02
CA SER D 339 -1.54 0.92 -19.15
C SER D 339 -2.58 0.85 -20.25
N TYR D 340 -2.09 0.58 -21.46
CA TYR D 340 -2.92 0.46 -22.64
C TYR D 340 -2.74 -0.92 -23.22
N PHE D 341 -3.79 -1.41 -23.88
CA PHE D 341 -3.77 -2.74 -24.47
C PHE D 341 -4.86 -2.83 -25.53
N SER D 342 -4.84 -3.89 -26.31
CA SER D 342 -5.82 -4.03 -27.37
C SER D 342 -7.22 -4.46 -26.90
N SER D 343 -8.18 -4.40 -27.83
CA SER D 343 -9.55 -4.79 -27.56
C SER D 343 -9.65 -6.25 -27.15
N ASP D 344 -8.99 -7.13 -27.90
CA ASP D 344 -9.01 -8.54 -27.57
C ASP D 344 -8.42 -8.78 -26.17
N GLU D 345 -7.37 -8.03 -25.84
CA GLU D 345 -6.76 -8.19 -24.51
C GLU D 345 -7.69 -7.63 -23.43
N SER D 346 -8.36 -6.54 -23.79
CA SER D 346 -9.30 -5.89 -22.91
C SER D 346 -10.41 -6.87 -22.49
N PHE D 347 -11.01 -7.52 -23.46
CA PHE D 347 -12.08 -8.46 -23.18
C PHE D 347 -11.63 -9.82 -22.67
N ALA D 348 -10.33 -10.11 -22.79
CA ALA D 348 -9.82 -11.37 -22.26
C ALA D 348 -9.75 -11.11 -20.76
N MET D 349 -9.48 -9.85 -20.43
CA MET D 349 -9.38 -9.37 -19.07
C MET D 349 -10.77 -9.41 -18.41
N ILE D 350 -11.77 -8.90 -19.13
CA ILE D 350 -13.15 -8.85 -18.66
C ILE D 350 -13.77 -10.25 -18.64
N ARG D 351 -13.70 -10.94 -19.77
CA ARG D 351 -14.27 -12.28 -19.89
C ARG D 351 -13.62 -13.25 -18.91
N GLY D 352 -12.34 -13.01 -18.62
CA GLY D 352 -11.61 -13.89 -17.71
C GLY D 352 -11.92 -13.63 -16.24
N GLY D 353 -12.79 -12.66 -15.98
CA GLY D 353 -13.14 -12.34 -14.61
C GLY D 353 -12.07 -11.66 -13.77
N HIS D 354 -11.19 -10.89 -14.40
CA HIS D 354 -10.14 -10.19 -13.66
C HIS D 354 -10.68 -8.87 -13.13
N VAL D 355 -11.81 -8.41 -13.66
CA VAL D 355 -12.41 -7.17 -13.17
C VAL D 355 -13.37 -7.56 -12.03
N ASN D 356 -13.22 -6.88 -10.90
CA ASN D 356 -14.02 -7.17 -9.72
C ASN D 356 -15.47 -6.74 -9.85
N LEU D 357 -15.65 -5.47 -10.19
CA LEU D 357 -16.97 -4.90 -10.30
C LEU D 357 -17.32 -4.30 -11.66
N THR D 358 -18.55 -4.55 -12.07
CA THR D 358 -19.08 -4.00 -13.32
C THR D 358 -20.34 -3.26 -12.87
N MET D 359 -20.36 -1.96 -13.09
CA MET D 359 -21.50 -1.16 -12.71
C MET D 359 -22.00 -0.51 -13.99
N LEU D 360 -23.27 -0.71 -14.29
CA LEU D 360 -23.88 -0.15 -15.48
C LEU D 360 -25.38 0.14 -15.32
N GLY D 361 -25.93 0.86 -16.28
CA GLY D 361 -27.34 1.19 -16.25
C GLY D 361 -28.15 0.09 -16.90
N ALA D 362 -29.47 0.23 -16.90
CA ALA D 362 -30.32 -0.77 -17.53
C ALA D 362 -31.74 -0.27 -17.64
N MET D 363 -32.50 -0.89 -18.53
CA MET D 363 -33.89 -0.54 -18.73
C MET D 363 -34.74 -1.48 -17.88
N GLN D 364 -34.30 -2.74 -17.77
CA GLN D 364 -35.02 -3.72 -16.98
C GLN D 364 -34.13 -4.78 -16.33
N VAL D 365 -34.56 -5.21 -15.14
CA VAL D 365 -33.88 -6.26 -14.41
C VAL D 365 -35.00 -7.17 -13.92
N SER D 366 -34.80 -8.49 -14.04
CA SER D 366 -35.80 -9.46 -13.61
C SER D 366 -35.50 -9.94 -12.20
N LYS D 367 -36.50 -10.53 -11.54
CA LYS D 367 -36.34 -10.99 -10.17
C LYS D 367 -35.11 -11.88 -9.90
N TYR D 368 -34.74 -12.71 -10.87
CA TYR D 368 -33.57 -13.56 -10.67
C TYR D 368 -32.28 -12.95 -11.23
N GLY D 369 -32.32 -11.66 -11.56
CA GLY D 369 -31.12 -11.02 -12.05
C GLY D 369 -30.88 -10.98 -13.55
N ASP D 370 -31.90 -11.20 -14.36
CA ASP D 370 -31.73 -11.09 -15.81
C ASP D 370 -31.63 -9.59 -16.01
N LEU D 371 -30.99 -9.18 -17.09
CA LEU D 371 -30.80 -7.76 -17.37
C LEU D 371 -31.07 -7.44 -18.83
N ALA D 372 -31.76 -6.34 -19.07
CA ALA D 372 -32.08 -5.91 -20.42
C ALA D 372 -31.61 -4.47 -20.59
N ASN D 373 -30.59 -4.24 -21.42
CA ASN D 373 -30.12 -2.86 -21.59
C ASN D 373 -29.55 -2.49 -22.95
N TRP D 374 -29.93 -3.20 -24.01
CA TRP D 374 -29.36 -2.86 -25.30
C TRP D 374 -30.33 -2.71 -26.46
N MET D 375 -31.57 -3.16 -26.29
CA MET D 375 -32.51 -3.07 -27.39
C MET D 375 -33.97 -2.90 -27.03
N ILE D 376 -34.66 -2.11 -27.84
CA ILE D 376 -36.10 -1.89 -27.73
C ILE D 376 -36.53 -2.07 -29.18
N PRO D 377 -37.10 -3.23 -29.50
CA PRO D 377 -37.57 -3.56 -30.85
C PRO D 377 -38.14 -2.42 -31.70
N GLY D 378 -37.52 -2.17 -32.84
CA GLY D 378 -37.98 -1.11 -33.73
C GLY D 378 -37.89 0.30 -33.21
N LYS D 379 -37.31 0.50 -32.03
CA LYS D 379 -37.17 1.82 -31.44
C LYS D 379 -35.72 2.13 -31.09
N LEU D 380 -35.09 1.24 -30.36
CA LEU D 380 -33.70 1.39 -29.94
C LEU D 380 -32.94 0.15 -30.41
N VAL D 381 -32.38 0.22 -31.62
CA VAL D 381 -31.66 -0.91 -32.21
C VAL D 381 -30.23 -0.55 -32.54
N LYS D 382 -29.54 0.04 -31.57
CA LYS D 382 -28.16 0.45 -31.79
C LYS D 382 -27.04 -0.54 -31.42
N GLY D 383 -27.35 -1.58 -30.63
CA GLY D 383 -26.34 -2.57 -30.28
C GLY D 383 -26.01 -2.72 -28.81
N MET D 384 -25.30 -3.78 -28.46
CA MET D 384 -24.92 -4.06 -27.07
C MET D 384 -23.53 -3.62 -26.63
N GLY D 385 -22.70 -3.14 -27.55
CA GLY D 385 -21.35 -2.74 -27.16
C GLY D 385 -20.70 -3.85 -26.33
N GLY D 386 -20.09 -3.51 -25.20
CA GLY D 386 -19.47 -4.52 -24.37
C GLY D 386 -20.31 -5.01 -23.18
N ALA D 387 -21.57 -4.57 -23.14
CA ALA D 387 -22.48 -4.92 -22.04
C ALA D 387 -22.60 -6.43 -21.78
N MET D 388 -22.83 -7.24 -22.81
CA MET D 388 -22.96 -8.69 -22.63
C MET D 388 -21.67 -9.36 -22.12
N ASP D 389 -20.51 -8.83 -22.53
CA ASP D 389 -19.24 -9.38 -22.08
C ASP D 389 -19.04 -8.99 -20.62
N LEU D 390 -19.36 -7.74 -20.31
CA LEU D 390 -19.19 -7.22 -18.96
C LEU D 390 -19.94 -8.00 -17.89
N VAL D 391 -21.07 -8.62 -18.24
CA VAL D 391 -21.82 -9.40 -17.26
C VAL D 391 -21.61 -10.89 -17.51
N SER D 392 -20.75 -11.22 -18.46
CA SER D 392 -20.49 -12.61 -18.83
C SER D 392 -19.67 -13.43 -17.82
N SER D 393 -19.04 -12.75 -16.87
CA SER D 393 -18.21 -13.47 -15.92
C SER D 393 -18.80 -13.70 -14.54
N ALA D 394 -18.79 -14.96 -14.13
CA ALA D 394 -19.32 -15.37 -12.84
C ALA D 394 -18.43 -14.94 -11.68
N LYS D 395 -17.29 -14.35 -11.99
CA LYS D 395 -16.40 -13.88 -10.93
C LYS D 395 -16.57 -12.38 -10.75
N THR D 396 -17.40 -11.79 -11.59
CA THR D 396 -17.60 -10.36 -11.51
C THR D 396 -18.97 -10.00 -10.94
N LYS D 397 -18.96 -9.15 -9.93
CA LYS D 397 -20.18 -8.67 -9.30
C LYS D 397 -20.77 -7.62 -10.25
N VAL D 398 -22.05 -7.75 -10.56
CA VAL D 398 -22.73 -6.81 -11.44
C VAL D 398 -23.73 -5.98 -10.64
N VAL D 399 -23.56 -4.66 -10.69
CA VAL D 399 -24.46 -3.74 -10.00
C VAL D 399 -25.14 -2.86 -11.05
N VAL D 400 -26.47 -2.83 -11.03
CA VAL D 400 -27.23 -1.99 -11.94
C VAL D 400 -27.66 -0.70 -11.24
N THR D 401 -27.47 0.42 -11.92
CA THR D 401 -27.83 1.73 -11.40
C THR D 401 -28.83 2.32 -12.38
N MET D 402 -30.06 2.55 -11.92
CA MET D 402 -31.11 3.09 -12.77
C MET D 402 -32.28 3.68 -11.96
N GLU D 403 -33.03 4.60 -12.56
CA GLU D 403 -34.18 5.18 -11.90
C GLU D 403 -35.13 4.00 -11.66
N HIS D 404 -35.92 4.06 -10.61
CA HIS D 404 -36.79 2.94 -10.27
C HIS D 404 -37.87 2.56 -11.30
N SER D 405 -38.60 3.54 -11.81
CA SER D 405 -39.65 3.24 -12.77
C SER D 405 -39.47 3.99 -14.08
N ALA D 406 -40.26 3.61 -15.07
CA ALA D 406 -40.21 4.22 -16.39
C ALA D 406 -41.29 5.28 -16.55
N LYS D 407 -41.68 5.53 -17.82
CA LYS D 407 -42.67 6.53 -18.17
C LYS D 407 -43.83 6.74 -17.20
N GLY D 408 -44.99 6.16 -17.50
CA GLY D 408 -46.14 6.32 -16.63
C GLY D 408 -46.04 5.46 -15.40
N ASN D 409 -44.92 5.57 -14.70
CA ASN D 409 -44.66 4.79 -13.51
C ASN D 409 -44.61 3.32 -13.93
N ALA D 410 -44.01 3.07 -15.10
CA ALA D 410 -43.90 1.70 -15.60
C ALA D 410 -42.81 0.94 -14.86
N HIS D 411 -43.09 -0.32 -14.58
CA HIS D 411 -42.15 -1.19 -13.87
C HIS D 411 -40.87 -1.47 -14.67
N LYS D 412 -39.73 -1.38 -14.00
CA LYS D 412 -38.43 -1.63 -14.62
C LYS D 412 -37.85 -2.89 -13.98
N ILE D 413 -38.22 -3.11 -12.74
CA ILE D 413 -37.80 -4.29 -11.99
C ILE D 413 -39.02 -5.22 -12.11
N MET D 414 -38.89 -6.33 -12.80
CA MET D 414 -40.03 -7.22 -13.00
C MET D 414 -39.71 -8.67 -12.70
N GLU D 415 -40.73 -9.51 -12.86
CA GLU D 415 -40.60 -10.94 -12.65
C GLU D 415 -39.92 -11.49 -13.89
N LYS D 416 -40.37 -10.99 -15.03
CA LYS D 416 -39.86 -11.42 -16.32
C LYS D 416 -39.56 -10.24 -17.22
N CYS D 417 -38.37 -10.27 -17.81
CA CYS D 417 -37.88 -9.22 -18.71
C CYS D 417 -38.78 -9.10 -19.94
N THR D 418 -39.14 -7.87 -20.29
CA THR D 418 -39.95 -7.65 -21.47
C THR D 418 -39.03 -7.36 -22.65
N LEU D 419 -37.93 -6.68 -22.38
CA LEU D 419 -36.97 -6.28 -23.40
C LEU D 419 -35.91 -7.33 -23.63
N PRO D 420 -35.32 -7.38 -24.84
CA PRO D 420 -34.28 -8.36 -25.18
C PRO D 420 -33.21 -8.43 -24.11
N LEU D 421 -32.81 -9.64 -23.74
CA LEU D 421 -31.83 -9.84 -22.69
C LEU D 421 -30.39 -9.48 -23.04
N THR D 422 -29.69 -8.97 -22.02
CA THR D 422 -28.30 -8.61 -22.13
C THR D 422 -27.54 -9.81 -21.60
N GLY D 423 -28.18 -10.49 -20.64
CA GLY D 423 -27.63 -11.69 -20.02
C GLY D 423 -28.62 -12.26 -19.01
N LYS D 424 -28.48 -13.55 -18.69
CA LYS D 424 -29.35 -14.22 -17.72
C LYS D 424 -28.75 -14.38 -16.33
N GLN D 425 -29.45 -13.84 -15.32
CA GLN D 425 -29.03 -13.93 -13.94
C GLN D 425 -27.63 -13.38 -13.78
N CYS D 426 -27.44 -12.12 -14.15
CA CYS D 426 -26.13 -11.47 -14.03
C CYS D 426 -26.09 -10.53 -12.84
N VAL D 427 -27.19 -9.82 -12.65
CA VAL D 427 -27.24 -8.81 -11.60
C VAL D 427 -27.22 -9.35 -10.16
N ASN D 428 -26.35 -8.76 -9.36
CA ASN D 428 -26.21 -9.16 -7.97
C ASN D 428 -26.85 -8.09 -7.10
N ARG D 429 -26.90 -6.87 -7.61
CA ARG D 429 -27.48 -5.76 -6.87
C ARG D 429 -28.04 -4.67 -7.77
N ILE D 430 -29.18 -4.12 -7.35
CA ILE D 430 -29.83 -3.06 -8.08
C ILE D 430 -29.85 -1.81 -7.19
N ILE D 431 -29.37 -0.69 -7.71
CA ILE D 431 -29.41 0.53 -6.94
C ILE D 431 -30.28 1.53 -7.67
N THR D 432 -31.25 2.07 -6.95
CA THR D 432 -32.16 3.05 -7.53
C THR D 432 -32.31 4.28 -6.65
N GLU D 433 -33.23 5.15 -7.05
CA GLU D 433 -33.54 6.39 -6.34
C GLU D 433 -34.26 6.07 -5.03
N LYS D 434 -35.18 5.12 -5.10
CA LYS D 434 -36.00 4.70 -3.98
C LYS D 434 -35.49 3.52 -3.16
N ALA D 435 -34.75 2.60 -3.79
CA ALA D 435 -34.29 1.42 -3.08
C ALA D 435 -33.00 0.76 -3.55
N VAL D 436 -32.57 -0.24 -2.79
CA VAL D 436 -31.38 -1.03 -3.08
C VAL D 436 -31.79 -2.49 -2.91
N PHE D 437 -31.74 -3.26 -3.98
CA PHE D 437 -32.10 -4.66 -3.87
C PHE D 437 -30.89 -5.57 -4.07
N ASP D 438 -30.81 -6.62 -3.28
CA ASP D 438 -29.76 -7.60 -3.46
C ASP D 438 -30.46 -8.60 -4.39
N VAL D 439 -29.72 -9.23 -5.27
CA VAL D 439 -30.36 -10.17 -6.18
C VAL D 439 -29.69 -11.54 -6.15
N ASP D 440 -30.52 -12.57 -5.94
CA ASP D 440 -30.01 -13.92 -5.88
C ASP D 440 -30.64 -14.76 -6.99
N ARG D 441 -29.77 -15.41 -7.77
CA ARG D 441 -30.22 -16.24 -8.88
C ARG D 441 -31.24 -17.29 -8.46
N LYS D 442 -31.18 -17.74 -7.21
CA LYS D 442 -32.12 -18.74 -6.73
C LYS D 442 -33.22 -18.18 -5.82
N LYS D 443 -32.85 -17.29 -4.92
CA LYS D 443 -33.82 -16.74 -3.98
C LYS D 443 -34.62 -15.54 -4.49
N GLY D 444 -34.13 -14.87 -5.53
CA GLY D 444 -34.84 -13.72 -6.07
C GLY D 444 -34.45 -12.40 -5.43
N LEU D 445 -35.35 -11.42 -5.53
CA LEU D 445 -35.12 -10.09 -5.00
C LEU D 445 -35.24 -9.96 -3.49
N THR D 446 -34.49 -9.03 -2.94
CA THR D 446 -34.53 -8.76 -1.51
C THR D 446 -34.10 -7.32 -1.23
N LEU D 447 -35.07 -6.53 -0.80
CA LEU D 447 -34.85 -5.12 -0.48
C LEU D 447 -33.97 -5.01 0.75
N ILE D 448 -32.81 -4.37 0.63
CA ILE D 448 -31.91 -4.24 1.75
C ILE D 448 -31.76 -2.82 2.22
N GLU D 449 -32.09 -1.87 1.35
CA GLU D 449 -32.01 -0.46 1.69
C GLU D 449 -33.18 0.29 1.11
N LEU D 450 -33.63 1.31 1.84
CA LEU D 450 -34.79 2.10 1.42
C LEU D 450 -34.52 3.58 1.66
N TRP D 451 -34.89 4.41 0.68
CA TRP D 451 -34.67 5.83 0.81
C TRP D 451 -35.43 6.42 2.00
N GLU D 452 -34.71 7.06 2.90
CA GLU D 452 -35.32 7.65 4.10
C GLU D 452 -36.59 8.43 3.81
N GLY D 453 -37.71 7.96 4.33
CA GLY D 453 -38.98 8.63 4.12
C GLY D 453 -39.98 7.78 3.38
N LEU D 454 -39.47 6.83 2.60
CA LEU D 454 -40.34 5.94 1.83
C LEU D 454 -40.68 4.71 2.65
N THR D 455 -41.68 3.97 2.17
CA THR D 455 -42.13 2.77 2.85
C THR D 455 -42.03 1.56 1.95
N VAL D 456 -42.07 0.38 2.53
CA VAL D 456 -41.98 -0.84 1.73
C VAL D 456 -43.17 -0.86 0.77
N ASP D 457 -44.24 -0.15 1.15
CA ASP D 457 -45.42 -0.09 0.30
C ASP D 457 -45.14 0.75 -0.93
N ASP D 458 -44.42 1.86 -0.77
CA ASP D 458 -44.07 2.70 -1.90
C ASP D 458 -43.29 1.83 -2.88
N ILE D 459 -42.31 1.11 -2.36
CA ILE D 459 -41.48 0.25 -3.20
C ILE D 459 -42.36 -0.77 -3.91
N LYS D 460 -43.20 -1.46 -3.15
CA LYS D 460 -44.08 -2.47 -3.74
C LYS D 460 -44.98 -1.89 -4.82
N LYS D 461 -45.34 -0.62 -4.68
CA LYS D 461 -46.19 0.05 -5.65
C LYS D 461 -45.44 0.28 -6.95
N SER D 462 -44.14 0.55 -6.84
CA SER D 462 -43.31 0.83 -8.00
C SER D 462 -42.58 -0.37 -8.57
N THR D 463 -42.53 -1.45 -7.81
CA THR D 463 -41.83 -2.64 -8.25
C THR D 463 -42.77 -3.65 -8.92
N GLY D 464 -42.32 -4.26 -10.00
CA GLY D 464 -43.12 -5.23 -10.71
C GLY D 464 -43.11 -6.62 -10.09
N CYS D 465 -41.98 -7.05 -9.53
CA CYS D 465 -41.88 -8.37 -8.89
C CYS D 465 -42.35 -8.22 -7.47
N ASP D 466 -42.44 -9.35 -6.80
CA ASP D 466 -42.76 -9.35 -5.40
C ASP D 466 -41.31 -9.37 -4.89
N PHE D 467 -41.11 -9.23 -3.59
CA PHE D 467 -39.75 -9.25 -3.09
C PHE D 467 -39.63 -9.43 -1.58
N ALA D 468 -38.55 -10.07 -1.17
CA ALA D 468 -38.28 -10.27 0.25
C ALA D 468 -37.75 -8.95 0.81
N VAL D 469 -37.76 -8.83 2.13
CA VAL D 469 -37.27 -7.63 2.78
C VAL D 469 -36.29 -8.03 3.87
N SER D 470 -35.13 -7.41 3.87
CA SER D 470 -34.12 -7.74 4.85
C SER D 470 -34.48 -7.28 6.24
N PRO D 471 -34.35 -8.16 7.24
CA PRO D 471 -34.66 -7.79 8.62
C PRO D 471 -33.70 -6.71 9.09
N LYS D 472 -32.66 -6.48 8.29
CA LYS D 472 -31.67 -5.47 8.60
C LYS D 472 -31.86 -4.27 7.68
N LEU D 473 -33.05 -4.16 7.10
CA LEU D 473 -33.38 -3.05 6.21
C LEU D 473 -32.96 -1.72 6.82
N ILE D 474 -32.33 -0.86 6.02
CA ILE D 474 -31.89 0.44 6.53
C ILE D 474 -32.18 1.54 5.55
N PRO D 475 -32.06 2.80 6.01
CA PRO D 475 -32.29 3.92 5.09
C PRO D 475 -31.16 3.87 4.06
N MET D 476 -31.44 4.22 2.81
CA MET D 476 -30.42 4.18 1.76
C MET D 476 -29.17 5.01 2.09
N GLN D 477 -28.00 4.39 1.96
CA GLN D 477 -26.74 5.05 2.26
C GLN D 477 -26.36 6.10 1.20
N GLN D 478 -25.54 7.08 1.63
CA GLN D 478 -25.07 8.13 0.74
C GLN D 478 -23.63 8.47 1.12
N VAL D 479 -22.81 8.78 0.12
CA VAL D 479 -21.40 9.12 0.36
C VAL D 479 -21.27 10.44 1.11
N THR D 480 -20.39 10.46 2.10
CA THR D 480 -20.14 11.66 2.89
C THR D 480 -19.57 12.75 1.96
N THR D 481 -18.33 13.17 2.22
CA THR D 481 -17.69 14.19 1.40
C THR D 481 -17.59 13.75 -0.06
HG EMC E . 11.86 1.12 9.70
C1 EMC E . 10.22 1.83 8.77
C2 EMC E . 9.63 0.75 7.97
SD EMT F . 14.37 -12.22 28.32
HG EMT F . 15.96 -11.11 29.67
C1 EMT F . 17.84 -11.17 30.36
C2 EMT F . 18.65 -11.84 29.34
CE1 EMT F . 13.15 -10.87 28.13
CD1 EMT F . 12.24 -10.61 29.15
CG1 EMT F . 11.20 -9.70 28.96
CD2 EMT F . 11.09 -9.04 27.74
CE2 EMT F . 12.00 -9.28 26.72
CZ EMT F . 13.04 -10.18 26.91
CG EMT F . 14.09 -10.35 25.81
OD2 EMT F . 13.89 -9.76 24.73
OD1 EMT F . 15.08 -11.08 26.03
HG EMC G . -20.56 5.95 35.40
C1 EMC G . -20.55 4.08 36.19
C2 EMC G . -20.51 3.12 35.09
SD EMT H . -21.44 12.01 35.16
HG EMT H . -23.82 12.19 35.28
C1 EMT H . -25.65 12.73 35.98
C2 EMT H . -26.54 11.56 35.96
CE1 EMT H . -21.39 10.87 33.76
CD1 EMT H . -20.53 11.18 32.69
CG1 EMT H . -20.40 10.30 31.61
CD2 EMT H . -21.12 9.10 31.58
CE2 EMT H . -22.00 8.79 32.63
CZ EMT H . -22.13 9.66 33.73
CG EMT H . -23.10 9.26 34.86
OD2 EMT H . -23.72 8.17 34.75
OD1 EMT H . -23.23 10.02 35.84
HG EMC I . 2.39 -35.50 -41.12
C1 EMC I . 4.40 -35.39 -41.09
C2 EMC I . 4.76 -34.04 -41.11
HG EMC J . 8.44 -42.26 -49.28
C1 EMC J . 9.78 -40.94 -48.58
C2 EMC J . 9.74 -40.98 -47.12
HG EMC K . -38.75 -10.62 -6.35
C1 EMC K . -38.24 -11.83 -4.82
C2 EMC K . -38.72 -13.17 -5.15
HG EMC L . -25.10 -12.08 -18.08
C1 EMC L . -24.71 -13.80 -17.26
C2 EMC L . -24.91 -13.62 -15.98
HG EMC M . -37.75 -12.46 -19.26
C1 EMC M . -38.70 -14.20 -18.83
C2 EMC M . -39.87 -14.33 -19.70
#